data_1WH3
#
_entry.id   1WH3
#
_entity_poly.entity_id   1
_entity_poly.type   'polypeptide(L)'
_entity_poly.pdbx_seq_one_letter_code
;GSSGSSGIQVFVKNPDGGSYAYAINPNSFILGLKQQIEDQQGLPKKQQQLEFQGQVLQDWLGLGIYGIQDSDTLILSKKK
GSGPSSG
;
_entity_poly.pdbx_strand_id   A
#
# COMPACT_ATOMS: atom_id res chain seq x y z
N GLY A 1 -13.32 -8.18 -12.43
CA GLY A 1 -11.90 -7.97 -12.63
C GLY A 1 -11.59 -6.64 -13.28
N SER A 2 -10.31 -6.29 -13.35
CA SER A 2 -9.91 -5.03 -13.95
C SER A 2 -8.60 -5.20 -14.73
N SER A 3 -8.28 -4.20 -15.54
CA SER A 3 -7.06 -4.24 -16.36
C SER A 3 -6.67 -2.84 -16.82
N GLY A 4 -5.45 -2.71 -17.34
CA GLY A 4 -4.97 -1.43 -17.80
C GLY A 4 -3.55 -1.50 -18.34
N SER A 5 -3.41 -1.25 -19.63
CA SER A 5 -2.09 -1.28 -20.27
C SER A 5 -1.09 -0.44 -19.49
N SER A 6 -1.56 0.66 -18.91
CA SER A 6 -0.71 1.56 -18.14
C SER A 6 -0.88 1.31 -16.64
N GLY A 7 0.24 1.27 -15.92
CA GLY A 7 0.19 1.05 -14.49
C GLY A 7 0.49 -0.40 -14.12
N ILE A 8 0.85 -0.61 -12.86
CA ILE A 8 1.16 -1.96 -12.37
C ILE A 8 0.09 -2.46 -11.41
N GLN A 9 -0.06 -3.78 -11.33
CA GLN A 9 -1.05 -4.39 -10.45
C GLN A 9 -0.37 -5.10 -9.28
N VAL A 10 -0.63 -4.63 -8.08
CA VAL A 10 -0.04 -5.22 -6.87
C VAL A 10 -1.11 -5.88 -6.02
N PHE A 11 -0.73 -6.95 -5.32
CA PHE A 11 -1.65 -7.67 -4.46
C PHE A 11 -1.45 -7.30 -3.00
N VAL A 12 -2.48 -6.74 -2.38
CA VAL A 12 -2.40 -6.33 -0.98
C VAL A 12 -2.97 -7.42 -0.07
N LYS A 13 -2.09 -8.19 0.55
CA LYS A 13 -2.49 -9.25 1.46
C LYS A 13 -2.82 -8.70 2.84
N ASN A 14 -4.09 -8.73 3.20
CA ASN A 14 -4.54 -8.23 4.50
C ASN A 14 -4.18 -9.22 5.61
N PRO A 15 -4.03 -8.70 6.83
CA PRO A 15 -3.69 -9.52 8.00
C PRO A 15 -4.84 -10.42 8.43
N ASP A 16 -5.93 -10.39 7.67
CA ASP A 16 -7.09 -11.22 7.96
C ASP A 16 -6.97 -12.59 7.30
N GLY A 17 -6.80 -12.59 5.98
CA GLY A 17 -6.68 -13.84 5.25
C GLY A 17 -7.11 -13.72 3.81
N GLY A 18 -6.65 -12.67 3.13
CA GLY A 18 -7.00 -12.46 1.75
C GLY A 18 -6.12 -11.43 1.07
N SER A 19 -6.34 -11.23 -0.23
CA SER A 19 -5.55 -10.26 -0.99
C SER A 19 -6.40 -9.60 -2.08
N TYR A 20 -6.17 -8.31 -2.29
CA TYR A 20 -6.91 -7.56 -3.29
C TYR A 20 -5.98 -6.89 -4.29
N ALA A 21 -6.26 -7.07 -5.58
CA ALA A 21 -5.43 -6.49 -6.63
C ALA A 21 -5.73 -5.00 -6.79
N TYR A 22 -4.74 -4.17 -6.46
CA TYR A 22 -4.89 -2.72 -6.56
C TYR A 22 -4.21 -2.20 -7.82
N ALA A 23 -4.69 -1.05 -8.30
CA ALA A 23 -4.13 -0.45 -9.51
C ALA A 23 -3.52 0.92 -9.19
N ILE A 24 -2.23 1.08 -9.49
CA ILE A 24 -1.53 2.33 -9.25
C ILE A 24 -0.31 2.46 -10.13
N ASN A 25 -0.07 3.67 -10.63
CA ASN A 25 1.08 3.92 -11.50
C ASN A 25 2.39 3.67 -10.76
N PRO A 26 3.39 3.14 -11.49
CA PRO A 26 4.70 2.84 -10.91
C PRO A 26 5.49 4.10 -10.57
N ASN A 27 5.10 5.22 -11.18
CA ASN A 27 5.78 6.49 -10.94
C ASN A 27 5.15 7.21 -9.75
N SER A 28 3.90 6.87 -9.45
CA SER A 28 3.18 7.50 -8.35
C SER A 28 3.93 7.27 -7.02
N PHE A 29 3.43 7.90 -5.97
CA PHE A 29 4.05 7.77 -4.65
C PHE A 29 3.36 6.66 -3.84
N ILE A 30 4.14 5.99 -2.99
CA ILE A 30 3.61 4.92 -2.17
C ILE A 30 2.30 5.35 -1.49
N LEU A 31 2.36 6.43 -0.73
CA LEU A 31 1.19 6.94 -0.04
C LEU A 31 -0.06 6.83 -0.90
N GLY A 32 0.08 7.20 -2.17
CA GLY A 32 -1.03 7.14 -3.10
C GLY A 32 -1.77 5.81 -3.02
N LEU A 33 -1.03 4.72 -3.04
CA LEU A 33 -1.61 3.38 -2.97
C LEU A 33 -2.35 3.18 -1.65
N LYS A 34 -1.69 3.52 -0.55
CA LYS A 34 -2.28 3.38 0.78
C LYS A 34 -3.68 4.00 0.81
N GLN A 35 -3.76 5.26 0.42
CA GLN A 35 -5.04 5.97 0.42
C GLN A 35 -6.15 5.08 -0.13
N GLN A 36 -5.91 4.50 -1.30
CA GLN A 36 -6.90 3.63 -1.94
C GLN A 36 -7.35 2.53 -0.97
N ILE A 37 -6.43 2.07 -0.13
CA ILE A 37 -6.75 1.03 0.84
C ILE A 37 -7.51 1.60 2.03
N GLU A 38 -7.33 2.89 2.28
CA GLU A 38 -8.01 3.55 3.38
C GLU A 38 -9.45 3.91 3.02
N ASP A 39 -9.67 4.14 1.73
CA ASP A 39 -11.00 4.49 1.25
C ASP A 39 -11.78 3.25 0.84
N GLN A 40 -11.06 2.17 0.55
CA GLN A 40 -11.68 0.91 0.16
C GLN A 40 -11.92 0.01 1.36
N GLN A 41 -10.91 -0.11 2.21
CA GLN A 41 -11.01 -0.95 3.41
C GLN A 41 -11.51 -0.13 4.58
N GLY A 42 -11.25 1.17 4.57
CA GLY A 42 -11.68 2.03 5.65
C GLY A 42 -10.64 2.18 6.73
N LEU A 43 -9.58 1.39 6.64
CA LEU A 43 -8.50 1.44 7.62
C LEU A 43 -7.63 2.67 7.42
N PRO A 44 -7.24 3.30 8.54
CA PRO A 44 -6.40 4.50 8.51
C PRO A 44 -4.97 4.21 8.05
N LYS A 45 -4.42 5.08 7.23
CA LYS A 45 -3.06 4.92 6.72
C LYS A 45 -2.06 4.75 7.87
N LYS A 46 -2.08 5.70 8.79
CA LYS A 46 -1.18 5.66 9.94
C LYS A 46 -1.06 4.24 10.49
N GLN A 47 -2.15 3.48 10.36
CA GLN A 47 -2.17 2.11 10.85
C GLN A 47 -1.62 1.15 9.80
N GLN A 48 -2.27 1.12 8.64
CA GLN A 48 -1.85 0.25 7.55
C GLN A 48 -0.38 0.46 7.21
N GLN A 49 0.42 -0.60 7.35
CA GLN A 49 1.84 -0.51 7.07
C GLN A 49 2.28 -1.65 6.14
N LEU A 50 2.63 -1.31 4.92
CA LEU A 50 3.06 -2.29 3.93
C LEU A 50 4.58 -2.46 3.96
N GLU A 51 5.03 -3.71 4.06
CA GLU A 51 6.45 -4.01 4.10
C GLU A 51 6.86 -4.90 2.93
N PHE A 52 8.01 -4.62 2.34
CA PHE A 52 8.51 -5.39 1.21
C PHE A 52 9.92 -5.91 1.49
N GLN A 53 10.15 -7.19 1.17
CA GLN A 53 11.46 -7.79 1.38
C GLN A 53 12.06 -7.36 2.71
N GLY A 54 11.19 -6.98 3.65
CA GLY A 54 11.64 -6.55 4.96
C GLY A 54 12.08 -5.09 4.96
N GLN A 55 11.32 -4.25 4.28
CA GLN A 55 11.64 -2.82 4.21
C GLN A 55 10.37 -1.98 4.29
N VAL A 56 10.44 -0.91 5.07
CA VAL A 56 9.30 -0.02 5.24
C VAL A 56 9.23 1.01 4.11
N LEU A 57 8.19 0.90 3.28
CA LEU A 57 8.01 1.83 2.16
C LEU A 57 7.58 3.20 2.65
N GLN A 58 8.40 4.21 2.38
CA GLN A 58 8.09 5.58 2.79
C GLN A 58 6.93 6.15 1.97
N ASP A 59 6.64 7.42 2.18
CA ASP A 59 5.56 8.09 1.46
C ASP A 59 6.11 8.92 0.30
N TRP A 60 7.30 9.49 0.51
CA TRP A 60 7.93 10.30 -0.52
C TRP A 60 8.79 9.45 -1.45
N LEU A 61 8.73 8.15 -1.26
CA LEU A 61 9.51 7.21 -2.07
C LEU A 61 8.62 6.53 -3.10
N GLY A 62 8.76 6.94 -4.37
CA GLY A 62 7.96 6.34 -5.43
C GLY A 62 8.07 4.83 -5.46
N LEU A 63 7.12 4.19 -6.12
CA LEU A 63 7.11 2.74 -6.23
C LEU A 63 8.35 2.23 -6.94
N GLY A 64 8.99 3.12 -7.71
CA GLY A 64 10.19 2.75 -8.43
C GLY A 64 11.45 2.90 -7.59
N ILE A 65 11.53 3.99 -6.84
CA ILE A 65 12.68 4.25 -5.99
C ILE A 65 13.19 2.96 -5.35
N TYR A 66 12.25 2.12 -4.93
CA TYR A 66 12.60 0.85 -4.29
C TYR A 66 12.88 -0.23 -5.34
N GLY A 67 12.02 -0.31 -6.35
CA GLY A 67 12.18 -1.29 -7.39
C GLY A 67 11.03 -2.27 -7.46
N ILE A 68 9.84 -1.80 -7.12
CA ILE A 68 8.65 -2.66 -7.13
C ILE A 68 8.17 -2.90 -8.56
N GLN A 69 7.78 -4.14 -8.84
CA GLN A 69 7.30 -4.50 -10.17
C GLN A 69 5.87 -5.03 -10.10
N ASP A 70 5.30 -5.34 -11.26
CA ASP A 70 3.94 -5.86 -11.33
C ASP A 70 3.88 -7.31 -10.87
N SER A 71 2.68 -7.77 -10.53
CA SER A 71 2.50 -9.14 -10.06
C SER A 71 3.24 -9.38 -8.76
N ASP A 72 3.45 -8.31 -8.00
CA ASP A 72 4.16 -8.41 -6.72
C ASP A 72 3.17 -8.51 -5.55
N THR A 73 3.65 -9.01 -4.43
CA THR A 73 2.81 -9.17 -3.25
C THR A 73 3.22 -8.20 -2.15
N LEU A 74 2.23 -7.65 -1.45
CA LEU A 74 2.48 -6.70 -0.38
C LEU A 74 1.80 -7.15 0.92
N ILE A 75 2.58 -7.23 1.99
CA ILE A 75 2.06 -7.64 3.29
C ILE A 75 1.50 -6.44 4.06
N LEU A 76 0.32 -6.62 4.62
CA LEU A 76 -0.33 -5.56 5.40
C LEU A 76 -0.37 -5.91 6.88
N SER A 77 0.08 -4.99 7.71
CA SER A 77 0.10 -5.20 9.16
C SER A 77 -0.23 -3.91 9.90
N LYS A 78 -1.26 -3.97 10.73
CA LYS A 78 -1.69 -2.80 11.51
C LYS A 78 -0.73 -2.54 12.66
N LYS A 79 -0.41 -1.26 12.87
CA LYS A 79 0.50 -0.87 13.94
C LYS A 79 0.01 -1.39 15.28
N LYS A 80 0.74 -2.37 15.83
CA LYS A 80 0.38 -2.95 17.12
C LYS A 80 0.52 -1.93 18.24
N GLY A 81 -0.59 -1.25 18.55
CA GLY A 81 -0.57 -0.26 19.59
C GLY A 81 -1.60 0.84 19.38
N SER A 82 -1.77 1.69 20.38
CA SER A 82 -2.74 2.79 20.29
C SER A 82 -2.42 3.88 21.30
N GLY A 83 -2.32 5.11 20.83
CA GLY A 83 -2.02 6.24 21.71
C GLY A 83 -3.26 6.83 22.34
N PRO A 84 -3.10 7.44 23.51
CA PRO A 84 -4.20 8.06 24.24
C PRO A 84 -4.72 9.31 23.55
N SER A 85 -4.04 9.73 22.49
CA SER A 85 -4.44 10.91 21.74
C SER A 85 -5.00 10.52 20.38
N SER A 86 -6.33 10.56 20.27
CA SER A 86 -7.00 10.21 19.02
C SER A 86 -7.70 11.43 18.42
N GLY A 87 -7.29 11.81 17.21
CA GLY A 87 -7.90 12.95 16.55
C GLY A 87 -8.67 12.56 15.31
N GLY A 1 -2.09 15.17 -15.62
CA GLY A 1 -2.00 13.87 -16.26
C GLY A 1 -1.01 13.86 -17.41
N SER A 2 -1.07 12.82 -18.23
CA SER A 2 -0.17 12.69 -19.37
C SER A 2 -0.76 11.77 -20.43
N SER A 3 -0.22 11.84 -21.65
CA SER A 3 -0.70 11.02 -22.75
C SER A 3 0.06 9.69 -22.81
N GLY A 4 -0.67 8.60 -22.63
CA GLY A 4 -0.05 7.29 -22.67
C GLY A 4 0.69 6.96 -21.39
N SER A 5 0.08 6.12 -20.56
CA SER A 5 0.69 5.73 -19.29
C SER A 5 -0.08 4.56 -18.67
N SER A 6 0.60 3.44 -18.49
CA SER A 6 -0.01 2.25 -17.91
C SER A 6 0.51 2.02 -16.48
N GLY A 7 -0.41 1.67 -15.58
CA GLY A 7 -0.03 1.42 -14.20
C GLY A 7 0.29 -0.03 -13.93
N ILE A 8 0.69 -0.33 -12.71
CA ILE A 8 1.02 -1.70 -12.33
C ILE A 8 -0.01 -2.27 -11.36
N GLN A 9 -0.14 -3.60 -11.37
CA GLN A 9 -1.09 -4.27 -10.49
C GLN A 9 -0.38 -4.93 -9.31
N VAL A 10 -0.70 -4.48 -8.10
CA VAL A 10 -0.09 -5.02 -6.90
C VAL A 10 -1.09 -5.86 -6.10
N PHE A 11 -0.58 -6.84 -5.38
CA PHE A 11 -1.43 -7.72 -4.57
C PHE A 11 -1.25 -7.42 -3.08
N VAL A 12 -2.24 -6.75 -2.49
CA VAL A 12 -2.18 -6.41 -1.08
C VAL A 12 -2.82 -7.51 -0.22
N LYS A 13 -1.99 -8.30 0.44
CA LYS A 13 -2.48 -9.37 1.28
C LYS A 13 -2.88 -8.84 2.66
N ASN A 14 -4.17 -8.92 2.96
CA ASN A 14 -4.68 -8.45 4.26
C ASN A 14 -4.36 -9.45 5.36
N PRO A 15 -4.22 -8.93 6.59
CA PRO A 15 -3.92 -9.77 7.76
C PRO A 15 -5.09 -10.67 8.15
N ASP A 16 -6.23 -10.46 7.51
CA ASP A 16 -7.42 -11.24 7.79
C ASP A 16 -7.35 -12.60 7.09
N GLY A 17 -6.99 -12.58 5.82
CA GLY A 17 -6.90 -13.82 5.06
C GLY A 17 -7.33 -13.64 3.61
N GLY A 18 -6.60 -12.82 2.87
CA GLY A 18 -6.93 -12.58 1.47
C GLY A 18 -6.01 -11.58 0.82
N SER A 19 -6.22 -11.34 -0.47
CA SER A 19 -5.39 -10.40 -1.22
C SER A 19 -6.19 -9.74 -2.34
N TYR A 20 -6.15 -8.41 -2.37
CA TYR A 20 -6.87 -7.64 -3.38
C TYR A 20 -5.91 -7.00 -4.37
N ALA A 21 -6.28 -6.99 -5.64
CA ALA A 21 -5.45 -6.40 -6.68
C ALA A 21 -5.74 -4.91 -6.83
N TYR A 22 -4.77 -4.08 -6.46
CA TYR A 22 -4.93 -2.64 -6.55
C TYR A 22 -4.27 -2.10 -7.80
N ALA A 23 -4.76 -0.96 -8.28
CA ALA A 23 -4.22 -0.34 -9.49
C ALA A 23 -3.59 1.01 -9.17
N ILE A 24 -2.30 1.14 -9.47
CA ILE A 24 -1.57 2.38 -9.21
C ILE A 24 -0.35 2.49 -10.11
N ASN A 25 -0.09 3.70 -10.61
CA ASN A 25 1.05 3.94 -11.48
C ASN A 25 2.36 3.83 -10.71
N PRO A 26 3.41 3.33 -11.37
CA PRO A 26 4.73 3.16 -10.76
C PRO A 26 5.42 4.51 -10.49
N ASN A 27 4.99 5.53 -11.22
CA ASN A 27 5.57 6.86 -11.06
C ASN A 27 5.01 7.55 -9.81
N SER A 28 3.76 7.25 -9.49
CA SER A 28 3.11 7.85 -8.32
C SER A 28 3.81 7.40 -7.04
N PHE A 29 3.73 8.24 -6.01
CA PHE A 29 4.34 7.94 -4.72
C PHE A 29 3.71 6.69 -4.10
N ILE A 30 4.31 6.21 -3.02
CA ILE A 30 3.82 5.03 -2.33
C ILE A 30 2.48 5.31 -1.67
N LEU A 31 2.39 6.43 -0.97
CA LEU A 31 1.15 6.82 -0.29
C LEU A 31 -0.06 6.55 -1.18
N GLY A 32 0.04 6.92 -2.45
CA GLY A 32 -1.04 6.71 -3.38
C GLY A 32 -1.67 5.34 -3.24
N LEU A 33 -0.83 4.33 -3.02
CA LEU A 33 -1.30 2.96 -2.88
C LEU A 33 -2.03 2.77 -1.55
N LYS A 34 -1.45 3.31 -0.48
CA LYS A 34 -2.05 3.21 0.85
C LYS A 34 -3.40 3.91 0.89
N GLN A 35 -3.43 5.16 0.46
CA GLN A 35 -4.67 5.94 0.44
C GLN A 35 -5.81 5.12 -0.12
N GLN A 36 -5.55 4.39 -1.20
CA GLN A 36 -6.56 3.56 -1.84
C GLN A 36 -7.13 2.55 -0.86
N ILE A 37 -6.28 2.04 0.02
CA ILE A 37 -6.70 1.06 1.02
C ILE A 37 -7.60 1.69 2.07
N GLU A 38 -7.30 2.92 2.44
CA GLU A 38 -8.08 3.64 3.45
C GLU A 38 -9.43 4.07 2.86
N ASP A 39 -9.47 4.24 1.55
CA ASP A 39 -10.69 4.64 0.87
C ASP A 39 -11.53 3.43 0.48
N GLN A 40 -10.90 2.26 0.48
CA GLN A 40 -11.58 1.03 0.13
C GLN A 40 -11.95 0.22 1.37
N GLN A 41 -10.93 -0.10 2.17
CA GLN A 41 -11.15 -0.87 3.40
C GLN A 41 -11.68 0.02 4.52
N GLY A 42 -11.22 1.27 4.54
CA GLY A 42 -11.67 2.21 5.56
C GLY A 42 -10.64 2.39 6.66
N LEU A 43 -9.72 1.43 6.79
CA LEU A 43 -8.70 1.48 7.81
C LEU A 43 -7.87 2.76 7.67
N PRO A 44 -7.54 3.38 8.82
CA PRO A 44 -6.74 4.61 8.86
C PRO A 44 -5.29 4.38 8.46
N LYS A 45 -4.67 5.40 7.89
CA LYS A 45 -3.29 5.31 7.45
C LYS A 45 -2.35 5.25 8.65
N LYS A 46 -2.81 5.77 9.79
CA LYS A 46 -2.00 5.78 11.01
C LYS A 46 -1.94 4.38 11.62
N GLN A 47 -2.52 3.41 10.92
CA GLN A 47 -2.52 2.02 11.40
C GLN A 47 -1.97 1.08 10.33
N GLN A 48 -2.37 1.30 9.08
CA GLN A 48 -1.91 0.48 7.97
C GLN A 48 -0.42 0.65 7.74
N GLN A 49 0.29 -0.47 7.61
CA GLN A 49 1.73 -0.44 7.39
C GLN A 49 2.16 -1.58 6.47
N LEU A 50 2.57 -1.22 5.26
CA LEU A 50 3.01 -2.21 4.28
C LEU A 50 4.52 -2.40 4.33
N GLU A 51 4.97 -3.64 4.15
CA GLU A 51 6.39 -3.95 4.18
C GLU A 51 6.76 -4.91 3.05
N PHE A 52 7.91 -4.65 2.42
CA PHE A 52 8.38 -5.49 1.33
C PHE A 52 9.81 -5.95 1.57
N GLN A 53 9.98 -7.26 1.74
CA GLN A 53 11.30 -7.84 1.99
C GLN A 53 11.83 -7.43 3.36
N GLY A 54 10.92 -7.24 4.30
CA GLY A 54 11.31 -6.86 5.65
C GLY A 54 11.76 -5.41 5.72
N GLN A 55 11.10 -4.55 4.95
CA GLN A 55 11.43 -3.13 4.94
C GLN A 55 10.17 -2.27 5.04
N VAL A 56 10.33 -1.08 5.60
CA VAL A 56 9.20 -0.16 5.76
C VAL A 56 9.27 0.97 4.74
N LEU A 57 8.30 0.96 3.82
CA LEU A 57 8.23 1.98 2.78
C LEU A 57 7.77 3.32 3.35
N GLN A 58 8.09 4.41 2.66
CA GLN A 58 7.71 5.75 3.10
C GLN A 58 6.59 6.30 2.22
N ASP A 59 5.94 7.35 2.71
CA ASP A 59 4.85 7.98 1.97
C ASP A 59 5.39 8.91 0.88
N TRP A 60 6.52 9.54 1.16
CA TRP A 60 7.14 10.45 0.20
C TRP A 60 7.81 9.68 -0.92
N LEU A 61 8.29 8.48 -0.62
CA LEU A 61 8.95 7.64 -1.60
C LEU A 61 7.97 7.16 -2.66
N GLY A 62 8.48 6.49 -3.69
CA GLY A 62 7.63 5.99 -4.75
C GLY A 62 7.80 4.51 -4.98
N LEU A 63 6.93 3.93 -5.79
CA LEU A 63 6.98 2.50 -6.09
C LEU A 63 8.27 2.15 -6.83
N GLY A 64 8.52 2.86 -7.93
CA GLY A 64 9.73 2.61 -8.71
C GLY A 64 11.00 2.94 -7.95
N ILE A 65 10.89 3.88 -7.01
CA ILE A 65 12.04 4.29 -6.22
C ILE A 65 12.69 3.10 -5.53
N TYR A 66 11.87 2.23 -4.96
CA TYR A 66 12.36 1.04 -4.27
C TYR A 66 12.75 -0.05 -5.27
N GLY A 67 11.87 -0.29 -6.24
CA GLY A 67 12.14 -1.31 -7.25
C GLY A 67 11.03 -2.34 -7.34
N ILE A 68 9.86 -1.99 -6.82
CA ILE A 68 8.72 -2.90 -6.84
C ILE A 68 8.25 -3.15 -8.27
N GLN A 69 7.83 -4.38 -8.54
CA GLN A 69 7.35 -4.74 -9.88
C GLN A 69 5.87 -5.13 -9.84
N ASP A 70 5.31 -5.40 -11.01
CA ASP A 70 3.91 -5.79 -11.11
C ASP A 70 3.67 -7.17 -10.52
N SER A 71 2.42 -7.50 -10.27
CA SER A 71 2.05 -8.79 -9.70
C SER A 71 2.88 -9.08 -8.45
N ASP A 72 3.28 -8.03 -7.74
CA ASP A 72 4.06 -8.17 -6.53
C ASP A 72 3.18 -8.43 -5.32
N THR A 73 3.76 -8.99 -4.27
CA THR A 73 3.02 -9.30 -3.06
C THR A 73 3.42 -8.36 -1.92
N LEU A 74 2.42 -7.67 -1.36
CA LEU A 74 2.67 -6.73 -0.27
C LEU A 74 1.95 -7.18 1.00
N ILE A 75 2.68 -7.26 2.10
CA ILE A 75 2.10 -7.66 3.37
C ILE A 75 1.52 -6.48 4.12
N LEU A 76 0.25 -6.61 4.54
CA LEU A 76 -0.42 -5.54 5.26
C LEU A 76 -0.60 -5.91 6.73
N SER A 77 -0.11 -5.04 7.62
CA SER A 77 -0.20 -5.28 9.06
C SER A 77 -0.45 -3.98 9.81
N LYS A 78 -1.49 -3.97 10.64
CA LYS A 78 -1.84 -2.79 11.42
C LYS A 78 -0.84 -2.57 12.54
N LYS A 79 -0.52 -1.30 12.81
CA LYS A 79 0.42 -0.96 13.86
C LYS A 79 -0.14 -1.31 15.24
N LYS A 80 0.71 -1.90 16.07
CA LYS A 80 0.29 -2.28 17.42
C LYS A 80 0.08 -1.06 18.31
N GLY A 81 1.15 -0.27 18.46
CA GLY A 81 1.05 0.93 19.28
C GLY A 81 0.68 2.16 18.47
N SER A 82 0.11 3.15 19.15
CA SER A 82 -0.31 4.39 18.49
C SER A 82 0.51 5.57 19.00
N GLY A 83 0.25 6.74 18.41
CA GLY A 83 0.97 7.94 18.82
C GLY A 83 0.14 9.20 18.64
N PRO A 84 0.50 10.26 19.37
CA PRO A 84 -0.20 11.54 19.31
C PRO A 84 0.03 12.27 17.99
N SER A 85 1.16 11.98 17.35
CA SER A 85 1.49 12.60 16.07
C SER A 85 0.27 12.67 15.17
N SER A 86 -0.04 13.87 14.68
CA SER A 86 -1.18 14.08 13.80
C SER A 86 -0.83 13.76 12.35
N GLY A 87 -1.84 13.73 11.50
CA GLY A 87 -1.61 13.43 10.10
C GLY A 87 -2.89 13.08 9.36
N GLY A 1 -14.77 6.08 -14.86
CA GLY A 1 -13.58 6.48 -15.58
C GLY A 1 -13.79 6.53 -17.08
N SER A 2 -12.72 6.73 -17.82
CA SER A 2 -12.79 6.81 -19.27
C SER A 2 -11.89 5.77 -19.92
N SER A 3 -11.91 5.71 -21.26
CA SER A 3 -11.10 4.75 -21.99
C SER A 3 -9.62 5.12 -21.91
N GLY A 4 -8.86 4.31 -21.18
CA GLY A 4 -7.44 4.57 -21.04
C GLY A 4 -6.85 3.91 -19.80
N SER A 5 -6.50 2.64 -19.92
CA SER A 5 -5.93 1.90 -18.80
C SER A 5 -4.42 2.09 -18.74
N SER A 6 -3.90 2.25 -17.52
CA SER A 6 -2.47 2.44 -17.32
C SER A 6 -2.09 2.21 -15.86
N GLY A 7 -0.81 1.92 -15.62
CA GLY A 7 -0.35 1.69 -14.28
C GLY A 7 0.01 0.23 -14.03
N ILE A 8 0.50 -0.06 -12.83
CA ILE A 8 0.89 -1.42 -12.47
C ILE A 8 -0.13 -2.05 -11.52
N GLN A 9 -0.18 -3.38 -11.51
CA GLN A 9 -1.11 -4.10 -10.64
C GLN A 9 -0.37 -4.74 -9.48
N VAL A 10 -0.67 -4.29 -8.26
CA VAL A 10 -0.03 -4.84 -7.07
C VAL A 10 -1.06 -5.48 -6.14
N PHE A 11 -0.69 -6.62 -5.56
CA PHE A 11 -1.58 -7.33 -4.65
C PHE A 11 -1.32 -6.93 -3.21
N VAL A 12 -2.37 -6.54 -2.50
CA VAL A 12 -2.26 -6.13 -1.11
C VAL A 12 -2.88 -7.17 -0.18
N LYS A 13 -2.03 -7.87 0.55
CA LYS A 13 -2.50 -8.89 1.49
C LYS A 13 -2.86 -8.28 2.83
N ASN A 14 -4.13 -8.39 3.21
CA ASN A 14 -4.60 -7.84 4.47
C ASN A 14 -4.32 -8.81 5.62
N PRO A 15 -4.19 -8.26 6.84
CA PRO A 15 -3.91 -9.06 8.04
C PRO A 15 -5.11 -9.92 8.45
N ASP A 16 -6.23 -9.73 7.78
CA ASP A 16 -7.44 -10.47 8.06
C ASP A 16 -7.38 -11.86 7.43
N GLY A 17 -7.02 -11.90 6.15
CA GLY A 17 -6.92 -13.16 5.44
C GLY A 17 -7.32 -13.05 3.98
N GLY A 18 -6.34 -12.78 3.12
CA GLY A 18 -6.60 -12.65 1.71
C GLY A 18 -5.81 -11.53 1.07
N SER A 19 -5.95 -11.37 -0.24
CA SER A 19 -5.23 -10.33 -0.97
C SER A 19 -6.06 -9.81 -2.13
N TYR A 20 -6.00 -8.50 -2.37
CA TYR A 20 -6.75 -7.87 -3.44
C TYR A 20 -5.81 -7.21 -4.45
N ALA A 21 -6.30 -7.03 -5.67
CA ALA A 21 -5.51 -6.41 -6.73
C ALA A 21 -5.82 -4.92 -6.83
N TYR A 22 -4.78 -4.10 -6.68
CA TYR A 22 -4.95 -2.65 -6.75
C TYR A 22 -4.28 -2.09 -8.01
N ALA A 23 -4.62 -0.86 -8.35
CA ALA A 23 -4.06 -0.21 -9.52
C ALA A 23 -3.39 1.11 -9.17
N ILE A 24 -2.09 1.21 -9.45
CA ILE A 24 -1.34 2.42 -9.14
C ILE A 24 -0.09 2.51 -10.01
N ASN A 25 0.06 3.63 -10.72
CA ASN A 25 1.21 3.85 -11.58
C ASN A 25 2.52 3.69 -10.81
N PRO A 26 3.58 3.27 -11.51
CA PRO A 26 4.90 3.07 -10.91
C PRO A 26 5.56 4.38 -10.51
N ASN A 27 5.07 5.48 -11.09
CA ASN A 27 5.62 6.79 -10.80
C ASN A 27 4.91 7.43 -9.60
N SER A 28 3.70 6.96 -9.33
CA SER A 28 2.91 7.48 -8.21
C SER A 28 3.57 7.15 -6.87
N PHE A 29 3.48 8.07 -5.93
CA PHE A 29 4.06 7.88 -4.61
C PHE A 29 3.43 6.70 -3.90
N ILE A 30 4.22 6.03 -3.06
CA ILE A 30 3.73 4.87 -2.31
C ILE A 30 2.47 5.22 -1.52
N LEU A 31 2.34 6.49 -1.16
CA LEU A 31 1.17 6.94 -0.41
C LEU A 31 -0.11 6.79 -1.23
N GLY A 32 -0.01 7.07 -2.53
CA GLY A 32 -1.16 6.96 -3.40
C GLY A 32 -1.73 5.55 -3.43
N LEU A 33 -0.99 4.60 -2.88
CA LEU A 33 -1.43 3.21 -2.84
C LEU A 33 -2.21 2.93 -1.56
N LYS A 34 -1.77 3.53 -0.45
CA LYS A 34 -2.43 3.34 0.83
C LYS A 34 -3.82 3.98 0.83
N GLN A 35 -3.89 5.22 0.35
CA GLN A 35 -5.17 5.94 0.28
C GLN A 35 -6.27 5.05 -0.28
N GLN A 36 -5.96 4.35 -1.37
CA GLN A 36 -6.93 3.47 -2.02
C GLN A 36 -7.41 2.40 -1.03
N ILE A 37 -6.50 1.89 -0.22
CA ILE A 37 -6.84 0.86 0.77
C ILE A 37 -7.67 1.44 1.90
N GLU A 38 -7.31 2.65 2.33
CA GLU A 38 -8.01 3.32 3.42
C GLU A 38 -9.47 3.58 3.04
N ASP A 39 -9.75 3.62 1.74
CA ASP A 39 -11.10 3.86 1.24
C ASP A 39 -11.82 2.54 1.01
N GLN A 40 -11.07 1.48 0.76
CA GLN A 40 -11.65 0.17 0.53
C GLN A 40 -11.92 -0.56 1.83
N GLN A 41 -10.87 -0.74 2.63
CA GLN A 41 -11.00 -1.42 3.91
C GLN A 41 -11.51 -0.47 4.98
N GLY A 42 -11.22 0.82 4.81
CA GLY A 42 -11.67 1.81 5.77
C GLY A 42 -10.67 2.03 6.88
N LEU A 43 -9.46 1.49 6.71
CA LEU A 43 -8.41 1.63 7.71
C LEU A 43 -7.56 2.87 7.43
N PRO A 44 -7.19 3.58 8.51
CA PRO A 44 -6.37 4.80 8.41
C PRO A 44 -4.93 4.49 7.99
N LYS A 45 -4.28 5.48 7.40
CA LYS A 45 -2.90 5.33 6.96
C LYS A 45 -1.93 5.42 8.14
N LYS A 46 -2.43 5.92 9.26
CA LYS A 46 -1.62 6.07 10.46
C LYS A 46 -1.56 4.77 11.26
N GLN A 47 -2.08 3.70 10.66
CA GLN A 47 -2.10 2.40 11.31
C GLN A 47 -1.58 1.32 10.37
N GLN A 48 -1.93 1.42 9.10
CA GLN A 48 -1.51 0.45 8.09
C GLN A 48 -0.05 0.68 7.71
N GLN A 49 0.68 -0.41 7.47
CA GLN A 49 2.08 -0.32 7.10
C GLN A 49 2.43 -1.39 6.06
N LEU A 50 2.80 -0.95 4.87
CA LEU A 50 3.16 -1.86 3.80
C LEU A 50 4.65 -2.20 3.84
N GLU A 51 4.97 -3.48 3.70
CA GLU A 51 6.36 -3.94 3.73
C GLU A 51 6.68 -4.77 2.49
N PHE A 52 7.93 -4.69 2.04
CA PHE A 52 8.36 -5.44 0.87
C PHE A 52 9.77 -5.99 1.07
N GLN A 53 9.89 -7.31 1.06
CA GLN A 53 11.18 -7.96 1.26
C GLN A 53 11.80 -7.58 2.59
N GLY A 54 10.95 -7.43 3.60
CA GLY A 54 11.43 -7.06 4.93
C GLY A 54 11.89 -5.63 5.00
N GLN A 55 11.09 -4.72 4.47
CA GLN A 55 11.42 -3.29 4.46
C GLN A 55 10.18 -2.45 4.74
N VAL A 56 10.41 -1.19 5.13
CA VAL A 56 9.32 -0.27 5.42
C VAL A 56 9.12 0.73 4.30
N LEU A 57 8.03 0.58 3.55
CA LEU A 57 7.74 1.48 2.45
C LEU A 57 7.26 2.83 2.95
N GLN A 58 7.96 3.89 2.54
CA GLN A 58 7.60 5.24 2.96
C GLN A 58 6.44 5.78 2.13
N ASP A 59 6.10 7.04 2.35
CA ASP A 59 5.00 7.68 1.63
C ASP A 59 5.54 8.58 0.52
N TRP A 60 6.57 9.36 0.83
CA TRP A 60 7.16 10.27 -0.14
C TRP A 60 8.08 9.51 -1.10
N LEU A 61 8.18 8.20 -0.89
CA LEU A 61 9.02 7.37 -1.75
C LEU A 61 8.19 6.67 -2.83
N GLY A 62 8.54 6.93 -4.08
CA GLY A 62 7.82 6.32 -5.19
C GLY A 62 7.84 4.81 -5.12
N LEU A 63 7.30 4.16 -6.15
CA LEU A 63 7.25 2.71 -6.22
C LEU A 63 8.57 2.14 -6.75
N GLY A 64 9.14 2.82 -7.74
CA GLY A 64 10.39 2.36 -8.32
C GLY A 64 11.53 2.35 -7.31
N ILE A 65 11.45 3.24 -6.33
CA ILE A 65 12.47 3.33 -5.29
C ILE A 65 12.73 1.97 -4.65
N TYR A 66 11.65 1.22 -4.42
CA TYR A 66 11.75 -0.09 -3.80
C TYR A 66 11.75 -1.19 -4.87
N GLY A 67 12.16 -0.83 -6.07
CA GLY A 67 12.21 -1.79 -7.16
C GLY A 67 10.92 -2.58 -7.29
N ILE A 68 9.82 -1.98 -6.87
CA ILE A 68 8.51 -2.64 -6.93
C ILE A 68 8.06 -2.81 -8.38
N GLN A 69 7.68 -4.04 -8.74
CA GLN A 69 7.23 -4.33 -10.08
C GLN A 69 5.78 -4.80 -10.08
N ASP A 70 5.23 -5.04 -11.27
CA ASP A 70 3.86 -5.50 -11.39
C ASP A 70 3.71 -6.94 -10.90
N SER A 71 2.48 -7.32 -10.58
CA SER A 71 2.20 -8.66 -10.09
C SER A 71 3.03 -8.97 -8.85
N ASP A 72 3.20 -7.96 -8.01
CA ASP A 72 3.96 -8.11 -6.78
C ASP A 72 3.05 -8.34 -5.58
N THR A 73 3.63 -8.76 -4.46
CA THR A 73 2.85 -9.01 -3.25
C THR A 73 3.29 -8.10 -2.11
N LEU A 74 2.33 -7.47 -1.46
CA LEU A 74 2.61 -6.56 -0.35
C LEU A 74 1.85 -6.97 0.90
N ILE A 75 2.57 -7.08 2.01
CA ILE A 75 1.95 -7.46 3.28
C ILE A 75 1.41 -6.24 4.02
N LEU A 76 0.27 -6.42 4.69
CA LEU A 76 -0.34 -5.34 5.44
C LEU A 76 -0.43 -5.68 6.92
N SER A 77 0.06 -4.78 7.77
CA SER A 77 0.04 -4.99 9.21
C SER A 77 -0.21 -3.68 9.95
N LYS A 78 -1.14 -3.72 10.90
CA LYS A 78 -1.47 -2.53 11.68
C LYS A 78 -0.41 -2.25 12.73
N LYS A 79 -0.15 -0.97 12.99
CA LYS A 79 0.85 -0.57 13.97
C LYS A 79 0.39 -0.95 15.38
N LYS A 80 1.33 -1.46 16.18
CA LYS A 80 1.02 -1.85 17.55
C LYS A 80 1.22 -0.69 18.51
N GLY A 81 0.13 0.04 18.77
CA GLY A 81 0.21 1.18 19.67
C GLY A 81 1.09 2.29 19.13
N SER A 82 0.97 3.48 19.72
CA SER A 82 1.75 4.63 19.28
C SER A 82 2.23 5.45 20.49
N GLY A 83 3.31 6.19 20.29
CA GLY A 83 3.85 7.00 21.36
C GLY A 83 4.12 8.44 20.93
N PRO A 84 3.06 9.23 20.81
CA PRO A 84 3.16 10.63 20.38
C PRO A 84 3.81 11.51 21.46
N SER A 85 3.49 11.23 22.71
CA SER A 85 4.03 11.99 23.83
C SER A 85 5.56 11.89 23.86
N SER A 86 6.23 12.81 23.17
CA SER A 86 7.68 12.81 23.12
C SER A 86 8.27 13.51 24.35
N GLY A 87 9.47 13.09 24.74
CA GLY A 87 10.11 13.69 25.90
C GLY A 87 10.69 12.65 26.83
N GLY A 1 -14.59 3.47 -12.92
CA GLY A 1 -14.79 3.87 -14.30
C GLY A 1 -14.09 5.17 -14.63
N SER A 2 -12.82 5.26 -14.24
CA SER A 2 -12.04 6.46 -14.51
C SER A 2 -10.74 6.13 -15.22
N SER A 3 -10.29 7.03 -16.09
CA SER A 3 -9.06 6.82 -16.86
C SER A 3 -7.95 6.28 -15.95
N GLY A 4 -7.58 5.02 -16.17
CA GLY A 4 -6.55 4.40 -15.37
C GLY A 4 -5.97 3.16 -16.03
N SER A 5 -5.76 3.22 -17.34
CA SER A 5 -5.22 2.09 -18.09
C SER A 5 -3.79 1.80 -17.67
N SER A 6 -2.91 2.80 -17.86
CA SER A 6 -1.51 2.65 -17.52
C SER A 6 -1.33 2.50 -16.01
N GLY A 7 -0.50 1.54 -15.60
CA GLY A 7 -0.27 1.31 -14.20
C GLY A 7 0.03 -0.14 -13.89
N ILE A 8 0.72 -0.38 -12.77
CA ILE A 8 1.06 -1.74 -12.37
C ILE A 8 0.01 -2.31 -11.40
N GLN A 9 0.02 -3.62 -11.24
CA GLN A 9 -0.92 -4.28 -10.34
C GLN A 9 -0.20 -4.81 -9.10
N VAL A 10 -0.80 -4.58 -7.94
CA VAL A 10 -0.22 -5.03 -6.67
C VAL A 10 -1.27 -5.74 -5.82
N PHE A 11 -0.89 -6.89 -5.26
CA PHE A 11 -1.79 -7.67 -4.42
C PHE A 11 -1.58 -7.34 -2.95
N VAL A 12 -2.58 -6.72 -2.32
CA VAL A 12 -2.50 -6.35 -0.92
C VAL A 12 -3.12 -7.44 -0.03
N LYS A 13 -2.26 -8.18 0.66
CA LYS A 13 -2.72 -9.25 1.54
C LYS A 13 -3.07 -8.70 2.92
N ASN A 14 -4.36 -8.61 3.20
CA ASN A 14 -4.83 -8.10 4.49
C ASN A 14 -4.55 -9.09 5.60
N PRO A 15 -4.36 -8.58 6.82
CA PRO A 15 -4.07 -9.41 8.00
C PRO A 15 -5.28 -10.22 8.43
N ASP A 16 -6.39 -10.05 7.73
CA ASP A 16 -7.62 -10.77 8.04
C ASP A 16 -7.70 -12.08 7.25
N GLY A 17 -7.07 -12.10 6.08
CA GLY A 17 -7.09 -13.29 5.25
C GLY A 17 -7.61 -13.02 3.86
N GLY A 18 -6.70 -12.76 2.92
CA GLY A 18 -7.10 -12.48 1.56
C GLY A 18 -6.25 -11.43 0.90
N SER A 19 -6.36 -11.31 -0.42
CA SER A 19 -5.58 -10.33 -1.17
C SER A 19 -6.39 -9.75 -2.32
N TYR A 20 -6.23 -8.45 -2.56
CA TYR A 20 -6.95 -7.78 -3.62
C TYR A 20 -5.98 -7.16 -4.63
N ALA A 21 -6.39 -7.13 -5.90
CA ALA A 21 -5.56 -6.56 -6.94
C ALA A 21 -5.80 -5.06 -7.09
N TYR A 22 -4.82 -4.27 -6.67
CA TYR A 22 -4.92 -2.81 -6.75
C TYR A 22 -4.26 -2.29 -8.02
N ALA A 23 -4.62 -1.06 -8.39
CA ALA A 23 -4.07 -0.44 -9.59
C ALA A 23 -3.42 0.91 -9.26
N ILE A 24 -2.10 0.97 -9.41
CA ILE A 24 -1.37 2.20 -9.12
C ILE A 24 -0.12 2.30 -9.99
N ASN A 25 0.14 3.51 -10.51
CA ASN A 25 1.30 3.74 -11.35
C ASN A 25 2.59 3.71 -10.53
N PRO A 26 3.67 3.19 -11.14
CA PRO A 26 4.98 3.08 -10.48
C PRO A 26 5.62 4.45 -10.29
N ASN A 27 5.17 5.44 -11.05
CA ASN A 27 5.70 6.79 -10.95
C ASN A 27 5.10 7.54 -9.77
N SER A 28 3.89 7.14 -9.38
CA SER A 28 3.19 7.78 -8.26
C SER A 28 3.96 7.55 -6.96
N PHE A 29 3.45 8.12 -5.88
CA PHE A 29 4.08 7.99 -4.57
C PHE A 29 3.42 6.86 -3.77
N ILE A 30 4.24 6.15 -2.99
CA ILE A 30 3.74 5.05 -2.18
C ILE A 30 2.35 5.35 -1.62
N LEU A 31 2.22 6.50 -0.95
CA LEU A 31 0.94 6.90 -0.39
C LEU A 31 -0.21 6.59 -1.34
N GLY A 32 -0.04 6.97 -2.60
CA GLY A 32 -1.07 6.73 -3.59
C GLY A 32 -1.72 5.36 -3.42
N LEU A 33 -0.90 4.34 -3.14
CA LEU A 33 -1.40 2.99 -2.96
C LEU A 33 -2.17 2.87 -1.65
N LYS A 34 -1.50 3.20 -0.55
CA LYS A 34 -2.11 3.12 0.77
C LYS A 34 -3.46 3.83 0.79
N GLN A 35 -3.47 5.10 0.37
CA GLN A 35 -4.70 5.89 0.34
C GLN A 35 -5.86 5.06 -0.20
N GLN A 36 -5.63 4.37 -1.32
CA GLN A 36 -6.65 3.54 -1.94
C GLN A 36 -7.16 2.48 -0.96
N ILE A 37 -6.26 1.97 -0.13
CA ILE A 37 -6.62 0.96 0.85
C ILE A 37 -7.44 1.55 1.99
N GLU A 38 -7.14 2.81 2.33
CA GLU A 38 -7.86 3.50 3.40
C GLU A 38 -9.27 3.86 2.96
N ASP A 39 -9.44 4.09 1.66
CA ASP A 39 -10.74 4.46 1.11
C ASP A 39 -11.54 3.22 0.73
N GLN A 40 -10.83 2.13 0.42
CA GLN A 40 -11.47 0.87 0.04
C GLN A 40 -11.79 0.03 1.27
N GLN A 41 -10.85 0.00 2.21
CA GLN A 41 -11.03 -0.78 3.43
C GLN A 41 -11.56 0.10 4.56
N GLY A 42 -11.08 1.34 4.62
CA GLY A 42 -11.51 2.26 5.66
C GLY A 42 -10.45 2.48 6.72
N LEU A 43 -9.48 1.58 6.78
CA LEU A 43 -8.41 1.68 7.76
C LEU A 43 -7.48 2.85 7.42
N PRO A 44 -7.06 3.59 8.47
CA PRO A 44 -6.16 4.73 8.32
C PRO A 44 -4.76 4.33 7.92
N LYS A 45 -3.99 5.28 7.38
CA LYS A 45 -2.62 5.02 6.96
C LYS A 45 -1.69 4.95 8.16
N LYS A 46 -1.90 5.84 9.12
CA LYS A 46 -1.07 5.88 10.33
C LYS A 46 -1.08 4.53 11.04
N GLN A 47 -2.02 3.67 10.65
CA GLN A 47 -2.14 2.36 11.26
C GLN A 47 -1.58 1.28 10.32
N GLN A 48 -1.97 1.35 9.06
CA GLN A 48 -1.52 0.38 8.06
C GLN A 48 -0.01 0.50 7.83
N GLN A 49 0.64 -0.64 7.64
CA GLN A 49 2.08 -0.66 7.42
C GLN A 49 2.46 -1.71 6.37
N LEU A 50 2.87 -1.26 5.20
CA LEU A 50 3.26 -2.16 4.12
C LEU A 50 4.76 -2.40 4.12
N GLU A 51 5.16 -3.61 3.76
CA GLU A 51 6.57 -3.98 3.72
C GLU A 51 6.86 -4.92 2.55
N PHE A 52 7.90 -4.61 1.79
CA PHE A 52 8.28 -5.43 0.65
C PHE A 52 9.71 -5.94 0.79
N GLN A 53 9.84 -7.22 1.12
CA GLN A 53 11.15 -7.84 1.30
C GLN A 53 11.86 -7.26 2.51
N GLY A 54 11.09 -6.96 3.55
CA GLY A 54 11.67 -6.40 4.76
C GLY A 54 12.06 -4.94 4.60
N GLN A 55 11.30 -4.22 3.79
CA GLN A 55 11.57 -2.80 3.56
C GLN A 55 10.32 -1.96 3.78
N VAL A 56 10.41 -1.01 4.71
CA VAL A 56 9.29 -0.14 5.03
C VAL A 56 9.18 1.00 4.02
N LEU A 57 8.03 1.09 3.35
CA LEU A 57 7.80 2.14 2.37
C LEU A 57 7.35 3.43 3.04
N GLN A 58 7.61 4.55 2.38
CA GLN A 58 7.23 5.85 2.92
C GLN A 58 6.42 6.64 1.90
N ASP A 59 5.55 7.52 2.39
CA ASP A 59 4.72 8.34 1.52
C ASP A 59 5.56 9.14 0.54
N TRP A 60 6.49 9.93 1.07
CA TRP A 60 7.36 10.75 0.24
C TRP A 60 8.09 9.89 -0.79
N LEU A 61 8.24 8.60 -0.49
CA LEU A 61 8.91 7.68 -1.39
C LEU A 61 7.97 7.21 -2.50
N GLY A 62 8.55 6.76 -3.60
CA GLY A 62 7.75 6.29 -4.72
C GLY A 62 7.92 4.80 -4.97
N LEU A 63 7.00 4.22 -5.72
CA LEU A 63 7.04 2.80 -6.04
C LEU A 63 8.38 2.43 -6.67
N GLY A 64 8.79 3.19 -7.68
CA GLY A 64 10.06 2.92 -8.35
C GLY A 64 11.25 3.14 -7.44
N ILE A 65 11.16 4.15 -6.58
CA ILE A 65 12.24 4.46 -5.65
C ILE A 65 12.77 3.19 -4.97
N TYR A 66 11.88 2.22 -4.79
CA TYR A 66 12.26 0.96 -4.16
C TYR A 66 12.54 -0.12 -5.21
N GLY A 67 11.72 -0.13 -6.26
CA GLY A 67 11.90 -1.12 -7.31
C GLY A 67 10.79 -2.15 -7.33
N ILE A 68 9.58 -1.72 -7.02
CA ILE A 68 8.43 -2.62 -7.00
C ILE A 68 7.94 -2.91 -8.42
N GLN A 69 7.70 -4.19 -8.70
CA GLN A 69 7.22 -4.61 -10.01
C GLN A 69 5.72 -4.89 -9.99
N ASP A 70 5.19 -5.29 -11.14
CA ASP A 70 3.76 -5.58 -11.25
C ASP A 70 3.46 -7.00 -10.78
N SER A 71 2.19 -7.24 -10.43
CA SER A 71 1.78 -8.55 -9.96
C SER A 71 2.56 -8.95 -8.71
N ASP A 72 3.01 -7.95 -7.95
CA ASP A 72 3.78 -8.21 -6.74
C ASP A 72 2.85 -8.34 -5.53
N THR A 73 3.35 -8.97 -4.47
CA THR A 73 2.57 -9.16 -3.26
C THR A 73 3.07 -8.27 -2.13
N LEU A 74 2.14 -7.67 -1.41
CA LEU A 74 2.49 -6.78 -0.29
C LEU A 74 1.78 -7.20 0.98
N ILE A 75 2.52 -7.27 2.08
CA ILE A 75 1.95 -7.65 3.37
C ILE A 75 1.40 -6.44 4.11
N LEU A 76 0.19 -6.57 4.64
CA LEU A 76 -0.46 -5.49 5.38
C LEU A 76 -0.52 -5.81 6.87
N SER A 77 -0.04 -4.87 7.69
CA SER A 77 -0.04 -5.05 9.13
C SER A 77 -0.26 -3.73 9.85
N LYS A 78 -1.18 -3.72 10.80
CA LYS A 78 -1.48 -2.51 11.57
C LYS A 78 -0.42 -2.25 12.62
N LYS A 79 -0.19 -0.97 12.92
CA LYS A 79 0.81 -0.59 13.91
C LYS A 79 0.36 -1.01 15.31
N LYS A 80 1.14 -1.88 15.93
CA LYS A 80 0.83 -2.35 17.28
C LYS A 80 1.12 -1.28 18.33
N GLY A 81 0.39 -1.33 19.43
CA GLY A 81 0.58 -0.36 20.49
C GLY A 81 -0.63 0.53 20.68
N SER A 82 -0.72 1.15 21.86
CA SER A 82 -1.84 2.03 22.17
C SER A 82 -3.11 1.22 22.44
N GLY A 83 -2.97 0.17 23.24
CA GLY A 83 -4.11 -0.67 23.56
C GLY A 83 -4.43 -0.67 25.04
N PRO A 84 -5.73 -0.76 25.37
CA PRO A 84 -6.19 -0.77 26.76
C PRO A 84 -5.82 -2.06 27.49
N SER A 85 -6.02 -2.08 28.80
CA SER A 85 -5.70 -3.24 29.61
C SER A 85 -6.83 -4.27 29.56
N SER A 86 -6.73 -5.20 28.62
CA SER A 86 -7.76 -6.24 28.46
C SER A 86 -7.15 -7.63 28.64
N GLY A 87 -7.81 -8.45 29.43
CA GLY A 87 -7.33 -9.80 29.67
C GLY A 87 -6.40 -9.89 30.87
N GLY A 1 -15.37 0.64 -9.72
CA GLY A 1 -13.93 0.72 -9.85
C GLY A 1 -13.32 -0.57 -10.38
N SER A 2 -12.34 -1.10 -9.65
CA SER A 2 -11.67 -2.33 -10.06
C SER A 2 -11.38 -2.33 -11.56
N SER A 3 -10.79 -1.23 -12.03
CA SER A 3 -10.46 -1.10 -13.44
C SER A 3 -9.32 -0.09 -13.64
N GLY A 4 -8.49 -0.33 -14.65
CA GLY A 4 -7.39 0.56 -14.93
C GLY A 4 -6.48 0.04 -16.02
N SER A 5 -6.07 0.92 -16.92
CA SER A 5 -5.20 0.53 -18.03
C SER A 5 -3.94 1.38 -18.04
N SER A 6 -3.51 1.82 -16.86
CA SER A 6 -2.31 2.65 -16.73
C SER A 6 -1.65 2.42 -15.38
N GLY A 7 -0.47 1.79 -15.41
CA GLY A 7 0.25 1.53 -14.18
C GLY A 7 0.47 0.04 -13.94
N ILE A 8 0.86 -0.30 -12.71
CA ILE A 8 1.10 -1.70 -12.36
C ILE A 8 0.01 -2.22 -11.43
N GLN A 9 -0.03 -3.54 -11.26
CA GLN A 9 -1.02 -4.17 -10.39
C GLN A 9 -0.35 -4.92 -9.25
N VAL A 10 -0.57 -4.46 -8.02
CA VAL A 10 0.01 -5.09 -6.85
C VAL A 10 -1.04 -5.85 -6.04
N PHE A 11 -0.60 -6.85 -5.29
CA PHE A 11 -1.51 -7.65 -4.47
C PHE A 11 -1.29 -7.37 -2.99
N VAL A 12 -2.22 -6.62 -2.39
CA VAL A 12 -2.14 -6.27 -0.98
C VAL A 12 -2.76 -7.37 -0.12
N LYS A 13 -1.91 -8.13 0.55
CA LYS A 13 -2.36 -9.21 1.42
C LYS A 13 -2.77 -8.68 2.78
N ASN A 14 -4.04 -8.85 3.13
CA ASN A 14 -4.56 -8.38 4.40
C ASN A 14 -4.28 -9.40 5.51
N PRO A 15 -4.22 -8.92 6.75
CA PRO A 15 -3.95 -9.76 7.92
C PRO A 15 -5.13 -10.69 8.23
N ASP A 16 -6.30 -10.37 7.69
CA ASP A 16 -7.49 -11.17 7.92
C ASP A 16 -7.51 -12.39 6.99
N GLY A 17 -7.32 -12.15 5.69
CA GLY A 17 -7.32 -13.23 4.72
C GLY A 17 -7.97 -12.83 3.42
N GLY A 18 -7.14 -12.48 2.43
CA GLY A 18 -7.65 -12.08 1.13
C GLY A 18 -6.87 -10.93 0.53
N SER A 19 -6.09 -11.24 -0.51
CA SER A 19 -5.28 -10.22 -1.18
C SER A 19 -6.06 -9.59 -2.33
N TYR A 20 -6.05 -8.26 -2.38
CA TYR A 20 -6.75 -7.54 -3.44
C TYR A 20 -5.77 -6.96 -4.45
N ALA A 21 -6.24 -6.77 -5.67
CA ALA A 21 -5.40 -6.22 -6.73
C ALA A 21 -5.66 -4.73 -6.92
N TYR A 22 -4.69 -3.91 -6.53
CA TYR A 22 -4.82 -2.47 -6.64
C TYR A 22 -4.07 -1.95 -7.88
N ALA A 23 -4.67 -0.99 -8.57
CA ALA A 23 -4.06 -0.42 -9.76
C ALA A 23 -3.53 0.98 -9.49
N ILE A 24 -2.22 1.14 -9.58
CA ILE A 24 -1.58 2.44 -9.33
C ILE A 24 -0.33 2.60 -10.17
N ASN A 25 -0.11 3.81 -10.69
CA ASN A 25 1.06 4.10 -11.51
C ASN A 25 2.34 3.99 -10.68
N PRO A 26 3.42 3.53 -11.33
CA PRO A 26 4.72 3.37 -10.68
C PRO A 26 5.37 4.70 -10.34
N ASN A 27 4.97 5.75 -11.05
CA ASN A 27 5.51 7.09 -10.83
C ASN A 27 4.96 7.69 -9.54
N SER A 28 3.69 7.42 -9.28
CA SER A 28 3.03 7.94 -8.08
C SER A 28 3.79 7.53 -6.82
N PHE A 29 3.45 8.16 -5.70
CA PHE A 29 4.10 7.86 -4.43
C PHE A 29 3.43 6.66 -3.75
N ILE A 30 4.17 6.01 -2.86
CA ILE A 30 3.64 4.85 -2.14
C ILE A 30 2.34 5.19 -1.44
N LEU A 31 2.33 6.29 -0.70
CA LEU A 31 1.14 6.73 0.01
C LEU A 31 -0.10 6.64 -0.88
N GLY A 32 0.04 7.06 -2.13
CA GLY A 32 -1.06 7.02 -3.05
C GLY A 32 -1.76 5.67 -3.07
N LEU A 33 -0.98 4.60 -3.03
CA LEU A 33 -1.54 3.26 -3.03
C LEU A 33 -2.29 2.97 -1.73
N LYS A 34 -1.73 3.42 -0.61
CA LYS A 34 -2.34 3.22 0.69
C LYS A 34 -3.69 3.92 0.77
N GLN A 35 -3.75 5.14 0.24
CA GLN A 35 -4.99 5.92 0.26
C GLN A 35 -6.15 5.09 -0.29
N GLN A 36 -5.88 4.32 -1.34
CA GLN A 36 -6.91 3.49 -1.95
C GLN A 36 -7.45 2.47 -0.95
N ILE A 37 -6.56 1.89 -0.16
CA ILE A 37 -6.95 0.90 0.83
C ILE A 37 -7.74 1.54 1.96
N GLU A 38 -7.43 2.80 2.27
CA GLU A 38 -8.12 3.52 3.33
C GLU A 38 -9.54 3.87 2.91
N ASP A 39 -9.77 3.92 1.60
CA ASP A 39 -11.09 4.25 1.07
C ASP A 39 -11.89 2.97 0.79
N GLN A 40 -11.18 1.85 0.66
CA GLN A 40 -11.82 0.58 0.39
C GLN A 40 -12.16 -0.15 1.68
N GLN A 41 -11.17 -0.27 2.56
CA GLN A 41 -11.36 -0.94 3.84
C GLN A 41 -11.79 0.04 4.92
N GLY A 42 -11.18 1.23 4.91
CA GLY A 42 -11.52 2.24 5.89
C GLY A 42 -10.38 2.54 6.84
N LEU A 43 -9.44 1.61 6.93
CA LEU A 43 -8.28 1.76 7.81
C LEU A 43 -7.40 2.91 7.34
N PRO A 44 -6.92 3.72 8.29
CA PRO A 44 -6.05 4.87 8.00
C PRO A 44 -4.66 4.43 7.54
N LYS A 45 -3.89 5.38 7.02
CA LYS A 45 -2.54 5.10 6.55
C LYS A 45 -1.54 5.11 7.70
N LYS A 46 -1.84 5.89 8.73
CA LYS A 46 -0.98 5.99 9.91
C LYS A 46 -1.02 4.70 10.72
N GLN A 47 -1.84 3.75 10.28
CA GLN A 47 -1.96 2.47 10.97
C GLN A 47 -1.49 1.33 10.09
N GLN A 48 -1.88 1.36 8.82
CA GLN A 48 -1.49 0.33 7.87
C GLN A 48 -0.03 0.48 7.45
N GLN A 49 0.73 -0.61 7.54
CA GLN A 49 2.13 -0.58 7.18
C GLN A 49 2.46 -1.69 6.19
N LEU A 50 2.93 -1.30 5.01
CA LEU A 50 3.27 -2.26 3.96
C LEU A 50 4.78 -2.47 3.88
N GLU A 51 5.21 -3.72 3.90
CA GLU A 51 6.63 -4.05 3.83
C GLU A 51 6.93 -4.88 2.59
N PHE A 52 8.21 -4.96 2.24
CA PHE A 52 8.64 -5.73 1.07
C PHE A 52 10.04 -6.29 1.27
N GLN A 53 10.18 -7.59 1.11
CA GLN A 53 11.47 -8.26 1.27
C GLN A 53 12.08 -7.92 2.63
N GLY A 54 11.23 -7.61 3.60
CA GLY A 54 11.71 -7.27 4.92
C GLY A 54 12.22 -5.85 5.01
N GLN A 55 11.48 -4.92 4.41
CA GLN A 55 11.88 -3.51 4.41
C GLN A 55 10.66 -2.61 4.59
N VAL A 56 10.82 -1.55 5.37
CA VAL A 56 9.73 -0.61 5.61
C VAL A 56 9.64 0.43 4.50
N LEU A 57 8.55 0.38 3.74
CA LEU A 57 8.34 1.32 2.64
C LEU A 57 7.81 2.65 3.15
N GLN A 58 8.34 3.74 2.61
CA GLN A 58 7.92 5.08 3.01
C GLN A 58 6.72 5.54 2.18
N ASP A 59 5.93 6.44 2.75
CA ASP A 59 4.76 6.97 2.06
C ASP A 59 5.17 8.04 1.04
N TRP A 60 6.14 8.85 1.40
CA TRP A 60 6.62 9.91 0.50
C TRP A 60 7.42 9.33 -0.65
N LEU A 61 8.08 8.20 -0.40
CA LEU A 61 8.89 7.55 -1.42
C LEU A 61 8.02 7.03 -2.55
N GLY A 62 8.64 6.74 -3.69
CA GLY A 62 7.90 6.24 -4.84
C GLY A 62 7.93 4.73 -4.93
N LEU A 63 7.14 4.18 -5.84
CA LEU A 63 7.08 2.74 -6.04
C LEU A 63 8.37 2.21 -6.66
N GLY A 64 8.79 2.84 -7.75
CA GLY A 64 10.01 2.42 -8.43
C GLY A 64 11.24 2.66 -7.58
N ILE A 65 11.18 3.66 -6.72
CA ILE A 65 12.31 4.00 -5.85
C ILE A 65 12.90 2.74 -5.21
N TYR A 66 12.03 1.82 -4.82
CA TYR A 66 12.45 0.57 -4.20
C TYR A 66 12.75 -0.49 -5.25
N GLY A 67 11.91 -0.57 -6.27
CA GLY A 67 12.10 -1.54 -7.32
C GLY A 67 10.98 -2.56 -7.38
N ILE A 68 9.77 -2.12 -7.07
CA ILE A 68 8.61 -3.00 -7.09
C ILE A 68 8.16 -3.28 -8.52
N GLN A 69 7.72 -4.51 -8.76
CA GLN A 69 7.27 -4.91 -10.09
C GLN A 69 5.78 -5.28 -10.07
N ASP A 70 5.26 -5.67 -11.22
CA ASP A 70 3.85 -6.06 -11.34
C ASP A 70 3.64 -7.49 -10.86
N SER A 71 2.45 -7.77 -10.34
CA SER A 71 2.13 -9.10 -9.85
C SER A 71 2.86 -9.39 -8.54
N ASP A 72 3.13 -8.34 -7.77
CA ASP A 72 3.82 -8.47 -6.50
C ASP A 72 2.82 -8.70 -5.36
N THR A 73 3.35 -8.91 -4.16
CA THR A 73 2.51 -9.15 -2.99
C THR A 73 2.98 -8.32 -1.79
N LEU A 74 2.18 -7.34 -1.41
CA LEU A 74 2.51 -6.47 -0.28
C LEU A 74 1.77 -6.90 0.97
N ILE A 75 2.50 -7.14 2.05
CA ILE A 75 1.90 -7.54 3.31
C ILE A 75 1.31 -6.35 4.07
N LEU A 76 0.10 -6.52 4.58
CA LEU A 76 -0.58 -5.45 5.31
C LEU A 76 -0.63 -5.77 6.80
N SER A 77 -0.10 -4.87 7.61
CA SER A 77 -0.09 -5.04 9.06
C SER A 77 -0.25 -3.71 9.78
N LYS A 78 -1.18 -3.67 10.73
CA LYS A 78 -1.44 -2.46 11.50
C LYS A 78 -0.28 -2.16 12.47
N LYS A 79 -0.07 -0.89 12.75
CA LYS A 79 1.00 -0.48 13.66
C LYS A 79 0.66 -0.86 15.09
N LYS A 80 1.67 -1.25 15.85
CA LYS A 80 1.49 -1.64 17.25
C LYS A 80 1.08 -0.44 18.10
N GLY A 81 0.05 -0.62 18.91
CA GLY A 81 -0.42 0.46 19.77
C GLY A 81 -1.16 1.54 18.99
N SER A 82 -2.32 1.95 19.51
CA SER A 82 -3.12 2.97 18.85
C SER A 82 -2.94 4.33 19.55
N GLY A 83 -3.29 4.37 20.84
CA GLY A 83 -3.16 5.60 21.59
C GLY A 83 -4.51 6.17 21.98
N PRO A 84 -4.54 7.49 22.27
CA PRO A 84 -5.77 8.18 22.67
C PRO A 84 -6.76 8.31 21.52
N SER A 85 -8.05 8.34 21.85
CA SER A 85 -9.09 8.45 20.84
C SER A 85 -9.12 9.86 20.24
N SER A 86 -9.34 10.86 21.08
CA SER A 86 -9.39 12.24 20.64
C SER A 86 -8.60 13.15 21.59
N GLY A 87 -8.46 14.41 21.22
CA GLY A 87 -7.74 15.36 22.04
C GLY A 87 -6.47 15.84 21.37
N GLY A 1 -12.45 8.66 -8.81
CA GLY A 1 -11.31 9.16 -9.55
C GLY A 1 -11.19 8.56 -10.93
N SER A 2 -10.04 7.94 -11.21
CA SER A 2 -9.81 7.32 -12.50
C SER A 2 -10.57 6.00 -12.63
N SER A 3 -10.73 5.53 -13.86
CA SER A 3 -11.44 4.28 -14.11
C SER A 3 -10.60 3.33 -14.95
N GLY A 4 -10.38 2.13 -14.44
CA GLY A 4 -9.59 1.15 -15.16
C GLY A 4 -8.16 1.07 -14.66
N SER A 5 -7.68 -0.15 -14.42
CA SER A 5 -6.33 -0.36 -13.93
C SER A 5 -5.37 0.67 -14.53
N SER A 6 -5.05 1.70 -13.75
CA SER A 6 -4.14 2.74 -14.20
C SER A 6 -2.74 2.55 -13.62
N GLY A 7 -1.92 1.79 -14.34
CA GLY A 7 -0.56 1.53 -13.87
C GLY A 7 -0.30 0.06 -13.65
N ILE A 8 0.46 -0.24 -12.60
CA ILE A 8 0.79 -1.63 -12.27
C ILE A 8 -0.20 -2.20 -11.27
N GLN A 9 -0.37 -3.53 -11.31
CA GLN A 9 -1.29 -4.20 -10.41
C GLN A 9 -0.53 -4.90 -9.29
N VAL A 10 -0.81 -4.50 -8.05
CA VAL A 10 -0.15 -5.08 -6.89
C VAL A 10 -1.14 -5.86 -6.04
N PHE A 11 -0.66 -6.90 -5.36
CA PHE A 11 -1.50 -7.72 -4.50
C PHE A 11 -1.29 -7.38 -3.04
N VAL A 12 -2.29 -6.76 -2.42
CA VAL A 12 -2.21 -6.39 -1.02
C VAL A 12 -2.75 -7.49 -0.11
N LYS A 13 -1.84 -8.22 0.52
CA LYS A 13 -2.22 -9.31 1.42
C LYS A 13 -2.60 -8.77 2.79
N ASN A 14 -3.89 -8.87 3.12
CA ASN A 14 -4.39 -8.39 4.40
C ASN A 14 -3.91 -9.29 5.54
N PRO A 15 -3.86 -8.74 6.76
CA PRO A 15 -3.43 -9.47 7.94
C PRO A 15 -4.43 -10.54 8.38
N ASP A 16 -5.70 -10.22 8.28
CA ASP A 16 -6.76 -11.15 8.65
C ASP A 16 -6.72 -12.39 7.76
N GLY A 17 -6.57 -12.19 6.46
CA GLY A 17 -6.52 -13.30 5.53
C GLY A 17 -7.12 -12.95 4.18
N GLY A 18 -6.32 -13.15 3.13
CA GLY A 18 -6.79 -12.85 1.78
C GLY A 18 -5.74 -12.13 0.95
N SER A 19 -6.20 -11.39 -0.06
CA SER A 19 -5.30 -10.67 -0.94
C SER A 19 -6.07 -9.81 -1.93
N TYR A 20 -5.94 -8.49 -1.80
CA TYR A 20 -6.63 -7.57 -2.69
C TYR A 20 -5.74 -7.15 -3.85
N ALA A 21 -6.35 -6.64 -4.90
CA ALA A 21 -5.61 -6.19 -6.09
C ALA A 21 -5.88 -4.72 -6.39
N TYR A 22 -4.86 -3.89 -6.21
CA TYR A 22 -4.98 -2.46 -6.45
C TYR A 22 -4.17 -2.05 -7.68
N ALA A 23 -4.56 -0.93 -8.28
CA ALA A 23 -3.87 -0.43 -9.46
C ALA A 23 -3.32 0.98 -9.22
N ILE A 24 -2.00 1.13 -9.37
CA ILE A 24 -1.36 2.41 -9.16
C ILE A 24 -0.11 2.54 -10.03
N ASN A 25 0.10 3.74 -10.57
CA ASN A 25 1.26 4.00 -11.42
C ASN A 25 2.56 3.82 -10.64
N PRO A 26 3.59 3.29 -11.33
CA PRO A 26 4.90 3.05 -10.71
C PRO A 26 5.65 4.36 -10.42
N ASN A 27 5.18 5.44 -11.01
CA ASN A 27 5.80 6.75 -10.80
C ASN A 27 5.18 7.46 -9.61
N SER A 28 3.93 7.14 -9.31
CA SER A 28 3.22 7.75 -8.19
C SER A 28 3.86 7.36 -6.87
N PHE A 29 3.60 8.15 -5.84
CA PHE A 29 4.16 7.88 -4.51
C PHE A 29 3.43 6.74 -3.83
N ILE A 30 4.14 6.01 -2.98
CA ILE A 30 3.56 4.88 -2.27
C ILE A 30 2.23 5.25 -1.64
N LEU A 31 2.17 6.45 -1.06
CA LEU A 31 0.94 6.94 -0.42
C LEU A 31 -0.26 6.73 -1.33
N GLY A 32 -0.13 7.17 -2.58
CA GLY A 32 -1.22 7.02 -3.52
C GLY A 32 -1.87 5.65 -3.47
N LEU A 33 -1.05 4.62 -3.24
CA LEU A 33 -1.55 3.26 -3.15
C LEU A 33 -2.32 3.03 -1.85
N LYS A 34 -1.70 3.40 -0.74
CA LYS A 34 -2.33 3.25 0.57
C LYS A 34 -3.69 3.94 0.61
N GLN A 35 -3.70 5.24 0.30
CA GLN A 35 -4.93 6.01 0.31
C GLN A 35 -6.09 5.17 -0.21
N GLN A 36 -5.88 4.52 -1.35
CA GLN A 36 -6.92 3.69 -1.96
C GLN A 36 -7.42 2.64 -0.97
N ILE A 37 -6.50 2.02 -0.25
CA ILE A 37 -6.85 1.00 0.73
C ILE A 37 -7.68 1.59 1.86
N GLU A 38 -7.33 2.79 2.29
CA GLU A 38 -8.05 3.47 3.36
C GLU A 38 -9.44 3.88 2.91
N ASP A 39 -9.58 4.17 1.61
CA ASP A 39 -10.86 4.58 1.05
C ASP A 39 -11.71 3.36 0.71
N GLN A 40 -11.06 2.20 0.57
CA GLN A 40 -11.76 0.97 0.24
C GLN A 40 -12.12 0.18 1.49
N GLN A 41 -11.08 -0.22 2.24
CA GLN A 41 -11.29 -0.98 3.46
C GLN A 41 -11.77 -0.09 4.60
N GLY A 42 -11.29 1.16 4.60
CA GLY A 42 -11.68 2.11 5.63
C GLY A 42 -10.65 2.21 6.74
N LEU A 43 -9.55 1.49 6.58
CA LEU A 43 -8.48 1.51 7.58
C LEU A 43 -7.54 2.70 7.36
N PRO A 44 -7.12 3.34 8.46
CA PRO A 44 -6.23 4.49 8.41
C PRO A 44 -4.81 4.11 7.99
N LYS A 45 -4.10 5.05 7.38
CA LYS A 45 -2.73 4.80 6.93
C LYS A 45 -1.78 4.71 8.11
N LYS A 46 -2.06 5.47 9.15
CA LYS A 46 -1.23 5.47 10.35
C LYS A 46 -1.25 4.09 11.02
N GLN A 47 -2.12 3.22 10.55
CA GLN A 47 -2.24 1.88 11.10
C GLN A 47 -1.65 0.84 10.15
N GLN A 48 -2.07 0.90 8.88
CA GLN A 48 -1.59 -0.04 7.87
C GLN A 48 -0.14 0.25 7.51
N GLN A 49 0.62 -0.80 7.26
CA GLN A 49 2.03 -0.66 6.90
C GLN A 49 2.45 -1.73 5.89
N LEU A 50 2.80 -1.29 4.69
CA LEU A 50 3.23 -2.21 3.64
C LEU A 50 4.72 -2.49 3.72
N GLU A 51 5.08 -3.77 3.70
CA GLU A 51 6.48 -4.16 3.78
C GLU A 51 6.89 -4.94 2.53
N PHE A 52 8.20 -5.02 2.30
CA PHE A 52 8.73 -5.74 1.14
C PHE A 52 10.10 -6.33 1.44
N GLN A 53 10.27 -7.62 1.12
CA GLN A 53 11.53 -8.30 1.37
C GLN A 53 12.06 -8.00 2.77
N GLY A 54 11.14 -7.73 3.69
CA GLY A 54 11.53 -7.43 5.05
C GLY A 54 11.98 -6.00 5.22
N GLN A 55 11.25 -5.06 4.64
CA GLN A 55 11.60 -3.65 4.73
C GLN A 55 10.34 -2.79 4.89
N VAL A 56 10.49 -1.66 5.55
CA VAL A 56 9.37 -0.75 5.78
C VAL A 56 9.24 0.25 4.64
N LEU A 57 8.03 0.38 4.10
CA LEU A 57 7.78 1.30 3.00
C LEU A 57 7.22 2.62 3.53
N GLN A 58 7.55 3.70 2.84
CA GLN A 58 7.08 5.03 3.23
C GLN A 58 5.87 5.45 2.39
N ASP A 59 5.42 6.68 2.58
CA ASP A 59 4.28 7.21 1.84
C ASP A 59 4.72 8.28 0.85
N TRP A 60 5.81 8.97 1.18
CA TRP A 60 6.34 10.02 0.32
C TRP A 60 7.22 9.44 -0.78
N LEU A 61 7.85 8.31 -0.49
CA LEU A 61 8.73 7.65 -1.45
C LEU A 61 7.95 7.21 -2.68
N GLY A 62 8.66 6.67 -3.66
CA GLY A 62 8.01 6.21 -4.88
C GLY A 62 8.15 4.71 -5.09
N LEU A 63 7.26 4.14 -5.88
CA LEU A 63 7.28 2.71 -6.16
C LEU A 63 8.59 2.32 -6.84
N GLY A 64 9.09 3.18 -7.70
CA GLY A 64 10.33 2.91 -8.42
C GLY A 64 11.55 3.06 -7.53
N ILE A 65 11.42 3.88 -6.49
CA ILE A 65 12.52 4.11 -5.55
C ILE A 65 13.00 2.80 -4.94
N TYR A 66 12.06 1.93 -4.59
CA TYR A 66 12.38 0.65 -3.98
C TYR A 66 12.69 -0.39 -5.06
N GLY A 67 11.87 -0.41 -6.10
CA GLY A 67 12.07 -1.36 -7.18
C GLY A 67 10.97 -2.40 -7.26
N ILE A 68 9.75 -1.98 -6.91
CA ILE A 68 8.60 -2.88 -6.94
C ILE A 68 8.19 -3.18 -8.37
N GLN A 69 7.74 -4.42 -8.60
CA GLN A 69 7.31 -4.84 -9.93
C GLN A 69 5.85 -5.27 -9.91
N ASP A 70 5.25 -5.36 -11.10
CA ASP A 70 3.86 -5.78 -11.22
C ASP A 70 3.67 -7.19 -10.70
N SER A 71 2.42 -7.54 -10.39
CA SER A 71 2.09 -8.86 -9.88
C SER A 71 2.95 -9.20 -8.66
N ASP A 72 3.14 -8.22 -7.80
CA ASP A 72 3.93 -8.40 -6.59
C ASP A 72 3.04 -8.64 -5.38
N THR A 73 3.65 -9.04 -4.27
CA THR A 73 2.91 -9.31 -3.04
C THR A 73 3.31 -8.33 -1.94
N LEU A 74 2.34 -7.58 -1.43
CA LEU A 74 2.59 -6.62 -0.37
C LEU A 74 1.92 -7.05 0.93
N ILE A 75 2.71 -7.15 2.01
CA ILE A 75 2.18 -7.54 3.30
C ILE A 75 1.53 -6.38 4.02
N LEU A 76 0.26 -6.54 4.38
CA LEU A 76 -0.48 -5.49 5.07
C LEU A 76 -0.70 -5.86 6.54
N SER A 77 -0.26 -4.98 7.44
CA SER A 77 -0.41 -5.22 8.87
C SER A 77 -0.67 -3.91 9.61
N LYS A 78 -1.45 -3.99 10.68
CA LYS A 78 -1.78 -2.82 11.47
C LYS A 78 -0.74 -2.59 12.57
N LYS A 79 -0.37 -1.33 12.77
CA LYS A 79 0.62 -0.98 13.79
C LYS A 79 0.12 -1.35 15.19
N LYS A 80 0.93 -2.13 15.90
CA LYS A 80 0.57 -2.56 17.25
C LYS A 80 0.67 -1.39 18.23
N GLY A 81 -0.36 -0.55 18.26
CA GLY A 81 -0.38 0.58 19.15
C GLY A 81 0.03 1.87 18.46
N SER A 82 -0.69 2.23 17.41
CA SER A 82 -0.40 3.45 16.66
C SER A 82 -0.34 4.66 17.59
N GLY A 83 0.85 5.25 17.70
CA GLY A 83 1.00 6.42 18.56
C GLY A 83 0.75 7.71 17.83
N PRO A 84 0.13 8.68 18.52
CA PRO A 84 -0.19 9.99 17.95
C PRO A 84 1.05 10.84 17.70
N SER A 85 1.04 11.60 16.61
CA SER A 85 2.17 12.46 16.27
C SER A 85 1.72 13.89 16.04
N SER A 86 2.64 14.83 16.22
CA SER A 86 2.34 16.25 16.03
C SER A 86 1.61 16.48 14.71
N GLY A 87 0.30 16.65 14.80
CA GLY A 87 -0.51 16.89 13.61
C GLY A 87 -0.94 18.34 13.47
N GLY A 1 -13.20 -0.34 -14.57
CA GLY A 1 -12.50 -0.68 -15.78
C GLY A 1 -12.60 0.40 -16.84
N SER A 2 -11.46 0.95 -17.24
CA SER A 2 -11.43 2.00 -18.25
C SER A 2 -10.57 1.60 -19.43
N SER A 3 -10.84 2.18 -20.59
CA SER A 3 -10.09 1.89 -21.81
C SER A 3 -8.64 2.29 -21.66
N GLY A 4 -7.74 1.33 -21.87
CA GLY A 4 -6.31 1.61 -21.75
C GLY A 4 -5.81 1.45 -20.33
N SER A 5 -5.90 0.25 -19.80
CA SER A 5 -5.45 -0.02 -18.43
C SER A 5 -3.95 0.22 -18.30
N SER A 6 -3.59 1.15 -17.42
CA SER A 6 -2.19 1.49 -17.19
C SER A 6 -1.80 1.25 -15.73
N GLY A 7 -0.55 1.52 -15.42
CA GLY A 7 -0.07 1.34 -14.05
C GLY A 7 0.23 -0.11 -13.73
N ILE A 8 0.83 -0.35 -12.57
CA ILE A 8 1.17 -1.70 -12.15
C ILE A 8 0.10 -2.28 -11.22
N GLN A 9 -0.06 -3.59 -11.27
CA GLN A 9 -1.05 -4.27 -10.44
C GLN A 9 -0.38 -5.00 -9.28
N VAL A 10 -0.67 -4.56 -8.06
CA VAL A 10 -0.09 -5.17 -6.87
C VAL A 10 -1.15 -5.89 -6.04
N PHE A 11 -0.73 -6.88 -5.28
CA PHE A 11 -1.66 -7.64 -4.43
C PHE A 11 -1.45 -7.32 -2.96
N VAL A 12 -2.39 -6.55 -2.40
CA VAL A 12 -2.31 -6.16 -1.00
C VAL A 12 -2.96 -7.20 -0.10
N LYS A 13 -2.13 -7.92 0.65
CA LYS A 13 -2.62 -8.96 1.55
C LYS A 13 -2.88 -8.38 2.95
N ASN A 14 -4.15 -8.42 3.37
CA ASN A 14 -4.52 -7.91 4.69
C ASN A 14 -4.00 -8.82 5.79
N PRO A 15 -3.79 -8.23 6.98
CA PRO A 15 -3.31 -8.97 8.15
C PRO A 15 -4.33 -9.95 8.69
N ASP A 16 -5.49 -10.01 8.06
CA ASP A 16 -6.56 -10.91 8.47
C ASP A 16 -6.46 -12.24 7.74
N GLY A 17 -6.43 -12.18 6.41
CA GLY A 17 -6.34 -13.39 5.61
C GLY A 17 -6.95 -13.22 4.24
N GLY A 18 -6.72 -12.05 3.63
CA GLY A 18 -7.25 -11.79 2.30
C GLY A 18 -6.28 -11.03 1.43
N SER A 19 -6.65 -10.83 0.17
CA SER A 19 -5.80 -10.12 -0.78
C SER A 19 -6.62 -9.59 -1.95
N TYR A 20 -6.29 -8.39 -2.41
CA TYR A 20 -7.00 -7.78 -3.53
C TYR A 20 -6.00 -7.21 -4.55
N ALA A 21 -6.52 -6.88 -5.73
CA ALA A 21 -5.69 -6.32 -6.79
C ALA A 21 -5.89 -4.82 -6.91
N TYR A 22 -4.87 -4.05 -6.55
CA TYR A 22 -4.94 -2.60 -6.62
C TYR A 22 -4.23 -2.08 -7.87
N ALA A 23 -4.70 -0.95 -8.37
CA ALA A 23 -4.13 -0.34 -9.56
C ALA A 23 -3.48 1.01 -9.24
N ILE A 24 -2.18 1.11 -9.49
CA ILE A 24 -1.45 2.35 -9.23
C ILE A 24 -0.20 2.44 -10.10
N ASN A 25 0.10 3.65 -10.56
CA ASN A 25 1.27 3.89 -11.40
C ASN A 25 2.55 3.83 -10.58
N PRO A 26 3.61 3.27 -11.17
CA PRO A 26 4.92 3.16 -10.51
C PRO A 26 5.61 4.50 -10.33
N ASN A 27 5.15 5.50 -11.10
CA ASN A 27 5.73 6.84 -11.04
C ASN A 27 5.15 7.61 -9.86
N SER A 28 3.95 7.24 -9.43
CA SER A 28 3.29 7.90 -8.32
C SER A 28 3.98 7.56 -7.00
N PHE A 29 3.63 8.30 -5.95
CA PHE A 29 4.21 8.07 -4.64
C PHE A 29 3.55 6.88 -3.94
N ILE A 30 4.27 6.28 -3.00
CA ILE A 30 3.75 5.14 -2.26
C ILE A 30 2.44 5.48 -1.57
N LEU A 31 2.42 6.60 -0.86
CA LEU A 31 1.23 7.04 -0.15
C LEU A 31 -0.03 6.75 -0.96
N GLY A 32 -0.04 7.21 -2.21
CA GLY A 32 -1.18 6.97 -3.07
C GLY A 32 -1.76 5.58 -2.91
N LEU A 33 -0.89 4.59 -2.85
CA LEU A 33 -1.33 3.20 -2.70
C LEU A 33 -2.16 3.03 -1.43
N LYS A 34 -1.58 3.41 -0.30
CA LYS A 34 -2.26 3.30 0.98
C LYS A 34 -3.67 3.86 0.90
N GLN A 35 -3.77 5.15 0.56
CA GLN A 35 -5.06 5.81 0.44
C GLN A 35 -6.10 4.88 -0.17
N GLN A 36 -5.75 4.25 -1.28
CA GLN A 36 -6.65 3.32 -1.96
C GLN A 36 -7.09 2.20 -1.02
N ILE A 37 -6.15 1.70 -0.23
CA ILE A 37 -6.43 0.62 0.70
C ILE A 37 -7.30 1.12 1.86
N GLU A 38 -7.17 2.40 2.18
CA GLU A 38 -7.94 3.00 3.27
C GLU A 38 -9.38 3.27 2.82
N ASP A 39 -9.53 3.79 1.61
CA ASP A 39 -10.85 4.08 1.06
C ASP A 39 -11.57 2.81 0.63
N GLN A 40 -10.83 1.70 0.60
CA GLN A 40 -11.39 0.42 0.20
C GLN A 40 -11.66 -0.46 1.42
N GLN A 41 -10.63 -0.66 2.23
CA GLN A 41 -10.74 -1.49 3.42
C GLN A 41 -11.33 -0.69 4.58
N GLY A 42 -11.32 0.63 4.44
CA GLY A 42 -11.86 1.50 5.48
C GLY A 42 -10.85 1.77 6.58
N LEU A 43 -9.74 1.03 6.56
CA LEU A 43 -8.69 1.19 7.56
C LEU A 43 -7.93 2.50 7.34
N PRO A 44 -7.64 3.21 8.45
CA PRO A 44 -6.91 4.48 8.40
C PRO A 44 -5.45 4.30 8.01
N LYS A 45 -4.90 5.27 7.29
CA LYS A 45 -3.51 5.22 6.86
C LYS A 45 -2.57 5.41 8.04
N LYS A 46 -3.14 5.76 9.19
CA LYS A 46 -2.34 5.98 10.40
C LYS A 46 -2.17 4.67 11.18
N GLN A 47 -2.63 3.57 10.59
CA GLN A 47 -2.54 2.27 11.23
C GLN A 47 -1.99 1.22 10.26
N GLN A 48 -2.41 1.32 9.00
CA GLN A 48 -1.97 0.39 7.98
C GLN A 48 -0.51 0.64 7.61
N GLN A 49 0.25 -0.44 7.42
CA GLN A 49 1.65 -0.34 7.06
C GLN A 49 2.05 -1.43 6.07
N LEU A 50 2.48 -1.02 4.88
CA LEU A 50 2.89 -1.96 3.85
C LEU A 50 4.39 -2.23 3.93
N GLU A 51 4.78 -3.42 3.48
CA GLU A 51 6.19 -3.81 3.49
C GLU A 51 6.55 -4.61 2.24
N PHE A 52 7.76 -4.39 1.74
CA PHE A 52 8.22 -5.09 0.54
C PHE A 52 9.57 -5.75 0.79
N GLN A 53 9.55 -7.06 1.02
CA GLN A 53 10.77 -7.82 1.27
C GLN A 53 11.32 -7.51 2.66
N GLY A 54 10.44 -7.55 3.66
CA GLY A 54 10.87 -7.28 5.02
C GLY A 54 11.38 -5.86 5.19
N GLN A 55 10.80 -4.93 4.45
CA GLN A 55 11.22 -3.53 4.53
C GLN A 55 10.00 -2.62 4.65
N VAL A 56 10.24 -1.39 5.13
CA VAL A 56 9.16 -0.41 5.30
C VAL A 56 9.17 0.60 4.15
N LEU A 57 7.97 0.99 3.73
CA LEU A 57 7.82 1.95 2.64
C LEU A 57 7.39 3.32 3.18
N GLN A 58 7.96 4.37 2.62
CA GLN A 58 7.63 5.73 3.04
C GLN A 58 6.43 6.27 2.27
N ASP A 59 6.10 7.53 2.50
CA ASP A 59 4.97 8.16 1.82
C ASP A 59 5.47 9.09 0.70
N TRP A 60 6.66 9.66 0.90
CA TRP A 60 7.23 10.57 -0.08
C TRP A 60 8.00 9.80 -1.15
N LEU A 61 8.35 8.56 -0.84
CA LEU A 61 9.09 7.71 -1.77
C LEU A 61 8.14 7.05 -2.77
N GLY A 62 8.61 6.87 -4.00
CA GLY A 62 7.80 6.25 -5.02
C GLY A 62 7.91 4.74 -5.00
N LEU A 63 7.15 4.08 -5.89
CA LEU A 63 7.17 2.62 -5.97
C LEU A 63 8.39 2.14 -6.75
N GLY A 64 8.96 3.02 -7.57
CA GLY A 64 10.12 2.66 -8.35
C GLY A 64 11.42 2.79 -7.56
N ILE A 65 11.42 3.70 -6.59
CA ILE A 65 12.60 3.92 -5.76
C ILE A 65 13.14 2.61 -5.22
N TYR A 66 12.25 1.76 -4.71
CA TYR A 66 12.64 0.47 -4.16
C TYR A 66 12.86 -0.55 -5.27
N GLY A 67 12.14 -0.39 -6.38
CA GLY A 67 12.28 -1.29 -7.50
C GLY A 67 11.17 -2.32 -7.54
N ILE A 68 10.00 -1.96 -7.01
CA ILE A 68 8.86 -2.87 -6.99
C ILE A 68 8.46 -3.27 -8.41
N GLN A 69 7.95 -4.50 -8.54
CA GLN A 69 7.53 -5.01 -9.84
C GLN A 69 6.01 -5.20 -9.88
N ASP A 70 5.48 -5.41 -11.08
CA ASP A 70 4.05 -5.62 -11.26
C ASP A 70 3.62 -6.96 -10.70
N SER A 71 2.32 -7.14 -10.54
CA SER A 71 1.77 -8.38 -10.01
C SER A 71 2.58 -8.87 -8.82
N ASP A 72 2.99 -7.94 -7.96
CA ASP A 72 3.77 -8.27 -6.78
C ASP A 72 2.86 -8.50 -5.57
N THR A 73 3.46 -8.99 -4.49
CA THR A 73 2.70 -9.27 -3.27
C THR A 73 3.17 -8.38 -2.13
N LEU A 74 2.28 -7.51 -1.65
CA LEU A 74 2.61 -6.60 -0.56
C LEU A 74 1.92 -7.04 0.73
N ILE A 75 2.67 -7.03 1.83
CA ILE A 75 2.12 -7.42 3.12
C ILE A 75 1.57 -6.21 3.89
N LEU A 76 0.48 -6.41 4.59
CA LEU A 76 -0.15 -5.33 5.36
C LEU A 76 -0.19 -5.69 6.85
N SER A 77 0.22 -4.74 7.69
CA SER A 77 0.22 -4.95 9.13
C SER A 77 -0.18 -3.68 9.86
N LYS A 78 -1.13 -3.80 10.77
CA LYS A 78 -1.61 -2.67 11.55
C LYS A 78 -0.55 -2.20 12.55
N LYS A 79 -0.56 -0.90 12.86
CA LYS A 79 0.40 -0.35 13.80
C LYS A 79 0.16 -0.87 15.21
N LYS A 80 1.20 -1.40 15.84
CA LYS A 80 1.09 -1.93 17.18
C LYS A 80 1.33 -0.84 18.22
N GLY A 81 0.50 -0.83 19.27
CA GLY A 81 0.62 0.17 20.30
C GLY A 81 -0.43 1.26 20.20
N SER A 82 -0.75 1.88 21.34
CA SER A 82 -1.75 2.94 21.37
C SER A 82 -1.12 4.27 21.79
N GLY A 83 -1.88 5.35 21.64
CA GLY A 83 -1.39 6.67 22.00
C GLY A 83 -2.10 7.78 21.25
N PRO A 84 -1.44 8.94 21.17
CA PRO A 84 -2.00 10.12 20.48
C PRO A 84 -2.06 9.93 18.98
N SER A 85 -2.63 10.91 18.28
CA SER A 85 -2.75 10.85 16.83
C SER A 85 -2.28 12.15 16.20
N SER A 86 -1.78 12.06 14.96
CA SER A 86 -1.30 13.23 14.25
C SER A 86 -1.82 13.23 12.80
N GLY A 87 -2.63 14.23 12.47
CA GLY A 87 -3.17 14.34 11.14
C GLY A 87 -3.97 15.62 10.93
N GLY A 1 -0.23 15.48 -7.52
CA GLY A 1 -0.43 14.06 -7.76
C GLY A 1 -0.93 13.77 -9.16
N SER A 2 -1.23 12.50 -9.42
CA SER A 2 -1.71 12.09 -10.73
C SER A 2 -2.56 10.82 -10.63
N SER A 3 -3.44 10.62 -11.60
CA SER A 3 -4.31 9.45 -11.60
C SER A 3 -3.59 8.25 -12.21
N GLY A 4 -3.99 7.05 -11.78
CA GLY A 4 -3.37 5.84 -12.29
C GLY A 4 -3.80 5.52 -13.70
N SER A 5 -2.98 5.92 -14.68
CA SER A 5 -3.28 5.68 -16.07
C SER A 5 -2.52 4.46 -16.59
N SER A 6 -3.14 3.29 -16.48
CA SER A 6 -2.52 2.05 -16.93
C SER A 6 -1.31 1.71 -16.06
N GLY A 7 -1.38 2.07 -14.79
CA GLY A 7 -0.28 1.78 -13.88
C GLY A 7 0.00 0.30 -13.76
N ILE A 8 0.47 -0.11 -12.58
CA ILE A 8 0.78 -1.52 -12.34
C ILE A 8 -0.28 -2.17 -11.46
N GLN A 9 -0.17 -3.48 -11.30
CA GLN A 9 -1.12 -4.22 -10.48
C GLN A 9 -0.42 -4.91 -9.32
N VAL A 10 -0.68 -4.45 -8.11
CA VAL A 10 -0.07 -5.03 -6.91
C VAL A 10 -1.09 -5.82 -6.10
N PHE A 11 -0.63 -6.86 -5.43
CA PHE A 11 -1.49 -7.70 -4.61
C PHE A 11 -1.33 -7.39 -3.13
N VAL A 12 -2.35 -6.76 -2.55
CA VAL A 12 -2.32 -6.39 -1.14
C VAL A 12 -2.92 -7.49 -0.28
N LYS A 13 -2.06 -8.25 0.39
CA LYS A 13 -2.49 -9.33 1.26
C LYS A 13 -2.94 -8.81 2.61
N ASN A 14 -4.19 -9.10 2.98
CA ASN A 14 -4.74 -8.65 4.25
C ASN A 14 -4.40 -9.64 5.37
N PRO A 15 -4.33 -9.13 6.60
CA PRO A 15 -4.01 -9.95 7.78
C PRO A 15 -5.15 -10.91 8.13
N ASP A 16 -6.34 -10.62 7.62
CA ASP A 16 -7.51 -11.46 7.88
C ASP A 16 -7.36 -12.83 7.22
N GLY A 17 -6.98 -12.82 5.95
CA GLY A 17 -6.81 -14.07 5.22
C GLY A 17 -7.20 -13.94 3.76
N GLY A 18 -6.47 -13.10 3.03
CA GLY A 18 -6.76 -12.90 1.62
C GLY A 18 -5.82 -11.91 0.97
N SER A 19 -6.13 -11.53 -0.27
CA SER A 19 -5.31 -10.58 -1.01
C SER A 19 -6.10 -9.94 -2.14
N TYR A 20 -5.98 -8.63 -2.28
CA TYR A 20 -6.69 -7.89 -3.32
C TYR A 20 -5.72 -7.33 -4.35
N ALA A 21 -6.21 -7.06 -5.55
CA ALA A 21 -5.38 -6.50 -6.62
C ALA A 21 -5.65 -5.01 -6.81
N TYR A 22 -4.69 -4.19 -6.40
CA TYR A 22 -4.83 -2.75 -6.52
C TYR A 22 -4.07 -2.24 -7.75
N ALA A 23 -4.54 -1.12 -8.31
CA ALA A 23 -3.91 -0.52 -9.47
C ALA A 23 -3.45 0.90 -9.19
N ILE A 24 -2.17 1.17 -9.39
CA ILE A 24 -1.61 2.49 -9.15
C ILE A 24 -0.38 2.73 -10.01
N ASN A 25 -0.12 3.99 -10.34
CA ASN A 25 1.03 4.35 -11.16
C ASN A 25 2.33 4.11 -10.40
N PRO A 26 3.35 3.60 -11.11
CA PRO A 26 4.66 3.32 -10.52
C PRO A 26 5.42 4.59 -10.16
N ASN A 27 5.34 5.58 -11.03
CA ASN A 27 6.02 6.85 -10.81
C ASN A 27 5.41 7.60 -9.63
N SER A 28 4.15 7.28 -9.33
CA SER A 28 3.45 7.93 -8.22
C SER A 28 4.04 7.51 -6.88
N PHE A 29 3.90 8.36 -5.88
CA PHE A 29 4.41 8.07 -4.55
C PHE A 29 3.69 6.88 -3.93
N ILE A 30 4.29 6.29 -2.91
CA ILE A 30 3.71 5.14 -2.23
C ILE A 30 2.35 5.50 -1.61
N LEU A 31 2.31 6.62 -0.91
CA LEU A 31 1.07 7.07 -0.27
C LEU A 31 -0.14 6.78 -1.17
N GLY A 32 -0.04 7.17 -2.43
CA GLY A 32 -1.12 6.94 -3.37
C GLY A 32 -1.74 5.56 -3.21
N LEU A 33 -0.89 4.55 -3.06
CA LEU A 33 -1.36 3.18 -2.90
C LEU A 33 -2.14 3.02 -1.60
N LYS A 34 -1.62 3.57 -0.52
CA LYS A 34 -2.27 3.50 0.78
C LYS A 34 -3.67 4.11 0.72
N GLN A 35 -3.74 5.38 0.33
CA GLN A 35 -5.00 6.09 0.24
C GLN A 35 -6.09 5.17 -0.30
N GLN A 36 -5.80 4.50 -1.41
CA GLN A 36 -6.77 3.59 -2.02
C GLN A 36 -7.24 2.54 -1.02
N ILE A 37 -6.32 2.04 -0.21
CA ILE A 37 -6.65 1.04 0.80
C ILE A 37 -7.45 1.65 1.94
N GLU A 38 -7.20 2.93 2.23
CA GLU A 38 -7.90 3.62 3.30
C GLU A 38 -9.34 3.92 2.90
N ASP A 39 -9.54 4.14 1.60
CA ASP A 39 -10.88 4.45 1.09
C ASP A 39 -11.63 3.17 0.75
N GLN A 40 -10.89 2.10 0.47
CA GLN A 40 -11.50 0.82 0.14
C GLN A 40 -11.80 0.02 1.39
N GLN A 41 -10.78 -0.19 2.22
CA GLN A 41 -10.95 -0.96 3.46
C GLN A 41 -11.51 -0.07 4.57
N GLY A 42 -11.13 1.21 4.55
CA GLY A 42 -11.60 2.13 5.55
C GLY A 42 -10.62 2.30 6.70
N LEU A 43 -9.49 1.61 6.61
CA LEU A 43 -8.47 1.68 7.65
C LEU A 43 -7.53 2.87 7.41
N PRO A 44 -7.17 3.56 8.49
CA PRO A 44 -6.27 4.72 8.42
C PRO A 44 -4.84 4.33 8.06
N LYS A 45 -4.13 5.25 7.40
CA LYS A 45 -2.75 5.00 7.00
C LYS A 45 -1.82 4.98 8.21
N LYS A 46 -2.18 5.75 9.24
CA LYS A 46 -1.38 5.82 10.46
C LYS A 46 -1.39 4.49 11.20
N GLN A 47 -2.18 3.54 10.69
CA GLN A 47 -2.27 2.22 11.30
C GLN A 47 -1.72 1.15 10.38
N GLN A 48 -2.11 1.20 9.11
CA GLN A 48 -1.65 0.22 8.13
C GLN A 48 -0.18 0.46 7.78
N GLN A 49 0.55 -0.62 7.59
CA GLN A 49 1.98 -0.54 7.25
C GLN A 49 2.37 -1.65 6.29
N LEU A 50 2.71 -1.27 5.06
CA LEU A 50 3.11 -2.24 4.04
C LEU A 50 4.64 -2.39 4.01
N GLU A 51 5.09 -3.60 3.72
CA GLU A 51 6.52 -3.88 3.65
C GLU A 51 6.86 -4.74 2.43
N PHE A 52 8.13 -4.79 2.07
CA PHE A 52 8.59 -5.57 0.93
C PHE A 52 10.00 -6.09 1.15
N GLN A 53 10.14 -7.41 1.11
CA GLN A 53 11.44 -8.04 1.31
C GLN A 53 12.06 -7.61 2.64
N GLY A 54 11.21 -7.34 3.62
CA GLY A 54 11.69 -6.93 4.93
C GLY A 54 12.09 -5.46 4.95
N GLN A 55 11.25 -4.61 4.39
CA GLN A 55 11.52 -3.18 4.36
C GLN A 55 10.26 -2.37 4.64
N VAL A 56 10.44 -1.16 5.14
CA VAL A 56 9.32 -0.29 5.46
C VAL A 56 9.15 0.80 4.40
N LEU A 57 8.04 0.77 3.69
CA LEU A 57 7.76 1.74 2.64
C LEU A 57 7.17 3.02 3.24
N GLN A 58 7.74 4.16 2.89
CA GLN A 58 7.27 5.44 3.38
C GLN A 58 6.13 5.98 2.51
N ASP A 59 5.70 7.20 2.81
CA ASP A 59 4.61 7.82 2.06
C ASP A 59 5.15 8.82 1.05
N TRP A 60 6.35 9.35 1.33
CA TRP A 60 6.98 10.33 0.46
C TRP A 60 7.74 9.63 -0.67
N LEU A 61 8.15 8.39 -0.42
CA LEU A 61 8.89 7.62 -1.41
C LEU A 61 7.97 7.18 -2.56
N GLY A 62 8.54 6.50 -3.55
CA GLY A 62 7.76 6.03 -4.67
C GLY A 62 7.91 4.54 -4.91
N LEU A 63 7.03 3.97 -5.72
CA LEU A 63 7.07 2.55 -6.02
C LEU A 63 8.34 2.20 -6.81
N GLY A 64 8.74 3.10 -7.70
CA GLY A 64 9.93 2.86 -8.50
C GLY A 64 11.21 3.04 -7.70
N ILE A 65 11.11 3.71 -6.56
CA ILE A 65 12.26 3.95 -5.71
C ILE A 65 12.82 2.64 -5.17
N TYR A 66 11.93 1.76 -4.73
CA TYR A 66 12.34 0.47 -4.19
C TYR A 66 12.62 -0.53 -5.31
N GLY A 67 11.78 -0.50 -6.35
CA GLY A 67 11.95 -1.40 -7.46
C GLY A 67 10.89 -2.49 -7.50
N ILE A 68 9.69 -2.16 -7.04
CA ILE A 68 8.59 -3.11 -7.02
C ILE A 68 8.09 -3.39 -8.43
N GLN A 69 7.93 -4.67 -8.75
CA GLN A 69 7.45 -5.08 -10.07
C GLN A 69 6.00 -5.51 -10.01
N ASP A 70 5.35 -5.55 -11.17
CA ASP A 70 3.94 -5.94 -11.26
C ASP A 70 3.74 -7.33 -10.66
N SER A 71 2.49 -7.63 -10.29
CA SER A 71 2.16 -8.92 -9.70
C SER A 71 2.95 -9.15 -8.41
N ASP A 72 3.25 -8.07 -7.70
CA ASP A 72 3.99 -8.15 -6.46
C ASP A 72 3.06 -8.43 -5.28
N THR A 73 3.60 -9.04 -4.23
CA THR A 73 2.81 -9.37 -3.05
C THR A 73 3.19 -8.46 -1.88
N LEU A 74 2.25 -7.60 -1.48
CA LEU A 74 2.48 -6.68 -0.37
C LEU A 74 1.74 -7.14 0.88
N ILE A 75 2.44 -7.16 2.00
CA ILE A 75 1.84 -7.57 3.27
C ILE A 75 1.26 -6.38 4.02
N LEU A 76 0.09 -6.58 4.61
CA LEU A 76 -0.57 -5.51 5.36
C LEU A 76 -0.63 -5.85 6.85
N SER A 77 -0.14 -4.95 7.68
CA SER A 77 -0.13 -5.15 9.12
C SER A 77 -0.35 -3.83 9.85
N LYS A 78 -1.27 -3.83 10.81
CA LYS A 78 -1.57 -2.64 11.59
C LYS A 78 -0.47 -2.37 12.62
N LYS A 79 -0.26 -1.09 12.92
CA LYS A 79 0.76 -0.71 13.90
C LYS A 79 0.40 -1.19 15.30
N LYS A 80 1.30 -1.95 15.91
CA LYS A 80 1.08 -2.47 17.25
C LYS A 80 0.43 -1.42 18.15
N GLY A 81 -0.17 -1.87 19.24
CA GLY A 81 -0.81 -0.95 20.17
C GLY A 81 -2.11 -1.50 20.72
N SER A 82 -2.50 -1.01 21.89
CA SER A 82 -3.74 -1.46 22.53
C SER A 82 -4.78 -0.35 22.53
N GLY A 83 -4.34 0.87 22.85
CA GLY A 83 -5.25 1.99 22.89
C GLY A 83 -4.91 3.04 21.83
N PRO A 84 -5.39 2.82 20.60
CA PRO A 84 -5.14 3.74 19.48
C PRO A 84 -5.90 5.05 19.63
N SER A 85 -6.95 5.02 20.45
CA SER A 85 -7.77 6.21 20.68
C SER A 85 -8.11 6.36 22.16
N SER A 86 -7.83 7.53 22.71
CA SER A 86 -8.11 7.80 24.12
C SER A 86 -7.83 6.57 24.97
N GLY A 87 -6.72 5.88 24.67
CA GLY A 87 -6.37 4.69 25.42
C GLY A 87 -7.39 3.58 25.27
N GLY A 1 -14.67 7.91 -26.54
CA GLY A 1 -14.23 7.38 -25.26
C GLY A 1 -12.76 7.04 -25.24
N SER A 2 -12.05 7.55 -24.25
CA SER A 2 -10.61 7.30 -24.14
C SER A 2 -10.33 5.81 -23.94
N SER A 3 -9.24 5.34 -24.52
CA SER A 3 -8.87 3.93 -24.42
C SER A 3 -7.40 3.79 -24.03
N GLY A 4 -7.10 2.76 -23.25
CA GLY A 4 -5.74 2.52 -22.81
C GLY A 4 -5.65 2.20 -21.34
N SER A 5 -4.47 1.78 -20.90
CA SER A 5 -4.25 1.43 -19.49
C SER A 5 -2.81 1.70 -19.09
N SER A 6 -2.64 2.50 -18.03
CA SER A 6 -1.31 2.84 -17.54
C SER A 6 -1.20 2.55 -16.05
N GLY A 7 -0.09 1.92 -15.65
CA GLY A 7 0.11 1.59 -14.25
C GLY A 7 0.45 0.13 -14.04
N ILE A 8 0.57 -0.26 -12.78
CA ILE A 8 0.90 -1.64 -12.44
C ILE A 8 -0.13 -2.23 -11.47
N GLN A 9 -0.18 -3.56 -11.40
CA GLN A 9 -1.10 -4.24 -10.51
C GLN A 9 -0.38 -4.83 -9.31
N VAL A 10 -0.80 -4.42 -8.11
CA VAL A 10 -0.19 -4.90 -6.88
C VAL A 10 -1.20 -5.67 -6.03
N PHE A 11 -0.71 -6.67 -5.31
CA PHE A 11 -1.57 -7.49 -4.46
C PHE A 11 -1.40 -7.12 -3.00
N VAL A 12 -2.41 -6.46 -2.42
CA VAL A 12 -2.36 -6.05 -1.03
C VAL A 12 -2.90 -7.15 -0.12
N LYS A 13 -2.00 -7.77 0.64
CA LYS A 13 -2.39 -8.83 1.56
C LYS A 13 -2.72 -8.27 2.94
N ASN A 14 -3.99 -8.32 3.30
CA ASN A 14 -4.44 -7.82 4.59
C ASN A 14 -3.98 -8.73 5.73
N PRO A 15 -3.85 -8.16 6.94
CA PRO A 15 -3.42 -8.91 8.12
C PRO A 15 -4.47 -9.90 8.60
N ASP A 16 -5.58 -9.96 7.87
CA ASP A 16 -6.67 -10.87 8.22
C ASP A 16 -6.60 -12.14 7.40
N GLY A 17 -6.45 -11.98 6.08
CA GLY A 17 -6.37 -13.14 5.20
C GLY A 17 -7.06 -12.89 3.87
N GLY A 18 -6.61 -11.87 3.15
CA GLY A 18 -7.21 -11.55 1.86
C GLY A 18 -6.29 -10.72 1.00
N SER A 19 -6.16 -11.10 -0.27
CA SER A 19 -5.31 -10.38 -1.21
C SER A 19 -6.13 -9.83 -2.38
N TYR A 20 -6.15 -8.51 -2.51
CA TYR A 20 -6.89 -7.86 -3.59
C TYR A 20 -5.94 -7.25 -4.61
N ALA A 21 -6.46 -7.02 -5.81
CA ALA A 21 -5.66 -6.43 -6.89
C ALA A 21 -5.97 -4.96 -7.07
N TYR A 22 -5.01 -4.10 -6.75
CA TYR A 22 -5.18 -2.66 -6.88
C TYR A 22 -4.53 -2.14 -8.15
N ALA A 23 -4.91 -0.94 -8.57
CA ALA A 23 -4.35 -0.33 -9.77
C ALA A 23 -3.78 1.05 -9.46
N ILE A 24 -2.47 1.19 -9.64
CA ILE A 24 -1.79 2.45 -9.38
C ILE A 24 -0.49 2.54 -10.16
N ASN A 25 -0.16 3.75 -10.61
CA ASN A 25 1.07 3.98 -11.38
C ASN A 25 2.30 3.85 -10.48
N PRO A 26 3.38 3.29 -11.03
CA PRO A 26 4.63 3.10 -10.30
C PRO A 26 5.34 4.42 -10.01
N ASN A 27 5.00 5.44 -10.78
CA ASN A 27 5.60 6.76 -10.62
C ASN A 27 5.07 7.45 -9.36
N SER A 28 3.80 7.23 -9.07
CA SER A 28 3.17 7.83 -7.90
C SER A 28 3.93 7.45 -6.63
N PHE A 29 3.60 8.14 -5.53
CA PHE A 29 4.25 7.89 -4.25
C PHE A 29 3.59 6.73 -3.53
N ILE A 30 4.33 6.07 -2.64
CA ILE A 30 3.81 4.95 -1.88
C ILE A 30 2.50 5.31 -1.19
N LEU A 31 2.47 6.46 -0.53
CA LEU A 31 1.29 6.92 0.17
C LEU A 31 0.05 6.79 -0.71
N GLY A 32 0.21 7.11 -1.98
CA GLY A 32 -0.91 7.02 -2.91
C GLY A 32 -1.58 5.67 -2.88
N LEU A 33 -0.79 4.61 -2.87
CA LEU A 33 -1.32 3.26 -2.83
C LEU A 33 -2.11 3.01 -1.56
N LYS A 34 -1.55 3.45 -0.43
CA LYS A 34 -2.21 3.29 0.86
C LYS A 34 -3.62 3.86 0.84
N GLN A 35 -3.73 5.11 0.38
CA GLN A 35 -5.03 5.78 0.31
C GLN A 35 -6.10 4.83 -0.22
N GLN A 36 -5.79 4.14 -1.30
CA GLN A 36 -6.73 3.19 -1.90
C GLN A 36 -7.16 2.14 -0.89
N ILE A 37 -6.22 1.73 -0.03
CA ILE A 37 -6.50 0.73 0.99
C ILE A 37 -7.41 1.30 2.09
N GLU A 38 -7.25 2.59 2.36
CA GLU A 38 -8.06 3.25 3.39
C GLU A 38 -9.49 3.44 2.92
N ASP A 39 -9.65 3.64 1.61
CA ASP A 39 -10.98 3.85 1.03
C ASP A 39 -11.65 2.52 0.75
N GLN A 40 -10.89 1.43 0.80
CA GLN A 40 -11.42 0.10 0.55
C GLN A 40 -11.66 -0.65 1.87
N GLN A 41 -10.59 -0.86 2.63
CA GLN A 41 -10.69 -1.55 3.91
C GLN A 41 -11.30 -0.65 4.97
N GLY A 42 -10.96 0.64 4.92
CA GLY A 42 -11.49 1.59 5.89
C GLY A 42 -10.44 2.01 6.90
N LEU A 43 -9.42 1.19 7.08
CA LEU A 43 -8.35 1.48 8.03
C LEU A 43 -7.60 2.74 7.62
N PRO A 44 -7.31 3.60 8.61
CA PRO A 44 -6.58 4.86 8.38
C PRO A 44 -5.12 4.62 8.02
N LYS A 45 -4.58 5.49 7.18
CA LYS A 45 -3.18 5.39 6.76
C LYS A 45 -2.23 5.58 7.94
N LYS A 46 -2.73 6.25 8.98
CA LYS A 46 -1.93 6.50 10.17
C LYS A 46 -1.82 5.24 11.03
N GLN A 47 -2.32 4.14 10.51
CA GLN A 47 -2.28 2.86 11.22
C GLN A 47 -1.78 1.74 10.32
N GLN A 48 -2.20 1.78 9.06
CA GLN A 48 -1.80 0.77 8.09
C GLN A 48 -0.32 0.90 7.73
N GLN A 49 0.33 -0.22 7.52
CA GLN A 49 1.75 -0.23 7.18
C GLN A 49 2.07 -1.34 6.18
N LEU A 50 2.69 -0.96 5.05
CA LEU A 50 3.04 -1.92 4.02
C LEU A 50 4.54 -2.20 4.02
N GLU A 51 4.90 -3.46 3.89
CA GLU A 51 6.30 -3.86 3.88
C GLU A 51 6.63 -4.70 2.65
N PHE A 52 7.90 -4.74 2.27
CA PHE A 52 8.33 -5.51 1.12
C PHE A 52 9.72 -6.10 1.35
N GLN A 53 9.77 -7.42 1.50
CA GLN A 53 11.03 -8.12 1.73
C GLN A 53 11.66 -7.69 3.05
N GLY A 54 10.84 -7.61 4.09
CA GLY A 54 11.34 -7.21 5.40
C GLY A 54 11.81 -5.77 5.42
N GLN A 55 11.00 -4.88 4.84
CA GLN A 55 11.35 -3.46 4.79
C GLN A 55 10.12 -2.60 5.07
N VAL A 56 10.36 -1.35 5.45
CA VAL A 56 9.28 -0.42 5.75
C VAL A 56 9.18 0.65 4.66
N LEU A 57 8.14 0.55 3.84
CA LEU A 57 7.92 1.51 2.76
C LEU A 57 7.54 2.88 3.32
N GLN A 58 8.19 3.92 2.81
CA GLN A 58 7.93 5.28 3.26
C GLN A 58 6.75 5.88 2.50
N ASP A 59 6.48 7.16 2.75
CA ASP A 59 5.39 7.85 2.08
C ASP A 59 5.90 8.70 0.93
N TRP A 60 7.05 9.33 1.13
CA TRP A 60 7.65 10.17 0.11
C TRP A 60 8.35 9.33 -0.96
N LEU A 61 8.66 8.09 -0.61
CA LEU A 61 9.32 7.17 -1.54
C LEU A 61 8.34 6.63 -2.57
N GLY A 62 8.81 6.47 -3.80
CA GLY A 62 7.97 5.95 -4.86
C GLY A 62 7.96 4.44 -4.91
N LEU A 63 7.24 3.89 -5.89
CA LEU A 63 7.16 2.44 -6.04
C LEU A 63 8.38 1.90 -6.79
N GLY A 64 8.96 2.74 -7.64
CA GLY A 64 10.13 2.33 -8.40
C GLY A 64 11.42 2.49 -7.61
N ILE A 65 11.39 3.34 -6.60
CA ILE A 65 12.56 3.58 -5.77
C ILE A 65 13.05 2.28 -5.14
N TYR A 66 12.12 1.50 -4.60
CA TYR A 66 12.47 0.24 -3.96
C TYR A 66 12.71 -0.85 -5.00
N GLY A 67 11.94 -0.82 -6.08
CA GLY A 67 12.09 -1.81 -7.13
C GLY A 67 10.87 -2.70 -7.26
N ILE A 68 9.72 -2.21 -6.83
CA ILE A 68 8.49 -2.98 -6.90
C ILE A 68 8.02 -3.15 -8.34
N GLN A 69 7.71 -4.38 -8.72
CA GLN A 69 7.25 -4.66 -10.07
C GLN A 69 5.78 -5.08 -10.07
N ASP A 70 5.21 -5.22 -11.26
CA ASP A 70 3.80 -5.62 -11.40
C ASP A 70 3.60 -7.06 -10.95
N SER A 71 2.39 -7.36 -10.51
CA SER A 71 2.06 -8.70 -10.04
C SER A 71 2.90 -9.08 -8.82
N ASP A 72 3.11 -8.11 -7.93
CA ASP A 72 3.89 -8.34 -6.73
C ASP A 72 2.98 -8.51 -5.51
N THR A 73 3.56 -8.93 -4.40
CA THR A 73 2.81 -9.14 -3.17
C THR A 73 3.28 -8.21 -2.06
N LEU A 74 2.37 -7.37 -1.57
CA LEU A 74 2.70 -6.42 -0.51
C LEU A 74 2.05 -6.84 0.80
N ILE A 75 2.86 -6.86 1.87
CA ILE A 75 2.37 -7.24 3.19
C ILE A 75 1.77 -6.05 3.91
N LEU A 76 0.50 -6.17 4.29
CA LEU A 76 -0.20 -5.09 5.00
C LEU A 76 -0.49 -5.49 6.44
N SER A 77 -0.11 -4.63 7.38
CA SER A 77 -0.33 -4.89 8.80
C SER A 77 -0.61 -3.59 9.55
N LYS A 78 -1.36 -3.71 10.64
CA LYS A 78 -1.70 -2.54 11.45
C LYS A 78 -0.53 -2.15 12.36
N LYS A 79 -0.40 -0.86 12.61
CA LYS A 79 0.68 -0.35 13.46
C LYS A 79 0.58 -0.93 14.86
N LYS A 80 1.71 -1.41 15.38
CA LYS A 80 1.76 -1.99 16.71
C LYS A 80 2.64 -1.16 17.63
N GLY A 81 2.04 -0.21 18.33
CA GLY A 81 2.78 0.64 19.25
C GLY A 81 2.30 2.07 19.24
N SER A 82 2.86 2.89 20.12
CA SER A 82 2.48 4.29 20.21
C SER A 82 3.59 5.20 19.72
N GLY A 83 3.26 6.13 18.82
CA GLY A 83 4.25 7.03 18.30
C GLY A 83 3.75 8.47 18.23
N PRO A 84 4.67 9.43 18.41
CA PRO A 84 4.34 10.86 18.37
C PRO A 84 3.96 11.33 16.98
N SER A 85 4.04 10.43 16.01
CA SER A 85 3.72 10.76 14.62
C SER A 85 2.55 11.73 14.56
N SER A 86 2.80 12.92 14.02
CA SER A 86 1.77 13.94 13.90
C SER A 86 1.55 14.31 12.44
N GLY A 87 0.60 13.62 11.80
CA GLY A 87 0.30 13.89 10.41
C GLY A 87 1.25 13.20 9.46
N GLY A 1 -12.87 4.24 -8.27
CA GLY A 1 -11.98 4.24 -9.42
C GLY A 1 -11.73 2.84 -9.95
N SER A 2 -11.51 2.73 -11.25
CA SER A 2 -11.26 1.44 -11.90
C SER A 2 -10.09 1.53 -12.87
N SER A 3 -9.13 0.62 -12.72
CA SER A 3 -7.96 0.61 -13.60
C SER A 3 -7.57 -0.83 -13.94
N GLY A 4 -7.50 -1.12 -15.24
CA GLY A 4 -7.14 -2.45 -15.68
C GLY A 4 -5.69 -2.55 -16.08
N SER A 5 -5.28 -1.71 -17.04
CA SER A 5 -3.90 -1.71 -17.52
C SER A 5 -3.13 -0.51 -16.97
N SER A 6 -3.73 0.66 -17.09
CA SER A 6 -3.09 1.89 -16.60
C SER A 6 -2.41 1.65 -15.26
N GLY A 7 -1.08 1.61 -15.28
CA GLY A 7 -0.33 1.39 -14.06
C GLY A 7 -0.05 -0.07 -13.81
N ILE A 8 0.67 -0.36 -12.73
CA ILE A 8 1.02 -1.74 -12.38
C ILE A 8 0.01 -2.31 -11.39
N GLN A 9 -0.21 -3.62 -11.47
CA GLN A 9 -1.14 -4.30 -10.58
C GLN A 9 -0.40 -5.01 -9.46
N VAL A 10 -0.72 -4.66 -8.21
CA VAL A 10 -0.09 -5.27 -7.05
C VAL A 10 -1.12 -5.98 -6.17
N PHE A 11 -0.69 -7.04 -5.50
CA PHE A 11 -1.58 -7.79 -4.62
C PHE A 11 -1.33 -7.45 -3.16
N VAL A 12 -2.25 -6.71 -2.56
CA VAL A 12 -2.12 -6.30 -1.17
C VAL A 12 -2.83 -7.28 -0.24
N LYS A 13 -2.05 -7.98 0.58
CA LYS A 13 -2.60 -8.95 1.52
C LYS A 13 -2.91 -8.30 2.86
N ASN A 14 -4.19 -8.31 3.23
CA ASN A 14 -4.63 -7.72 4.49
C ASN A 14 -4.18 -8.58 5.67
N PRO A 15 -4.13 -7.96 6.87
CA PRO A 15 -3.71 -8.65 8.09
C PRO A 15 -4.75 -9.67 8.56
N ASP A 16 -5.99 -9.49 8.11
CA ASP A 16 -7.07 -10.41 8.47
C ASP A 16 -7.02 -11.67 7.63
N GLY A 17 -6.72 -11.52 6.35
CA GLY A 17 -6.65 -12.66 5.45
C GLY A 17 -7.18 -12.35 4.07
N GLY A 18 -6.40 -12.66 3.05
CA GLY A 18 -6.82 -12.41 1.69
C GLY A 18 -5.85 -11.50 0.95
N SER A 19 -6.12 -11.27 -0.34
CA SER A 19 -5.26 -10.42 -1.15
C SER A 19 -6.05 -9.79 -2.29
N TYR A 20 -6.09 -8.47 -2.32
CA TYR A 20 -6.81 -7.74 -3.37
C TYR A 20 -5.86 -7.18 -4.41
N ALA A 21 -6.39 -6.87 -5.59
CA ALA A 21 -5.57 -6.33 -6.67
C ALA A 21 -5.83 -4.83 -6.84
N TYR A 22 -4.82 -4.03 -6.50
CA TYR A 22 -4.93 -2.58 -6.61
C TYR A 22 -4.22 -2.07 -7.85
N ALA A 23 -4.58 -0.86 -8.29
CA ALA A 23 -3.97 -0.26 -9.48
C ALA A 23 -3.28 1.05 -9.13
N ILE A 24 -1.96 1.08 -9.25
CA ILE A 24 -1.18 2.27 -8.95
C ILE A 24 0.00 2.41 -9.89
N ASN A 25 0.03 3.50 -10.64
CA ASN A 25 1.12 3.75 -11.58
C ASN A 25 2.48 3.65 -10.89
N PRO A 26 3.48 3.14 -11.63
CA PRO A 26 4.84 2.98 -11.11
C PRO A 26 5.54 4.32 -10.89
N ASN A 27 4.97 5.37 -11.45
CA ASN A 27 5.54 6.71 -11.33
C ASN A 27 4.82 7.51 -10.24
N SER A 28 4.14 6.81 -9.35
CA SER A 28 3.39 7.46 -8.27
C SER A 28 4.07 7.22 -6.93
N PHE A 29 3.49 7.76 -5.87
CA PHE A 29 4.03 7.60 -4.53
C PHE A 29 3.36 6.45 -3.79
N ILE A 30 4.10 5.81 -2.90
CA ILE A 30 3.57 4.68 -2.13
C ILE A 30 2.32 5.09 -1.37
N LEU A 31 2.45 6.11 -0.53
CA LEU A 31 1.33 6.60 0.27
C LEU A 31 0.04 6.62 -0.56
N GLY A 32 0.16 7.09 -1.80
CA GLY A 32 -1.00 7.17 -2.67
C GLY A 32 -1.81 5.88 -2.66
N LEU A 33 -1.12 4.75 -2.67
CA LEU A 33 -1.77 3.45 -2.66
C LEU A 33 -2.55 3.24 -1.38
N LYS A 34 -1.88 3.39 -0.24
CA LYS A 34 -2.51 3.22 1.06
C LYS A 34 -3.85 3.95 1.11
N GLN A 35 -3.89 5.15 0.57
CA GLN A 35 -5.11 5.95 0.56
C GLN A 35 -6.26 5.16 -0.06
N GLN A 36 -5.96 4.37 -1.08
CA GLN A 36 -6.97 3.56 -1.75
C GLN A 36 -7.54 2.50 -0.81
N ILE A 37 -6.67 1.92 0.00
CA ILE A 37 -7.08 0.89 0.96
C ILE A 37 -7.89 1.50 2.10
N GLU A 38 -7.68 2.79 2.35
CA GLU A 38 -8.40 3.48 3.41
C GLU A 38 -9.85 3.74 3.01
N ASP A 39 -10.07 3.96 1.73
CA ASP A 39 -11.41 4.22 1.22
C ASP A 39 -12.11 2.92 0.83
N GLN A 40 -11.32 1.89 0.54
CA GLN A 40 -11.86 0.59 0.16
C GLN A 40 -12.21 -0.23 1.40
N GLN A 41 -11.22 -0.49 2.24
CA GLN A 41 -11.44 -1.27 3.45
C GLN A 41 -11.97 -0.40 4.58
N GLY A 42 -11.31 0.74 4.81
CA GLY A 42 -11.73 1.65 5.86
C GLY A 42 -10.65 1.90 6.89
N LEU A 43 -9.55 1.17 6.77
CA LEU A 43 -8.44 1.31 7.70
C LEU A 43 -7.55 2.50 7.32
N PRO A 44 -7.17 3.30 8.33
CA PRO A 44 -6.32 4.47 8.12
C PRO A 44 -4.89 4.10 7.74
N LYS A 45 -4.21 5.01 7.05
CA LYS A 45 -2.83 4.78 6.63
C LYS A 45 -1.89 4.74 7.82
N LYS A 46 -2.08 5.68 8.75
CA LYS A 46 -1.24 5.75 9.94
C LYS A 46 -1.21 4.40 10.65
N GLN A 47 -2.15 3.53 10.31
CA GLN A 47 -2.22 2.22 10.92
C GLN A 47 -1.62 1.16 10.01
N GLN A 48 -2.08 1.13 8.76
CA GLN A 48 -1.59 0.16 7.78
C GLN A 48 -0.14 0.45 7.42
N GLN A 49 0.65 -0.61 7.25
CA GLN A 49 2.06 -0.46 6.90
C GLN A 49 2.47 -1.52 5.88
N LEU A 50 2.76 -1.08 4.66
CA LEU A 50 3.17 -1.99 3.60
C LEU A 50 4.68 -2.21 3.62
N GLU A 51 5.09 -3.47 3.54
CA GLU A 51 6.50 -3.82 3.55
C GLU A 51 6.88 -4.61 2.29
N PHE A 52 8.17 -4.62 1.98
CA PHE A 52 8.66 -5.33 0.81
C PHE A 52 10.07 -5.87 1.05
N GLN A 53 10.18 -7.19 1.13
CA GLN A 53 11.47 -7.83 1.36
C GLN A 53 12.04 -7.44 2.73
N GLY A 54 11.16 -7.35 3.72
CA GLY A 54 11.60 -6.97 5.06
C GLY A 54 12.03 -5.53 5.15
N GLN A 55 11.22 -4.64 4.57
CA GLN A 55 11.52 -3.21 4.59
C GLN A 55 10.26 -2.39 4.82
N VAL A 56 10.44 -1.14 5.20
CA VAL A 56 9.32 -0.24 5.46
C VAL A 56 9.12 0.73 4.30
N LEU A 57 8.17 0.41 3.43
CA LEU A 57 7.87 1.27 2.28
C LEU A 57 7.52 2.69 2.72
N GLN A 58 8.48 3.60 2.62
CA GLN A 58 8.26 4.99 3.00
C GLN A 58 7.04 5.56 2.30
N ASP A 59 6.80 6.85 2.51
CA ASP A 59 5.67 7.53 1.89
C ASP A 59 6.13 8.44 0.75
N TRP A 60 7.30 9.02 0.91
CA TRP A 60 7.86 9.91 -0.11
C TRP A 60 8.71 9.13 -1.10
N LEU A 61 8.69 7.81 -0.99
CA LEU A 61 9.46 6.95 -1.89
C LEU A 61 8.54 6.28 -2.92
N GLY A 62 8.82 6.55 -4.20
CA GLY A 62 8.02 5.96 -5.25
C GLY A 62 8.22 4.47 -5.38
N LEU A 63 7.34 3.81 -6.12
CA LEU A 63 7.42 2.37 -6.32
C LEU A 63 8.74 1.98 -6.97
N GLY A 64 9.26 2.87 -7.83
CA GLY A 64 10.52 2.60 -8.51
C GLY A 64 11.71 2.66 -7.56
N ILE A 65 11.83 3.79 -6.86
CA ILE A 65 12.94 3.97 -5.92
C ILE A 65 13.31 2.65 -5.25
N TYR A 66 12.31 1.83 -4.98
CA TYR A 66 12.52 0.54 -4.34
C TYR A 66 12.82 -0.55 -5.37
N GLY A 67 12.05 -0.56 -6.44
CA GLY A 67 12.24 -1.55 -7.48
C GLY A 67 11.10 -2.54 -7.56
N ILE A 68 9.90 -2.10 -7.18
CA ILE A 68 8.74 -2.96 -7.21
C ILE A 68 8.34 -3.31 -8.65
N GLN A 69 7.87 -4.54 -8.84
CA GLN A 69 7.45 -4.99 -10.16
C GLN A 69 5.99 -5.43 -10.16
N ASP A 70 5.41 -5.53 -11.34
CA ASP A 70 4.01 -5.94 -11.48
C ASP A 70 3.83 -7.40 -11.06
N SER A 71 2.64 -7.71 -10.55
CA SER A 71 2.34 -9.07 -10.09
C SER A 71 3.14 -9.41 -8.85
N ASP A 72 3.30 -8.43 -7.96
CA ASP A 72 4.05 -8.64 -6.72
C ASP A 72 3.10 -8.74 -5.54
N THR A 73 3.64 -9.13 -4.39
CA THR A 73 2.85 -9.28 -3.17
C THR A 73 3.29 -8.30 -2.10
N LEU A 74 2.33 -7.69 -1.43
CA LEU A 74 2.62 -6.71 -0.38
C LEU A 74 1.92 -7.10 0.93
N ILE A 75 2.65 -7.00 2.03
CA ILE A 75 2.10 -7.33 3.34
C ILE A 75 1.52 -6.10 4.02
N LEU A 76 0.29 -6.24 4.52
CA LEU A 76 -0.38 -5.14 5.20
C LEU A 76 -0.62 -5.46 6.67
N SER A 77 -0.19 -4.55 7.54
CA SER A 77 -0.35 -4.75 8.98
C SER A 77 -0.61 -3.42 9.68
N LYS A 78 -1.31 -3.47 10.81
CA LYS A 78 -1.63 -2.27 11.58
C LYS A 78 -0.43 -1.85 12.44
N LYS A 79 -0.32 -0.56 12.70
CA LYS A 79 0.76 -0.03 13.50
C LYS A 79 0.55 -0.34 14.97
N LYS A 80 1.64 -0.57 15.69
CA LYS A 80 1.57 -0.88 17.12
C LYS A 80 1.69 0.40 17.96
N GLY A 81 0.64 1.22 17.92
CA GLY A 81 0.65 2.45 18.68
C GLY A 81 1.23 3.62 17.90
N SER A 82 0.39 4.29 17.13
CA SER A 82 0.82 5.42 16.32
C SER A 82 1.13 6.63 17.19
N GLY A 83 0.08 7.16 17.84
CA GLY A 83 0.26 8.31 18.70
C GLY A 83 -0.89 9.30 18.60
N PRO A 84 -1.19 9.98 19.71
CA PRO A 84 -2.28 10.96 19.77
C PRO A 84 -1.98 12.22 18.96
N SER A 85 -2.86 12.55 18.03
CA SER A 85 -2.68 13.73 17.19
C SER A 85 -3.91 14.63 17.25
N SER A 86 -3.68 15.94 17.22
CA SER A 86 -4.77 16.91 17.27
C SER A 86 -4.99 17.56 15.90
N GLY A 87 -6.23 17.95 15.64
CA GLY A 87 -6.56 18.57 14.37
C GLY A 87 -7.17 17.60 13.39
N GLY A 1 -17.11 8.82 -18.90
CA GLY A 1 -16.12 7.82 -18.51
C GLY A 1 -14.70 8.25 -18.84
N SER A 2 -13.75 7.35 -18.66
CA SER A 2 -12.35 7.64 -18.93
C SER A 2 -11.63 6.40 -19.47
N SER A 3 -10.95 6.57 -20.60
CA SER A 3 -10.23 5.46 -21.22
C SER A 3 -8.74 5.78 -21.33
N GLY A 4 -7.91 4.86 -20.87
CA GLY A 4 -6.47 5.06 -20.92
C GLY A 4 -5.82 4.97 -19.57
N SER A 5 -6.01 3.83 -18.90
CA SER A 5 -5.44 3.62 -17.57
C SER A 5 -4.17 2.78 -17.65
N SER A 6 -3.07 3.33 -17.15
CA SER A 6 -1.79 2.63 -17.17
C SER A 6 -1.21 2.52 -15.77
N GLY A 7 -0.26 1.61 -15.59
CA GLY A 7 0.36 1.42 -14.30
C GLY A 7 0.61 -0.04 -13.97
N ILE A 8 1.01 -0.32 -12.75
CA ILE A 8 1.27 -1.69 -12.31
C ILE A 8 0.21 -2.17 -11.33
N GLN A 9 0.23 -3.46 -11.05
CA GLN A 9 -0.73 -4.05 -10.12
C GLN A 9 -0.03 -4.65 -8.91
N VAL A 10 -0.60 -4.42 -7.72
CA VAL A 10 -0.03 -4.93 -6.49
C VAL A 10 -1.08 -5.68 -5.66
N PHE A 11 -0.74 -6.90 -5.25
CA PHE A 11 -1.64 -7.72 -4.46
C PHE A 11 -1.45 -7.46 -2.96
N VAL A 12 -2.41 -6.79 -2.35
CA VAL A 12 -2.34 -6.47 -0.92
C VAL A 12 -2.98 -7.59 -0.09
N LYS A 13 -2.14 -8.39 0.56
CA LYS A 13 -2.63 -9.48 1.39
C LYS A 13 -2.98 -8.98 2.80
N ASN A 14 -4.25 -9.09 3.15
CA ASN A 14 -4.72 -8.65 4.46
C ASN A 14 -4.35 -9.66 5.54
N PRO A 15 -4.22 -9.18 6.78
CA PRO A 15 -3.87 -10.04 7.93
C PRO A 15 -4.99 -10.99 8.31
N ASP A 16 -6.15 -10.79 7.70
CA ASP A 16 -7.32 -11.64 7.97
C ASP A 16 -7.43 -12.75 6.94
N GLY A 17 -7.36 -12.39 5.66
CA GLY A 17 -7.45 -13.37 4.60
C GLY A 17 -8.05 -12.80 3.33
N GLY A 18 -7.46 -13.12 2.20
CA GLY A 18 -7.95 -12.63 0.93
C GLY A 18 -7.22 -11.39 0.47
N SER A 19 -6.38 -11.54 -0.56
CA SER A 19 -5.61 -10.43 -1.11
C SER A 19 -6.34 -9.79 -2.27
N TYR A 20 -6.14 -8.48 -2.43
CA TYR A 20 -6.78 -7.74 -3.52
C TYR A 20 -5.74 -7.10 -4.43
N ALA A 21 -6.10 -6.94 -5.70
CA ALA A 21 -5.20 -6.34 -6.68
C ALA A 21 -5.52 -4.87 -6.90
N TYR A 22 -4.63 -4.00 -6.44
CA TYR A 22 -4.82 -2.55 -6.58
C TYR A 22 -4.05 -2.02 -7.79
N ALA A 23 -4.54 -0.93 -8.35
CA ALA A 23 -3.89 -0.31 -9.51
C ALA A 23 -3.33 1.06 -9.15
N ILE A 24 -2.02 1.23 -9.32
CA ILE A 24 -1.37 2.49 -9.02
C ILE A 24 -0.12 2.68 -9.88
N ASN A 25 -0.07 3.79 -10.61
CA ASN A 25 1.06 4.09 -11.47
C ASN A 25 2.37 3.95 -10.72
N PRO A 26 3.39 3.42 -11.39
CA PRO A 26 4.73 3.21 -10.80
C PRO A 26 5.46 4.53 -10.55
N ASN A 27 5.02 5.58 -11.25
CA ASN A 27 5.64 6.90 -11.10
C ASN A 27 5.00 7.67 -9.94
N SER A 28 3.95 7.09 -9.36
CA SER A 28 3.25 7.73 -8.25
C SER A 28 3.99 7.49 -6.94
N PHE A 29 3.39 7.93 -5.84
CA PHE A 29 3.98 7.77 -4.51
C PHE A 29 3.49 6.49 -3.85
N ILE A 30 4.30 5.93 -2.96
CA ILE A 30 3.94 4.71 -2.25
C ILE A 30 2.72 4.93 -1.37
N LEU A 31 2.76 5.99 -0.55
CA LEU A 31 1.66 6.30 0.34
C LEU A 31 0.38 6.53 -0.44
N GLY A 32 0.52 6.91 -1.70
CA GLY A 32 -0.65 7.16 -2.53
C GLY A 32 -1.49 5.92 -2.73
N LEU A 33 -0.88 4.76 -2.56
CA LEU A 33 -1.60 3.49 -2.71
C LEU A 33 -2.42 3.17 -1.47
N LYS A 34 -1.79 3.29 -0.30
CA LYS A 34 -2.46 3.02 0.97
C LYS A 34 -3.83 3.68 1.00
N GLN A 35 -3.89 4.94 0.58
CA GLN A 35 -5.14 5.68 0.56
C GLN A 35 -6.27 4.85 -0.05
N GLN A 36 -6.01 4.31 -1.23
CA GLN A 36 -6.99 3.49 -1.93
C GLN A 36 -7.54 2.39 -1.02
N ILE A 37 -6.67 1.86 -0.17
CA ILE A 37 -7.06 0.80 0.76
C ILE A 37 -7.89 1.36 1.91
N GLU A 38 -7.63 2.61 2.27
CA GLU A 38 -8.34 3.27 3.36
C GLU A 38 -9.80 3.54 2.97
N ASP A 39 -10.00 4.03 1.76
CA ASP A 39 -11.34 4.32 1.26
C ASP A 39 -12.08 3.04 0.88
N GLN A 40 -11.31 2.00 0.58
CA GLN A 40 -11.89 0.71 0.20
C GLN A 40 -12.27 -0.09 1.44
N GLN A 41 -11.27 -0.40 2.27
CA GLN A 41 -11.51 -1.17 3.48
C GLN A 41 -12.03 -0.28 4.60
N GLY A 42 -11.41 0.88 4.77
CA GLY A 42 -11.84 1.80 5.80
C GLY A 42 -10.74 2.13 6.79
N LEU A 43 -9.77 1.22 6.92
CA LEU A 43 -8.65 1.41 7.83
C LEU A 43 -7.82 2.62 7.43
N PRO A 44 -7.45 3.44 8.41
CA PRO A 44 -6.64 4.64 8.19
C PRO A 44 -5.21 4.31 7.78
N LYS A 45 -4.64 5.12 6.88
CA LYS A 45 -3.28 4.91 6.42
C LYS A 45 -2.30 4.96 7.59
N LYS A 46 -2.44 5.97 8.43
CA LYS A 46 -1.57 6.13 9.59
C LYS A 46 -1.44 4.82 10.36
N GLN A 47 -2.38 3.90 10.14
CA GLN A 47 -2.37 2.61 10.81
C GLN A 47 -1.80 1.53 9.89
N GLN A 48 -2.31 1.47 8.67
CA GLN A 48 -1.85 0.48 7.70
C GLN A 48 -0.39 0.73 7.31
N GLN A 49 0.36 -0.35 7.17
CA GLN A 49 1.76 -0.25 6.81
C GLN A 49 2.19 -1.44 5.94
N LEU A 50 2.50 -1.16 4.68
CA LEU A 50 2.92 -2.20 3.74
C LEU A 50 4.44 -2.38 3.78
N GLU A 51 4.87 -3.63 3.87
CA GLU A 51 6.29 -3.94 3.90
C GLU A 51 6.72 -4.70 2.65
N PHE A 52 7.98 -4.54 2.26
CA PHE A 52 8.51 -5.20 1.09
C PHE A 52 10.00 -5.49 1.24
N GLN A 53 10.39 -6.73 0.99
CA GLN A 53 11.79 -7.14 1.10
C GLN A 53 12.35 -6.76 2.47
N GLY A 54 11.47 -6.63 3.45
CA GLY A 54 11.90 -6.27 4.79
C GLY A 54 12.32 -4.81 4.90
N GLN A 55 11.69 -3.97 4.08
CA GLN A 55 12.01 -2.54 4.09
C GLN A 55 10.74 -1.70 4.08
N VAL A 56 10.62 -0.81 5.07
CA VAL A 56 9.45 0.05 5.18
C VAL A 56 9.39 1.04 4.03
N LEU A 57 8.41 0.85 3.14
CA LEU A 57 8.23 1.72 1.99
C LEU A 57 7.89 3.14 2.44
N GLN A 58 8.76 4.09 2.11
CA GLN A 58 8.53 5.49 2.48
C GLN A 58 7.30 6.04 1.77
N ASP A 59 7.01 7.32 2.02
CA ASP A 59 5.87 7.96 1.40
C ASP A 59 6.31 8.89 0.26
N TRP A 60 7.47 9.50 0.42
CA TRP A 60 8.00 10.40 -0.60
C TRP A 60 8.84 9.64 -1.61
N LEU A 61 8.80 8.32 -1.54
CA LEU A 61 9.56 7.48 -2.45
C LEU A 61 8.63 6.77 -3.44
N GLY A 62 8.89 6.96 -4.73
CA GLY A 62 8.07 6.34 -5.75
C GLY A 62 8.30 4.84 -5.84
N LEU A 63 7.39 4.15 -6.52
CA LEU A 63 7.48 2.70 -6.66
C LEU A 63 8.82 2.31 -7.30
N GLY A 64 9.21 3.05 -8.34
CA GLY A 64 10.47 2.77 -9.01
C GLY A 64 11.66 2.93 -8.10
N ILE A 65 11.65 3.98 -7.29
CA ILE A 65 12.74 4.25 -6.37
C ILE A 65 13.16 2.99 -5.62
N TYR A 66 12.18 2.16 -5.29
CA TYR A 66 12.44 0.91 -4.58
C TYR A 66 12.72 -0.23 -5.56
N GLY A 67 11.96 -0.28 -6.64
CA GLY A 67 12.13 -1.32 -7.63
C GLY A 67 11.08 -2.41 -7.53
N ILE A 68 9.86 -2.02 -7.19
CA ILE A 68 8.77 -2.97 -7.05
C ILE A 68 8.36 -3.53 -8.40
N GLN A 69 7.96 -4.80 -8.42
CA GLN A 69 7.55 -5.46 -9.65
C GLN A 69 6.03 -5.60 -9.70
N ASP A 70 5.48 -5.60 -10.92
CA ASP A 70 4.04 -5.74 -11.11
C ASP A 70 3.55 -7.11 -10.67
N SER A 71 2.30 -7.19 -10.26
CA SER A 71 1.71 -8.45 -9.82
C SER A 71 2.46 -8.99 -8.60
N ASP A 72 3.00 -8.09 -7.79
CA ASP A 72 3.74 -8.48 -6.60
C ASP A 72 2.81 -8.63 -5.40
N THR A 73 3.35 -9.13 -4.30
CA THR A 73 2.56 -9.33 -3.08
C THR A 73 3.07 -8.45 -1.95
N LEU A 74 2.15 -7.71 -1.32
CA LEU A 74 2.51 -6.83 -0.22
C LEU A 74 1.76 -7.20 1.05
N ILE A 75 2.49 -7.31 2.16
CA ILE A 75 1.88 -7.66 3.43
C ILE A 75 1.28 -6.44 4.11
N LEU A 76 0.09 -6.60 4.67
CA LEU A 76 -0.60 -5.51 5.35
C LEU A 76 -0.60 -5.73 6.86
N SER A 77 -0.06 -4.76 7.60
CA SER A 77 -0.01 -4.84 9.05
C SER A 77 -0.19 -3.46 9.69
N LYS A 78 -1.14 -3.37 10.60
CA LYS A 78 -1.42 -2.11 11.29
C LYS A 78 -0.29 -1.74 12.24
N LYS A 79 -0.11 -0.45 12.46
CA LYS A 79 0.94 0.03 13.36
C LYS A 79 0.65 -0.36 14.80
N LYS A 80 1.52 -1.18 15.37
CA LYS A 80 1.36 -1.64 16.74
C LYS A 80 1.11 -0.47 17.69
N GLY A 81 1.99 0.52 17.63
CA GLY A 81 1.85 1.70 18.48
C GLY A 81 3.12 2.52 18.55
N SER A 82 3.47 3.17 17.44
CA SER A 82 4.67 3.99 17.38
C SER A 82 4.81 4.85 18.63
N GLY A 83 3.77 5.62 18.95
CA GLY A 83 3.79 6.47 20.11
C GLY A 83 3.14 7.81 19.87
N PRO A 84 2.61 8.43 20.94
CA PRO A 84 1.95 9.73 20.86
C PRO A 84 2.93 10.87 20.57
N SER A 85 2.54 11.75 19.67
CA SER A 85 3.40 12.87 19.29
C SER A 85 3.20 14.04 20.26
N SER A 86 4.30 14.55 20.80
CA SER A 86 4.26 15.66 21.74
C SER A 86 4.28 17.00 21.00
N GLY A 87 3.52 17.96 21.51
CA GLY A 87 3.46 19.27 20.88
C GLY A 87 4.83 19.80 20.53
N GLY A 1 -13.65 -8.75 -13.42
CA GLY A 1 -12.21 -8.71 -13.37
C GLY A 1 -11.66 -7.30 -13.55
N SER A 2 -11.26 -6.68 -12.44
CA SER A 2 -10.73 -5.32 -12.48
C SER A 2 -9.36 -5.30 -13.16
N SER A 3 -9.38 -5.09 -14.48
CA SER A 3 -8.15 -5.06 -15.26
C SER A 3 -7.84 -3.63 -15.72
N GLY A 4 -6.70 -3.11 -15.28
CA GLY A 4 -6.31 -1.76 -15.65
C GLY A 4 -5.56 -1.72 -16.96
N SER A 5 -5.23 -0.50 -17.41
CA SER A 5 -4.50 -0.33 -18.67
C SER A 5 -3.15 0.32 -18.43
N SER A 6 -3.17 1.52 -17.83
CA SER A 6 -1.94 2.25 -17.55
C SER A 6 -1.55 2.10 -16.08
N GLY A 7 -0.36 1.56 -15.83
CA GLY A 7 0.11 1.38 -14.47
C GLY A 7 0.41 -0.06 -14.15
N ILE A 8 0.68 -0.34 -12.88
CA ILE A 8 1.00 -1.69 -12.44
C ILE A 8 -0.04 -2.20 -11.44
N GLN A 9 -0.18 -3.52 -11.35
CA GLN A 9 -1.13 -4.13 -10.43
C GLN A 9 -0.41 -4.83 -9.28
N VAL A 10 -0.76 -4.46 -8.06
CA VAL A 10 -0.15 -5.05 -6.87
C VAL A 10 -1.16 -5.86 -6.07
N PHE A 11 -0.67 -6.80 -5.27
CA PHE A 11 -1.54 -7.64 -4.46
C PHE A 11 -1.28 -7.40 -2.97
N VAL A 12 -2.20 -6.69 -2.32
CA VAL A 12 -2.08 -6.39 -0.91
C VAL A 12 -2.64 -7.51 -0.05
N LYS A 13 -1.74 -8.27 0.58
CA LYS A 13 -2.15 -9.38 1.43
C LYS A 13 -2.58 -8.88 2.81
N ASN A 14 -3.84 -9.14 3.16
CA ASN A 14 -4.37 -8.72 4.45
C ASN A 14 -3.99 -9.72 5.55
N PRO A 15 -3.94 -9.22 6.80
CA PRO A 15 -3.59 -10.05 7.96
C PRO A 15 -4.67 -11.06 8.30
N ASP A 16 -5.93 -10.64 8.19
CA ASP A 16 -7.06 -11.52 8.49
C ASP A 16 -7.01 -12.76 7.62
N GLY A 17 -6.69 -12.59 6.34
CA GLY A 17 -6.63 -13.71 5.43
C GLY A 17 -7.26 -13.40 4.08
N GLY A 18 -6.42 -13.21 3.07
CA GLY A 18 -6.92 -12.90 1.74
C GLY A 18 -5.91 -12.14 0.90
N SER A 19 -6.38 -11.54 -0.19
CA SER A 19 -5.52 -10.78 -1.09
C SER A 19 -6.35 -10.01 -2.11
N TYR A 20 -6.15 -8.70 -2.15
CA TYR A 20 -6.87 -7.85 -3.08
C TYR A 20 -5.97 -7.39 -4.22
N ALA A 21 -6.54 -6.70 -5.19
CA ALA A 21 -5.80 -6.19 -6.33
C ALA A 21 -6.02 -4.70 -6.53
N TYR A 22 -4.94 -3.93 -6.45
CA TYR A 22 -5.01 -2.48 -6.62
C TYR A 22 -4.32 -2.04 -7.90
N ALA A 23 -4.76 -0.91 -8.45
CA ALA A 23 -4.18 -0.38 -9.67
C ALA A 23 -3.61 1.03 -9.45
N ILE A 24 -2.33 1.20 -9.77
CA ILE A 24 -1.68 2.49 -9.60
C ILE A 24 -0.46 2.60 -10.51
N ASN A 25 -0.08 3.84 -10.83
CA ASN A 25 1.07 4.09 -11.68
C ASN A 25 2.36 4.11 -10.87
N PRO A 26 3.45 3.60 -11.46
CA PRO A 26 4.76 3.55 -10.79
C PRO A 26 5.38 4.93 -10.64
N ASN A 27 4.72 5.94 -11.21
CA ASN A 27 5.21 7.31 -11.14
C ASN A 27 4.65 8.02 -9.91
N SER A 28 3.45 7.61 -9.48
CA SER A 28 2.80 8.21 -8.32
C SER A 28 3.48 7.77 -7.03
N PHE A 29 3.46 8.64 -6.02
CA PHE A 29 4.08 8.34 -4.74
C PHE A 29 3.47 7.09 -4.12
N ILE A 30 4.20 6.48 -3.21
CA ILE A 30 3.75 5.26 -2.54
C ILE A 30 2.40 5.49 -1.86
N LEU A 31 2.19 6.70 -1.35
CA LEU A 31 0.95 7.04 -0.68
C LEU A 31 -0.25 6.78 -1.58
N GLY A 32 -0.07 7.00 -2.88
CA GLY A 32 -1.14 6.77 -3.84
C GLY A 32 -1.75 5.39 -3.70
N LEU A 33 -0.99 4.46 -3.15
CA LEU A 33 -1.47 3.09 -2.96
C LEU A 33 -2.18 2.93 -1.62
N LYS A 34 -1.63 3.57 -0.59
CA LYS A 34 -2.21 3.50 0.75
C LYS A 34 -3.59 4.16 0.77
N GLN A 35 -3.66 5.39 0.28
CA GLN A 35 -4.92 6.13 0.24
C GLN A 35 -6.05 5.24 -0.29
N GLN A 36 -5.76 4.50 -1.36
CA GLN A 36 -6.76 3.61 -1.96
C GLN A 36 -7.19 2.54 -0.98
N ILE A 37 -6.26 2.09 -0.14
CA ILE A 37 -6.55 1.07 0.84
C ILE A 37 -7.38 1.62 2.00
N GLU A 38 -7.16 2.90 2.31
CA GLU A 38 -7.88 3.55 3.40
C GLU A 38 -9.28 3.97 2.95
N ASP A 39 -9.41 4.27 1.65
CA ASP A 39 -10.69 4.69 1.10
C ASP A 39 -11.52 3.48 0.68
N GLN A 40 -10.86 2.32 0.57
CA GLN A 40 -11.54 1.09 0.18
C GLN A 40 -11.81 0.21 1.39
N GLN A 41 -10.82 0.08 2.26
CA GLN A 41 -10.94 -0.74 3.46
C GLN A 41 -11.44 0.10 4.64
N GLY A 42 -11.21 1.41 4.56
CA GLY A 42 -11.63 2.29 5.63
C GLY A 42 -10.56 2.49 6.68
N LEU A 43 -9.62 1.55 6.75
CA LEU A 43 -8.54 1.63 7.72
C LEU A 43 -7.63 2.81 7.44
N PRO A 44 -7.19 3.49 8.50
CA PRO A 44 -6.31 4.66 8.39
C PRO A 44 -4.90 4.28 7.94
N LYS A 45 -4.13 5.28 7.55
CA LYS A 45 -2.76 5.06 7.09
C LYS A 45 -1.82 4.84 8.26
N LYS A 46 -1.83 5.76 9.21
CA LYS A 46 -0.99 5.66 10.40
C LYS A 46 -1.00 4.24 10.95
N GLN A 47 -2.05 3.49 10.63
CA GLN A 47 -2.18 2.12 11.11
C GLN A 47 -1.66 1.14 10.07
N GLN A 48 -2.27 1.14 8.88
CA GLN A 48 -1.86 0.25 7.81
C GLN A 48 -0.36 0.37 7.54
N GLN A 49 0.37 -0.71 7.76
CA GLN A 49 1.81 -0.72 7.53
C GLN A 49 2.21 -1.88 6.63
N LEU A 50 2.70 -1.55 5.44
CA LEU A 50 3.12 -2.57 4.48
C LEU A 50 4.63 -2.76 4.52
N GLU A 51 5.09 -3.89 3.98
CA GLU A 51 6.52 -4.19 3.96
C GLU A 51 6.87 -5.07 2.76
N PHE A 52 8.10 -4.94 2.27
CA PHE A 52 8.55 -5.72 1.13
C PHE A 52 9.99 -6.20 1.34
N GLN A 53 10.15 -7.52 1.44
CA GLN A 53 11.47 -8.11 1.65
C GLN A 53 12.13 -7.55 2.90
N GLY A 54 11.36 -7.47 3.99
CA GLY A 54 11.89 -6.95 5.24
C GLY A 54 12.23 -5.47 5.16
N GLN A 55 11.33 -4.69 4.56
CA GLN A 55 11.54 -3.25 4.42
C GLN A 55 10.26 -2.49 4.69
N VAL A 56 10.40 -1.19 4.97
CA VAL A 56 9.25 -0.35 5.24
C VAL A 56 9.08 0.72 4.17
N LEU A 57 8.00 0.61 3.39
CA LEU A 57 7.72 1.57 2.33
C LEU A 57 7.13 2.86 2.88
N GLN A 58 7.70 3.99 2.49
CA GLN A 58 7.23 5.28 2.95
C GLN A 58 6.00 5.73 2.15
N ASP A 59 5.54 6.95 2.43
CA ASP A 59 4.38 7.49 1.74
C ASP A 59 4.79 8.59 0.76
N TRP A 60 5.92 9.23 1.04
CA TRP A 60 6.41 10.30 0.19
C TRP A 60 7.24 9.74 -0.96
N LEU A 61 7.90 8.62 -0.72
CA LEU A 61 8.73 7.98 -1.73
C LEU A 61 7.87 7.50 -2.91
N GLY A 62 8.51 6.87 -3.88
CA GLY A 62 7.79 6.37 -5.04
C GLY A 62 7.96 4.87 -5.24
N LEU A 63 7.11 4.30 -6.08
CA LEU A 63 7.18 2.86 -6.35
C LEU A 63 8.48 2.48 -7.03
N GLY A 64 8.98 3.39 -7.89
CA GLY A 64 10.22 3.14 -8.59
C GLY A 64 11.43 3.16 -7.67
N ILE A 65 11.45 4.10 -6.75
CA ILE A 65 12.55 4.23 -5.81
C ILE A 65 13.02 2.86 -5.31
N TYR A 66 12.06 2.01 -4.98
CA TYR A 66 12.36 0.67 -4.49
C TYR A 66 12.65 -0.27 -5.65
N GLY A 67 11.84 -0.19 -6.69
CA GLY A 67 12.02 -1.04 -7.86
C GLY A 67 10.98 -2.13 -7.95
N ILE A 68 9.82 -1.90 -7.34
CA ILE A 68 8.73 -2.87 -7.36
C ILE A 68 8.33 -3.22 -8.78
N GLN A 69 7.91 -4.47 -8.98
CA GLN A 69 7.49 -4.92 -10.30
C GLN A 69 6.02 -5.32 -10.30
N ASP A 70 5.44 -5.38 -11.49
CA ASP A 70 4.02 -5.74 -11.63
C ASP A 70 3.76 -7.13 -11.08
N SER A 71 2.59 -7.31 -10.45
CA SER A 71 2.23 -8.60 -9.88
C SER A 71 3.10 -8.93 -8.68
N ASP A 72 3.27 -7.94 -7.79
CA ASP A 72 4.07 -8.13 -6.59
C ASP A 72 3.20 -8.48 -5.40
N THR A 73 3.84 -8.77 -4.26
CA THR A 73 3.12 -9.11 -3.05
C THR A 73 3.52 -8.20 -1.89
N LEU A 74 2.52 -7.65 -1.20
CA LEU A 74 2.76 -6.76 -0.08
C LEU A 74 1.96 -7.20 1.15
N ILE A 75 2.66 -7.41 2.26
CA ILE A 75 2.00 -7.82 3.49
C ILE A 75 1.40 -6.63 4.23
N LEU A 76 0.21 -6.81 4.77
CA LEU A 76 -0.48 -5.74 5.50
C LEU A 76 -0.68 -6.14 6.96
N SER A 77 -0.24 -5.26 7.87
CA SER A 77 -0.37 -5.51 9.30
C SER A 77 -0.65 -4.22 10.05
N LYS A 78 -1.68 -4.23 10.89
CA LYS A 78 -2.05 -3.06 11.67
C LYS A 78 -1.08 -2.84 12.83
N LYS A 79 -0.96 -1.61 13.28
CA LYS A 79 -0.07 -1.26 14.38
C LYS A 79 -0.66 -1.71 15.72
N LYS A 80 0.21 -1.90 16.70
CA LYS A 80 -0.22 -2.32 18.03
C LYS A 80 -1.01 -1.22 18.73
N GLY A 81 -2.05 -1.61 19.46
CA GLY A 81 -2.87 -0.64 20.16
C GLY A 81 -2.73 -0.73 21.67
N SER A 82 -3.87 -0.81 22.35
CA SER A 82 -3.87 -0.91 23.81
C SER A 82 -3.02 0.20 24.43
N GLY A 83 -3.24 1.43 23.99
CA GLY A 83 -2.48 2.55 24.51
C GLY A 83 -3.07 3.89 24.12
N PRO A 84 -2.31 4.97 24.34
CA PRO A 84 -2.75 6.33 24.02
C PRO A 84 -2.82 6.56 22.51
N SER A 85 -4.05 6.74 22.01
CA SER A 85 -4.26 6.97 20.58
C SER A 85 -4.01 8.44 20.23
N SER A 86 -3.21 8.66 19.20
CA SER A 86 -2.89 10.01 18.76
C SER A 86 -2.47 10.03 17.29
N GLY A 87 -2.64 11.18 16.64
CA GLY A 87 -2.27 11.31 15.24
C GLY A 87 -3.19 12.24 14.49
N GLY A 1 -16.64 -3.44 -16.21
CA GLY A 1 -15.24 -3.63 -15.87
C GLY A 1 -14.38 -2.44 -16.26
N SER A 2 -13.60 -1.94 -15.32
CA SER A 2 -12.74 -0.79 -15.57
C SER A 2 -11.34 -1.24 -15.99
N SER A 3 -10.98 -0.97 -17.25
CA SER A 3 -9.68 -1.36 -17.77
C SER A 3 -8.69 -0.22 -17.63
N GLY A 4 -7.41 -0.56 -17.44
CA GLY A 4 -6.38 0.44 -17.29
C GLY A 4 -5.48 0.53 -18.52
N SER A 5 -4.95 1.72 -18.76
CA SER A 5 -4.07 1.94 -19.91
C SER A 5 -2.60 1.75 -19.52
N SER A 6 -2.23 2.30 -18.36
CA SER A 6 -0.86 2.20 -17.88
C SER A 6 -0.83 2.01 -16.37
N GLY A 7 0.27 1.48 -15.86
CA GLY A 7 0.41 1.25 -14.43
C GLY A 7 0.70 -0.20 -14.10
N ILE A 8 0.96 -0.47 -12.83
CA ILE A 8 1.26 -1.83 -12.37
C ILE A 8 0.24 -2.30 -11.35
N GLN A 9 -0.01 -3.61 -11.32
CA GLN A 9 -0.96 -4.19 -10.38
C GLN A 9 -0.24 -4.86 -9.22
N VAL A 10 -0.60 -4.47 -8.00
CA VAL A 10 0.01 -5.05 -6.81
C VAL A 10 -1.05 -5.59 -5.86
N PHE A 11 -0.78 -6.77 -5.29
CA PHE A 11 -1.71 -7.41 -4.37
C PHE A 11 -1.46 -6.94 -2.94
N VAL A 12 -2.51 -6.48 -2.28
CA VAL A 12 -2.41 -6.01 -0.90
C VAL A 12 -3.08 -6.98 0.07
N LYS A 13 -2.26 -7.72 0.81
CA LYS A 13 -2.77 -8.68 1.78
C LYS A 13 -3.03 -8.02 3.12
N ASN A 14 -4.21 -8.27 3.68
CA ASN A 14 -4.59 -7.68 4.97
C ASN A 14 -4.21 -8.62 6.11
N PRO A 15 -4.08 -8.05 7.32
CA PRO A 15 -3.71 -8.81 8.51
C PRO A 15 -4.84 -9.74 8.97
N ASP A 16 -5.98 -9.64 8.31
CA ASP A 16 -7.14 -10.47 8.65
C ASP A 16 -7.17 -11.72 7.77
N GLY A 17 -6.89 -11.55 6.48
CA GLY A 17 -6.90 -12.66 5.57
C GLY A 17 -7.59 -12.33 4.25
N GLY A 18 -6.80 -11.90 3.27
CA GLY A 18 -7.36 -11.56 1.97
C GLY A 18 -6.53 -10.53 1.24
N SER A 19 -6.15 -10.85 0.01
CA SER A 19 -5.33 -9.95 -0.80
C SER A 19 -6.12 -9.42 -1.99
N TYR A 20 -6.10 -8.10 -2.17
CA TYR A 20 -6.82 -7.47 -3.27
C TYR A 20 -5.85 -6.83 -4.26
N ALA A 21 -6.22 -6.85 -5.53
CA ALA A 21 -5.39 -6.27 -6.58
C ALA A 21 -5.64 -4.77 -6.72
N TYR A 22 -4.58 -3.98 -6.58
CA TYR A 22 -4.69 -2.53 -6.69
C TYR A 22 -4.01 -2.02 -7.95
N ALA A 23 -4.53 -0.92 -8.50
CA ALA A 23 -3.97 -0.34 -9.72
C ALA A 23 -3.44 1.07 -9.44
N ILE A 24 -2.14 1.25 -9.62
CA ILE A 24 -1.50 2.54 -9.41
C ILE A 24 -0.20 2.66 -10.19
N ASN A 25 -0.09 3.73 -10.96
CA ASN A 25 1.11 3.96 -11.77
C ASN A 25 2.36 3.99 -10.89
N PRO A 26 3.50 3.56 -11.46
CA PRO A 26 4.77 3.53 -10.75
C PRO A 26 5.32 4.93 -10.46
N ASN A 27 4.74 5.92 -11.12
CA ASN A 27 5.17 7.31 -10.93
C ASN A 27 4.60 7.88 -9.63
N SER A 28 3.41 7.44 -9.27
CA SER A 28 2.75 7.91 -8.05
C SER A 28 3.57 7.54 -6.82
N PHE A 29 3.31 8.24 -5.72
CA PHE A 29 4.02 7.98 -4.47
C PHE A 29 3.34 6.88 -3.67
N ILE A 30 4.16 6.05 -3.02
CA ILE A 30 3.63 4.95 -2.23
C ILE A 30 2.39 5.37 -1.44
N LEU A 31 2.50 6.49 -0.74
CA LEU A 31 1.39 7.02 0.05
C LEU A 31 0.08 6.92 -0.72
N GLY A 32 0.11 7.35 -1.97
CA GLY A 32 -1.09 7.31 -2.80
C GLY A 32 -1.73 5.93 -2.80
N LEU A 33 -0.91 4.89 -2.93
CA LEU A 33 -1.40 3.52 -2.96
C LEU A 33 -2.12 3.18 -1.65
N LYS A 34 -1.51 3.54 -0.54
CA LYS A 34 -2.09 3.27 0.77
C LYS A 34 -3.48 3.88 0.88
N GLN A 35 -3.57 5.19 0.71
CA GLN A 35 -4.84 5.89 0.78
C GLN A 35 -5.94 5.12 0.04
N GLN A 36 -5.60 4.62 -1.14
CA GLN A 36 -6.55 3.87 -1.95
C GLN A 36 -7.09 2.67 -1.17
N ILE A 37 -6.21 2.04 -0.40
CA ILE A 37 -6.59 0.88 0.40
C ILE A 37 -7.59 1.25 1.49
N GLU A 38 -7.38 2.43 2.07
CA GLU A 38 -8.27 2.91 3.13
C GLU A 38 -9.73 2.93 2.66
N ASP A 39 -9.95 3.46 1.47
CA ASP A 39 -11.29 3.54 0.91
C ASP A 39 -11.82 2.15 0.57
N GLN A 40 -10.95 1.15 0.67
CA GLN A 40 -11.32 -0.22 0.38
C GLN A 40 -11.54 -1.03 1.66
N GLN A 41 -10.47 -1.25 2.40
CA GLN A 41 -10.54 -2.00 3.65
C GLN A 41 -11.12 -1.14 4.77
N GLY A 42 -10.95 0.17 4.65
CA GLY A 42 -11.46 1.08 5.65
C GLY A 42 -10.39 1.53 6.63
N LEU A 43 -9.32 0.75 6.72
CA LEU A 43 -8.23 1.06 7.63
C LEU A 43 -7.50 2.32 7.19
N PRO A 44 -7.13 3.16 8.16
CA PRO A 44 -6.42 4.42 7.90
C PRO A 44 -4.99 4.19 7.43
N LYS A 45 -4.65 4.76 6.27
CA LYS A 45 -3.31 4.63 5.71
C LYS A 45 -2.25 4.96 6.75
N LYS A 46 -2.47 6.03 7.49
CA LYS A 46 -1.53 6.46 8.52
C LYS A 46 -1.14 5.28 9.41
N GLN A 47 -1.96 4.24 9.41
CA GLN A 47 -1.68 3.06 10.22
C GLN A 47 -1.18 1.91 9.34
N GLN A 48 -1.98 1.52 8.36
CA GLN A 48 -1.62 0.44 7.46
C GLN A 48 -0.16 0.55 7.02
N GLN A 49 0.61 -0.51 7.28
CA GLN A 49 2.02 -0.52 6.92
C GLN A 49 2.32 -1.66 5.95
N LEU A 50 2.61 -1.31 4.70
CA LEU A 50 2.92 -2.29 3.68
C LEU A 50 4.42 -2.56 3.62
N GLU A 51 4.79 -3.83 3.45
CA GLU A 51 6.19 -4.22 3.36
C GLU A 51 6.46 -5.02 2.10
N PHE A 52 7.73 -5.10 1.71
CA PHE A 52 8.12 -5.85 0.52
C PHE A 52 9.44 -6.58 0.74
N GLN A 53 9.37 -7.91 0.82
CA GLN A 53 10.55 -8.72 1.02
C GLN A 53 11.26 -8.34 2.32
N GLY A 54 10.47 -7.95 3.32
CA GLY A 54 11.03 -7.56 4.60
C GLY A 54 11.57 -6.15 4.59
N GLN A 55 10.83 -5.25 3.96
CA GLN A 55 11.23 -3.84 3.89
C GLN A 55 10.06 -2.91 4.19
N VAL A 56 10.36 -1.75 4.76
CA VAL A 56 9.33 -0.79 5.10
C VAL A 56 9.20 0.28 4.02
N LEU A 57 8.08 0.27 3.31
CA LEU A 57 7.84 1.24 2.25
C LEU A 57 7.46 2.60 2.82
N GLN A 58 8.22 3.63 2.46
CA GLN A 58 7.96 4.98 2.94
C GLN A 58 6.94 5.69 2.05
N ASP A 59 6.68 6.96 2.35
CA ASP A 59 5.73 7.75 1.58
C ASP A 59 6.45 8.57 0.51
N TRP A 60 7.59 9.14 0.89
CA TRP A 60 8.37 9.95 -0.03
C TRP A 60 9.21 9.08 -0.96
N LEU A 61 8.95 7.78 -0.93
CA LEU A 61 9.69 6.83 -1.76
C LEU A 61 8.77 6.23 -2.82
N GLY A 62 8.78 6.81 -4.01
CA GLY A 62 7.95 6.30 -5.10
C GLY A 62 8.04 4.80 -5.24
N LEU A 63 7.11 4.22 -6.00
CA LEU A 63 7.09 2.78 -6.21
C LEU A 63 8.37 2.30 -6.86
N GLY A 64 8.82 3.03 -7.89
CA GLY A 64 10.04 2.66 -8.58
C GLY A 64 11.25 2.70 -7.67
N ILE A 65 11.31 3.71 -6.82
CA ILE A 65 12.43 3.87 -5.90
C ILE A 65 12.91 2.52 -5.38
N TYR A 66 11.95 1.66 -5.03
CA TYR A 66 12.27 0.33 -4.53
C TYR A 66 12.47 -0.66 -5.67
N GLY A 67 11.67 -0.52 -6.71
CA GLY A 67 11.77 -1.41 -7.85
C GLY A 67 10.67 -2.44 -7.89
N ILE A 68 9.51 -2.10 -7.32
CA ILE A 68 8.37 -3.00 -7.29
C ILE A 68 7.92 -3.37 -8.69
N GLN A 69 7.64 -4.66 -8.90
CA GLN A 69 7.20 -5.14 -10.20
C GLN A 69 5.72 -5.53 -10.16
N ASP A 70 5.11 -5.60 -11.35
CA ASP A 70 3.70 -5.97 -11.45
C ASP A 70 3.45 -7.38 -10.92
N SER A 71 2.25 -7.61 -10.43
CA SER A 71 1.88 -8.93 -9.89
C SER A 71 2.68 -9.22 -8.63
N ASP A 72 3.05 -8.18 -7.90
CA ASP A 72 3.81 -8.32 -6.66
C ASP A 72 2.88 -8.48 -5.46
N THR A 73 3.43 -8.97 -4.36
CA THR A 73 2.65 -9.18 -3.14
C THR A 73 3.10 -8.22 -2.04
N LEU A 74 2.14 -7.68 -1.30
CA LEU A 74 2.42 -6.75 -0.21
C LEU A 74 1.74 -7.20 1.08
N ILE A 75 2.50 -7.20 2.17
CA ILE A 75 1.96 -7.59 3.47
C ILE A 75 1.50 -6.37 4.26
N LEU A 76 0.31 -6.48 4.85
CA LEU A 76 -0.24 -5.38 5.65
C LEU A 76 -0.24 -5.74 7.13
N SER A 77 0.11 -4.76 7.97
CA SER A 77 0.14 -4.97 9.41
C SER A 77 -0.45 -3.78 10.15
N LYS A 78 -1.47 -4.03 10.95
CA LYS A 78 -2.12 -2.98 11.71
C LYS A 78 -1.22 -2.49 12.85
N LYS A 79 -0.74 -1.25 12.71
CA LYS A 79 0.13 -0.66 13.73
C LYS A 79 -0.42 -0.90 15.13
N LYS A 80 0.16 -1.88 15.83
CA LYS A 80 -0.28 -2.21 17.18
C LYS A 80 -0.26 -0.97 18.07
N GLY A 81 -1.44 -0.45 18.38
CA GLY A 81 -1.54 0.72 19.23
C GLY A 81 -2.18 1.89 18.52
N SER A 82 -2.26 3.02 19.21
CA SER A 82 -2.87 4.23 18.64
C SER A 82 -1.90 5.41 18.70
N GLY A 83 -2.05 6.35 17.77
CA GLY A 83 -1.19 7.51 17.75
C GLY A 83 -1.92 8.77 17.31
N PRO A 84 -1.53 9.91 17.89
CA PRO A 84 -2.14 11.20 17.57
C PRO A 84 -1.80 11.68 16.16
N SER A 85 -2.71 12.43 15.56
CA SER A 85 -2.51 12.95 14.21
C SER A 85 -3.36 14.20 13.98
N SER A 86 -3.06 14.91 12.89
CA SER A 86 -3.78 16.13 12.55
C SER A 86 -3.66 16.44 11.06
N GLY A 87 -4.45 17.39 10.59
CA GLY A 87 -4.42 17.77 9.20
C GLY A 87 -4.19 19.26 9.00
N GLY A 1 -6.05 15.91 -22.33
CA GLY A 1 -6.60 15.00 -23.31
C GLY A 1 -7.50 13.95 -22.69
N SER A 2 -7.28 12.69 -23.06
CA SER A 2 -8.08 11.59 -22.54
C SER A 2 -7.54 11.11 -21.19
N SER A 3 -8.25 10.17 -20.58
CA SER A 3 -7.84 9.63 -19.29
C SER A 3 -7.79 8.11 -19.33
N GLY A 4 -6.60 7.55 -19.17
CA GLY A 4 -6.44 6.10 -19.19
C GLY A 4 -5.05 5.66 -18.78
N SER A 5 -4.50 6.32 -17.76
CA SER A 5 -3.16 6.00 -17.27
C SER A 5 -3.18 4.74 -16.42
N SER A 6 -2.95 3.59 -17.05
CA SER A 6 -2.94 2.31 -16.35
C SER A 6 -1.60 2.07 -15.68
N GLY A 7 -1.64 1.83 -14.37
CA GLY A 7 -0.41 1.58 -13.63
C GLY A 7 -0.14 0.10 -13.43
N ILE A 8 0.67 -0.22 -12.43
CA ILE A 8 1.01 -1.61 -12.16
C ILE A 8 -0.01 -2.25 -11.22
N GLN A 9 -0.15 -3.57 -11.31
CA GLN A 9 -1.09 -4.30 -10.47
C GLN A 9 -0.37 -4.99 -9.32
N VAL A 10 -0.73 -4.62 -8.09
CA VAL A 10 -0.11 -5.20 -6.91
C VAL A 10 -1.14 -5.94 -6.06
N PHE A 11 -0.69 -6.98 -5.37
CA PHE A 11 -1.56 -7.79 -4.53
C PHE A 11 -1.38 -7.43 -3.06
N VAL A 12 -2.39 -6.80 -2.47
CA VAL A 12 -2.34 -6.41 -1.07
C VAL A 12 -2.93 -7.50 -0.17
N LYS A 13 -2.07 -8.19 0.56
CA LYS A 13 -2.50 -9.25 1.46
C LYS A 13 -2.86 -8.68 2.84
N ASN A 14 -4.06 -8.97 3.31
CA ASN A 14 -4.52 -8.50 4.61
C ASN A 14 -3.98 -9.39 5.73
N PRO A 15 -3.83 -8.79 6.93
CA PRO A 15 -3.33 -9.52 8.10
C PRO A 15 -4.33 -10.54 8.62
N ASP A 16 -5.59 -10.37 8.27
CA ASP A 16 -6.64 -11.28 8.70
C ASP A 16 -6.78 -12.44 7.73
N GLY A 17 -6.79 -12.13 6.43
CA GLY A 17 -6.93 -13.17 5.42
C GLY A 17 -7.52 -12.64 4.12
N GLY A 18 -6.82 -12.89 3.02
CA GLY A 18 -7.29 -12.43 1.73
C GLY A 18 -6.25 -11.62 0.98
N SER A 19 -6.55 -11.26 -0.26
CA SER A 19 -5.62 -10.49 -1.08
C SER A 19 -6.35 -9.87 -2.27
N TYR A 20 -6.27 -8.55 -2.38
CA TYR A 20 -6.92 -7.83 -3.47
C TYR A 20 -5.89 -7.24 -4.43
N ALA A 21 -6.31 -6.96 -5.65
CA ALA A 21 -5.42 -6.39 -6.66
C ALA A 21 -5.70 -4.90 -6.85
N TYR A 22 -4.75 -4.07 -6.47
CA TYR A 22 -4.89 -2.62 -6.61
C TYR A 22 -4.23 -2.12 -7.89
N ALA A 23 -4.68 -0.98 -8.37
CA ALA A 23 -4.13 -0.39 -9.59
C ALA A 23 -3.52 0.99 -9.30
N ILE A 24 -2.22 1.12 -9.58
CA ILE A 24 -1.52 2.37 -9.35
C ILE A 24 -0.28 2.48 -10.23
N ASN A 25 0.04 3.70 -10.66
CA ASN A 25 1.20 3.93 -11.50
C ASN A 25 2.49 3.89 -10.69
N PRO A 26 3.56 3.35 -11.30
CA PRO A 26 4.87 3.23 -10.64
C PRO A 26 5.53 4.58 -10.45
N ASN A 27 5.05 5.59 -11.16
CA ASN A 27 5.61 6.93 -11.07
C ASN A 27 4.94 7.72 -9.94
N SER A 28 3.86 7.16 -9.39
CA SER A 28 3.14 7.80 -8.31
C SER A 28 3.73 7.43 -6.95
N PHE A 29 3.57 8.32 -5.98
CA PHE A 29 4.09 8.08 -4.63
C PHE A 29 3.44 6.85 -4.01
N ILE A 30 4.13 6.25 -3.04
CA ILE A 30 3.62 5.06 -2.37
C ILE A 30 2.25 5.33 -1.73
N LEU A 31 2.12 6.49 -1.10
CA LEU A 31 0.86 6.88 -0.46
C LEU A 31 -0.32 6.56 -1.36
N GLY A 32 -0.21 6.93 -2.64
CA GLY A 32 -1.29 6.68 -3.58
C GLY A 32 -1.89 5.30 -3.42
N LEU A 33 -1.07 4.33 -3.04
CA LEU A 33 -1.52 2.96 -2.85
C LEU A 33 -2.22 2.81 -1.50
N LYS A 34 -1.59 3.29 -0.45
CA LYS A 34 -2.15 3.21 0.89
C LYS A 34 -3.51 3.90 0.96
N GLN A 35 -3.52 5.21 0.70
CA GLN A 35 -4.75 5.98 0.72
C GLN A 35 -5.89 5.21 0.06
N GLN A 36 -5.60 4.58 -1.07
CA GLN A 36 -6.59 3.81 -1.81
C GLN A 36 -7.19 2.71 -0.94
N ILE A 37 -6.33 2.09 -0.13
CA ILE A 37 -6.77 1.02 0.76
C ILE A 37 -7.66 1.55 1.88
N GLU A 38 -7.31 2.74 2.37
CA GLU A 38 -8.09 3.37 3.44
C GLU A 38 -9.47 3.78 2.95
N ASP A 39 -9.56 4.08 1.66
CA ASP A 39 -10.83 4.49 1.06
C ASP A 39 -11.66 3.28 0.66
N GLN A 40 -10.99 2.15 0.47
CA GLN A 40 -11.67 0.92 0.07
C GLN A 40 -12.07 0.11 1.30
N GLN A 41 -11.09 -0.22 2.14
CA GLN A 41 -11.36 -0.99 3.35
C GLN A 41 -11.84 -0.09 4.48
N GLY A 42 -11.23 1.08 4.59
CA GLY A 42 -11.60 2.02 5.64
C GLY A 42 -10.53 2.19 6.69
N LEU A 43 -9.53 1.30 6.67
CA LEU A 43 -8.43 1.36 7.62
C LEU A 43 -7.52 2.54 7.32
N PRO A 44 -7.14 3.28 8.38
CA PRO A 44 -6.26 4.44 8.26
C PRO A 44 -4.83 4.05 7.90
N LYS A 45 -4.06 5.03 7.42
CA LYS A 45 -2.68 4.79 7.04
C LYS A 45 -1.77 4.72 8.26
N LYS A 46 -2.06 5.56 9.25
CA LYS A 46 -1.27 5.59 10.48
C LYS A 46 -1.23 4.21 11.13
N GLN A 47 -2.11 3.33 10.69
CA GLN A 47 -2.18 1.98 11.24
C GLN A 47 -1.55 0.97 10.28
N GLN A 48 -2.08 0.93 9.06
CA GLN A 48 -1.58 0.01 8.04
C GLN A 48 -0.10 0.26 7.76
N GLN A 49 0.63 -0.81 7.46
CA GLN A 49 2.06 -0.71 7.18
C GLN A 49 2.49 -1.74 6.15
N LEU A 50 2.81 -1.29 4.95
CA LEU A 50 3.24 -2.18 3.88
C LEU A 50 4.74 -2.41 3.93
N GLU A 51 5.15 -3.67 3.79
CA GLU A 51 6.56 -4.02 3.82
C GLU A 51 6.93 -4.91 2.64
N PHE A 52 8.15 -4.75 2.14
CA PHE A 52 8.62 -5.55 1.01
C PHE A 52 10.06 -5.98 1.21
N GLN A 53 10.36 -7.22 0.81
CA GLN A 53 11.70 -7.76 0.96
C GLN A 53 12.30 -7.39 2.31
N GLY A 54 11.44 -7.19 3.30
CA GLY A 54 11.90 -6.83 4.63
C GLY A 54 12.30 -5.37 4.72
N GLN A 55 11.50 -4.49 4.12
CA GLN A 55 11.79 -3.06 4.13
C GLN A 55 10.51 -2.26 4.31
N VAL A 56 10.60 -1.16 5.06
CA VAL A 56 9.44 -0.30 5.31
C VAL A 56 9.23 0.68 4.18
N LEU A 57 7.99 0.83 3.74
CA LEU A 57 7.65 1.76 2.66
C LEU A 57 7.14 3.08 3.21
N GLN A 58 7.56 4.17 2.59
CA GLN A 58 7.15 5.50 3.02
C GLN A 58 5.91 5.95 2.26
N ASP A 59 5.49 7.19 2.51
CA ASP A 59 4.30 7.74 1.85
C ASP A 59 4.70 8.82 0.84
N TRP A 60 5.91 9.33 0.97
CA TRP A 60 6.42 10.36 0.07
C TRP A 60 7.21 9.74 -1.07
N LEU A 61 7.90 8.65 -0.80
CA LEU A 61 8.71 7.97 -1.80
C LEU A 61 7.82 7.40 -2.91
N GLY A 62 8.45 6.73 -3.87
CA GLY A 62 7.71 6.14 -4.97
C GLY A 62 7.98 4.67 -5.14
N LEU A 63 7.16 3.99 -5.93
CA LEU A 63 7.32 2.56 -6.17
C LEU A 63 8.65 2.27 -6.86
N GLY A 64 9.02 3.14 -7.79
CA GLY A 64 10.27 2.97 -8.50
C GLY A 64 11.49 3.03 -7.60
N ILE A 65 11.59 4.10 -6.83
CA ILE A 65 12.70 4.29 -5.92
C ILE A 65 13.15 2.95 -5.32
N TYR A 66 12.19 2.18 -4.82
CA TYR A 66 12.49 0.89 -4.23
C TYR A 66 12.72 -0.16 -5.31
N GLY A 67 11.89 -0.14 -6.34
CA GLY A 67 12.03 -1.10 -7.42
C GLY A 67 10.87 -2.08 -7.49
N ILE A 68 9.71 -1.65 -7.00
CA ILE A 68 8.53 -2.50 -7.01
C ILE A 68 8.03 -2.74 -8.43
N GLN A 69 7.49 -3.93 -8.67
CA GLN A 69 6.97 -4.29 -9.98
C GLN A 69 5.58 -4.90 -9.87
N ASP A 70 4.89 -4.99 -11.00
CA ASP A 70 3.54 -5.55 -11.03
C ASP A 70 3.56 -7.01 -10.57
N SER A 71 2.37 -7.57 -10.37
CA SER A 71 2.25 -8.95 -9.92
C SER A 71 3.04 -9.19 -8.64
N ASP A 72 3.22 -8.12 -7.86
CA ASP A 72 3.97 -8.22 -6.62
C ASP A 72 3.02 -8.40 -5.43
N THR A 73 3.57 -8.86 -4.30
CA THR A 73 2.78 -9.09 -3.11
C THR A 73 3.20 -8.14 -1.99
N LEU A 74 2.21 -7.53 -1.33
CA LEU A 74 2.47 -6.61 -0.24
C LEU A 74 1.75 -7.03 1.03
N ILE A 75 2.48 -7.12 2.14
CA ILE A 75 1.91 -7.51 3.42
C ILE A 75 1.26 -6.33 4.12
N LEU A 76 0.10 -6.56 4.72
CA LEU A 76 -0.62 -5.51 5.43
C LEU A 76 -0.70 -5.81 6.92
N SER A 77 -0.22 -4.88 7.73
CA SER A 77 -0.24 -5.05 9.19
C SER A 77 -0.45 -3.72 9.88
N LYS A 78 -1.32 -3.72 10.89
CA LYS A 78 -1.61 -2.51 11.66
C LYS A 78 -0.55 -2.26 12.72
N LYS A 79 -0.23 -1.00 12.94
CA LYS A 79 0.77 -0.62 13.94
C LYS A 79 0.27 -0.95 15.35
N LYS A 80 1.12 -1.60 16.13
CA LYS A 80 0.78 -1.97 17.50
C LYS A 80 1.53 -1.10 18.51
N GLY A 81 0.80 -0.24 19.21
CA GLY A 81 1.42 0.63 20.20
C GLY A 81 1.12 2.09 19.94
N SER A 82 0.35 2.70 20.84
CA SER A 82 -0.02 4.10 20.70
C SER A 82 -0.26 4.73 22.08
N GLY A 83 -0.26 6.06 22.12
CA GLY A 83 -0.48 6.76 23.36
C GLY A 83 -1.20 8.09 23.17
N PRO A 84 -0.97 9.03 24.09
CA PRO A 84 -1.59 10.36 24.04
C PRO A 84 -1.05 11.21 22.89
N SER A 85 -1.92 11.55 21.95
CA SER A 85 -1.52 12.36 20.80
C SER A 85 -0.97 13.70 21.25
N SER A 86 -0.51 14.50 20.28
CA SER A 86 0.05 15.81 20.58
C SER A 86 -0.56 16.88 19.66
N GLY A 87 -0.46 16.65 18.36
CA GLY A 87 -1.00 17.60 17.40
C GLY A 87 0.08 18.39 16.69
N GLY A 1 -14.06 7.35 -15.35
CA GLY A 1 -12.88 7.14 -14.53
C GLY A 1 -11.62 6.98 -15.35
N SER A 2 -10.71 6.14 -14.86
CA SER A 2 -9.44 5.91 -15.55
C SER A 2 -9.40 4.51 -16.15
N SER A 3 -9.82 4.40 -17.41
CA SER A 3 -9.84 3.11 -18.10
C SER A 3 -8.54 2.89 -18.88
N GLY A 4 -8.40 1.70 -19.46
CA GLY A 4 -7.20 1.38 -20.22
C GLY A 4 -6.09 0.85 -19.34
N SER A 5 -5.54 -0.30 -19.71
CA SER A 5 -4.46 -0.92 -18.95
C SER A 5 -3.34 0.08 -18.69
N SER A 6 -3.20 0.48 -17.42
CA SER A 6 -2.17 1.44 -17.04
C SER A 6 -1.68 1.17 -15.61
N GLY A 7 -0.45 1.58 -15.33
CA GLY A 7 0.11 1.37 -14.01
C GLY A 7 0.41 -0.08 -13.72
N ILE A 8 0.92 -0.36 -12.53
CA ILE A 8 1.24 -1.73 -12.13
C ILE A 8 0.22 -2.28 -11.15
N GLN A 9 0.02 -3.59 -11.20
CA GLN A 9 -0.94 -4.24 -10.31
C GLN A 9 -0.23 -4.87 -9.11
N VAL A 10 -0.62 -4.45 -7.91
CA VAL A 10 -0.03 -4.97 -6.69
C VAL A 10 -1.07 -5.66 -5.81
N PHE A 11 -0.78 -6.90 -5.42
CA PHE A 11 -1.69 -7.67 -4.59
C PHE A 11 -1.39 -7.45 -3.12
N VAL A 12 -2.26 -6.71 -2.44
CA VAL A 12 -2.09 -6.43 -1.02
C VAL A 12 -2.69 -7.53 -0.16
N LYS A 13 -1.83 -8.34 0.43
CA LYS A 13 -2.27 -9.44 1.29
C LYS A 13 -2.59 -8.95 2.70
N ASN A 14 -3.81 -9.22 3.15
CA ASN A 14 -4.24 -8.81 4.48
C ASN A 14 -3.46 -9.56 5.55
N PRO A 15 -3.40 -8.95 6.75
CA PRO A 15 -2.69 -9.55 7.90
C PRO A 15 -3.40 -10.77 8.44
N ASP A 16 -4.73 -10.68 8.55
CA ASP A 16 -5.53 -11.79 9.06
C ASP A 16 -5.78 -12.83 7.98
N GLY A 17 -6.10 -12.36 6.77
CA GLY A 17 -6.35 -13.27 5.67
C GLY A 17 -7.08 -12.59 4.53
N GLY A 18 -6.45 -12.57 3.35
CA GLY A 18 -7.06 -11.95 2.19
C GLY A 18 -6.04 -11.32 1.27
N SER A 19 -6.48 -10.90 0.08
CA SER A 19 -5.59 -10.28 -0.89
C SER A 19 -6.39 -9.57 -1.97
N TYR A 20 -6.15 -8.27 -2.12
CA TYR A 20 -6.85 -7.47 -3.11
C TYR A 20 -5.88 -6.96 -4.18
N ALA A 21 -6.38 -6.79 -5.40
CA ALA A 21 -5.57 -6.30 -6.50
C ALA A 21 -5.78 -4.80 -6.72
N TYR A 22 -4.76 -4.01 -6.40
CA TYR A 22 -4.84 -2.56 -6.55
C TYR A 22 -4.20 -2.12 -7.87
N ALA A 23 -4.53 -0.91 -8.30
CA ALA A 23 -3.98 -0.37 -9.54
C ALA A 23 -3.43 1.04 -9.33
N ILE A 24 -2.13 1.20 -9.58
CA ILE A 24 -1.49 2.49 -9.41
C ILE A 24 -0.26 2.61 -10.31
N ASN A 25 0.01 3.82 -10.79
CA ASN A 25 1.15 4.07 -11.66
C ASN A 25 2.47 3.93 -10.89
N PRO A 26 3.46 3.30 -11.53
CA PRO A 26 4.78 3.08 -10.93
C PRO A 26 5.57 4.38 -10.79
N ASN A 27 5.03 5.46 -11.34
CA ASN A 27 5.68 6.76 -11.28
C ASN A 27 5.21 7.55 -10.06
N SER A 28 3.98 7.28 -9.63
CA SER A 28 3.41 7.97 -8.48
C SER A 28 4.12 7.57 -7.19
N PHE A 29 3.84 8.27 -6.11
CA PHE A 29 4.45 7.99 -4.82
C PHE A 29 3.82 6.75 -4.18
N ILE A 30 4.31 6.39 -3.00
CA ILE A 30 3.79 5.23 -2.28
C ILE A 30 2.50 5.55 -1.56
N LEU A 31 2.49 6.67 -0.84
CA LEU A 31 1.30 7.09 -0.10
C LEU A 31 0.05 6.89 -0.94
N GLY A 32 0.11 7.26 -2.21
CA GLY A 32 -1.03 7.10 -3.09
C GLY A 32 -1.63 5.71 -3.03
N LEU A 33 -0.77 4.70 -3.02
CA LEU A 33 -1.22 3.31 -2.96
C LEU A 33 -1.98 3.04 -1.67
N LYS A 34 -1.47 3.58 -0.56
CA LYS A 34 -2.10 3.39 0.74
C LYS A 34 -3.50 4.00 0.75
N GLN A 35 -3.59 5.27 0.40
CA GLN A 35 -4.88 5.96 0.37
C GLN A 35 -5.96 5.07 -0.22
N GLN A 36 -5.63 4.38 -1.31
CA GLN A 36 -6.58 3.49 -1.97
C GLN A 36 -7.05 2.39 -1.01
N ILE A 37 -6.14 1.93 -0.16
CA ILE A 37 -6.47 0.88 0.79
C ILE A 37 -7.43 1.39 1.86
N GLU A 38 -7.26 2.66 2.25
CA GLU A 38 -8.12 3.26 3.26
C GLU A 38 -9.53 3.49 2.71
N ASP A 39 -9.61 3.80 1.42
CA ASP A 39 -10.90 4.05 0.77
C ASP A 39 -11.63 2.73 0.51
N GLN A 40 -10.93 1.62 0.70
CA GLN A 40 -11.51 0.31 0.48
C GLN A 40 -11.77 -0.41 1.80
N GLN A 41 -10.71 -0.59 2.58
CA GLN A 41 -10.83 -1.26 3.87
C GLN A 41 -11.37 -0.31 4.93
N GLY A 42 -11.17 0.99 4.71
CA GLY A 42 -11.65 1.98 5.66
C GLY A 42 -10.62 2.32 6.71
N LEU A 43 -9.65 1.43 6.90
CA LEU A 43 -8.60 1.65 7.89
C LEU A 43 -7.67 2.78 7.46
N PRO A 44 -7.27 3.61 8.44
CA PRO A 44 -6.38 4.75 8.19
C PRO A 44 -4.96 4.32 7.84
N LYS A 45 -4.25 5.18 7.13
CA LYS A 45 -2.88 4.88 6.74
C LYS A 45 -1.95 4.85 7.95
N LYS A 46 -2.05 5.88 8.78
CA LYS A 46 -1.21 5.97 9.98
C LYS A 46 -1.21 4.65 10.74
N GLN A 47 -2.22 3.82 10.49
CA GLN A 47 -2.33 2.52 11.14
C GLN A 47 -1.80 1.41 10.24
N GLN A 48 -2.11 1.51 8.95
CA GLN A 48 -1.68 0.51 7.98
C GLN A 48 -0.18 0.62 7.72
N GLN A 49 0.47 -0.53 7.53
CA GLN A 49 1.90 -0.57 7.27
C GLN A 49 2.25 -1.62 6.22
N LEU A 50 2.81 -1.18 5.11
CA LEU A 50 3.19 -2.08 4.03
C LEU A 50 4.70 -2.24 3.95
N GLU A 51 5.16 -3.49 3.83
CA GLU A 51 6.59 -3.78 3.74
C GLU A 51 6.91 -4.51 2.45
N PHE A 52 8.15 -4.35 2.00
CA PHE A 52 8.60 -5.00 0.77
C PHE A 52 10.04 -5.50 0.90
N GLN A 53 10.25 -6.77 0.56
CA GLN A 53 11.57 -7.37 0.64
C GLN A 53 12.19 -7.12 2.02
N GLY A 54 11.34 -6.98 3.03
CA GLY A 54 11.84 -6.73 4.38
C GLY A 54 12.26 -5.29 4.58
N GLN A 55 11.53 -4.37 3.97
CA GLN A 55 11.83 -2.95 4.09
C GLN A 55 10.56 -2.12 4.20
N VAL A 56 10.60 -1.09 5.04
CA VAL A 56 9.44 -0.22 5.24
C VAL A 56 9.34 0.81 4.12
N LEU A 57 8.16 0.90 3.51
CA LEU A 57 7.93 1.86 2.43
C LEU A 57 7.56 3.22 2.98
N GLN A 58 8.11 4.28 2.38
CA GLN A 58 7.83 5.63 2.80
C GLN A 58 6.91 6.34 1.82
N ASP A 59 6.19 7.35 2.29
CA ASP A 59 5.28 8.11 1.45
C ASP A 59 6.04 8.87 0.37
N TRP A 60 6.88 9.82 0.79
CA TRP A 60 7.66 10.61 -0.15
C TRP A 60 8.30 9.73 -1.21
N LEU A 61 8.56 8.47 -0.86
CA LEU A 61 9.16 7.53 -1.78
C LEU A 61 8.15 7.04 -2.80
N GLY A 62 8.65 6.46 -3.89
CA GLY A 62 7.78 5.96 -4.94
C GLY A 62 7.89 4.46 -5.12
N LEU A 63 6.89 3.86 -5.76
CA LEU A 63 6.89 2.41 -6.00
C LEU A 63 8.14 1.99 -6.76
N GLY A 64 8.57 2.82 -7.71
CA GLY A 64 9.75 2.51 -8.48
C GLY A 64 11.04 2.72 -7.70
N ILE A 65 11.06 3.78 -6.89
CA ILE A 65 12.24 4.09 -6.09
C ILE A 65 12.78 2.85 -5.38
N TYR A 66 11.86 2.04 -4.86
CA TYR A 66 12.24 0.82 -4.16
C TYR A 66 12.56 -0.30 -5.14
N GLY A 67 11.67 -0.49 -6.11
CA GLY A 67 11.87 -1.53 -7.11
C GLY A 67 10.67 -2.44 -7.23
N ILE A 68 9.53 -2.01 -6.70
CA ILE A 68 8.31 -2.80 -6.76
C ILE A 68 7.91 -3.07 -8.21
N GLN A 69 7.45 -4.31 -8.46
CA GLN A 69 7.04 -4.69 -9.80
C GLN A 69 5.56 -5.07 -9.83
N ASP A 70 5.03 -5.29 -11.03
CA ASP A 70 3.62 -5.64 -11.19
C ASP A 70 3.36 -7.06 -10.69
N SER A 71 2.09 -7.37 -10.45
CA SER A 71 1.71 -8.70 -9.96
C SER A 71 2.58 -9.12 -8.78
N ASP A 72 2.82 -8.18 -7.86
CA ASP A 72 3.62 -8.44 -6.68
C ASP A 72 2.75 -8.65 -5.45
N THR A 73 3.34 -9.18 -4.39
CA THR A 73 2.61 -9.44 -3.16
C THR A 73 3.08 -8.51 -2.03
N LEU A 74 2.18 -7.63 -1.59
CA LEU A 74 2.49 -6.68 -0.53
C LEU A 74 1.87 -7.13 0.79
N ILE A 75 2.65 -7.03 1.87
CA ILE A 75 2.18 -7.41 3.19
C ILE A 75 1.54 -6.22 3.91
N LEU A 76 0.35 -6.44 4.45
CA LEU A 76 -0.36 -5.38 5.17
C LEU A 76 -0.64 -5.80 6.62
N SER A 77 -0.28 -4.93 7.56
CA SER A 77 -0.48 -5.21 8.98
C SER A 77 -0.80 -3.93 9.73
N LYS A 78 -1.73 -4.03 10.67
CA LYS A 78 -2.13 -2.88 11.48
C LYS A 78 -1.02 -2.48 12.45
N LYS A 79 -0.85 -1.17 12.64
CA LYS A 79 0.17 -0.66 13.54
C LYS A 79 -0.10 -1.09 14.97
N LYS A 80 0.95 -1.51 15.67
CA LYS A 80 0.82 -1.94 17.05
C LYS A 80 -0.24 -1.13 17.79
N GLY A 81 -0.07 0.18 17.80
CA GLY A 81 -1.03 1.04 18.47
C GLY A 81 -0.48 2.43 18.73
N SER A 82 -0.35 3.23 17.68
CA SER A 82 0.17 4.59 17.79
C SER A 82 -0.43 5.30 19.00
N GLY A 83 0.41 5.96 19.78
CA GLY A 83 -0.06 6.68 20.95
C GLY A 83 -0.72 7.99 20.60
N PRO A 84 -1.74 8.37 21.39
CA PRO A 84 -2.49 9.62 21.17
C PRO A 84 -1.65 10.85 21.49
N SER A 85 -0.45 10.63 22.01
CA SER A 85 0.45 11.72 22.36
C SER A 85 0.35 12.85 21.35
N SER A 86 0.04 14.05 21.83
CA SER A 86 -0.09 15.22 20.97
C SER A 86 1.19 15.44 20.15
N GLY A 87 1.20 16.50 19.36
CA GLY A 87 2.36 16.80 18.55
C GLY A 87 2.70 15.68 17.58
N GLY A 1 -5.18 9.15 -16.02
CA GLY A 1 -5.55 9.42 -17.41
C GLY A 1 -6.85 8.76 -17.80
N SER A 2 -7.36 9.11 -18.98
CA SER A 2 -8.62 8.55 -19.46
C SER A 2 -8.37 7.25 -20.21
N SER A 3 -7.41 7.28 -21.14
CA SER A 3 -7.09 6.11 -21.93
C SER A 3 -5.62 6.15 -22.39
N GLY A 4 -4.82 5.23 -21.86
CA GLY A 4 -3.41 5.17 -22.21
C GLY A 4 -2.50 5.57 -21.07
N SER A 5 -2.49 4.75 -20.03
CA SER A 5 -1.66 5.02 -18.85
C SER A 5 -0.96 3.75 -18.38
N SER A 6 0.37 3.81 -18.30
CA SER A 6 1.16 2.67 -17.86
C SER A 6 1.12 2.54 -16.35
N GLY A 7 0.44 1.50 -15.86
CA GLY A 7 0.34 1.28 -14.43
C GLY A 7 0.67 -0.15 -14.05
N ILE A 8 0.88 -0.38 -12.75
CA ILE A 8 1.19 -1.72 -12.25
C ILE A 8 0.15 -2.20 -11.26
N GLN A 9 0.00 -3.52 -11.14
CA GLN A 9 -0.97 -4.10 -10.22
C GLN A 9 -0.27 -4.75 -9.04
N VAL A 10 -0.67 -4.38 -7.83
CA VAL A 10 -0.08 -4.93 -6.62
C VAL A 10 -1.11 -5.71 -5.82
N PHE A 11 -0.67 -6.80 -5.19
CA PHE A 11 -1.55 -7.64 -4.39
C PHE A 11 -1.39 -7.33 -2.91
N VAL A 12 -2.41 -6.69 -2.33
CA VAL A 12 -2.39 -6.33 -0.92
C VAL A 12 -2.99 -7.45 -0.07
N LYS A 13 -2.13 -8.11 0.71
CA LYS A 13 -2.57 -9.20 1.58
C LYS A 13 -2.97 -8.67 2.94
N ASN A 14 -4.28 -8.59 3.18
CA ASN A 14 -4.80 -8.11 4.45
C ASN A 14 -4.50 -9.09 5.58
N PRO A 15 -4.39 -8.58 6.81
CA PRO A 15 -4.11 -9.40 7.99
C PRO A 15 -5.29 -10.28 8.37
N ASP A 16 -6.45 -10.00 7.78
CA ASP A 16 -7.66 -10.78 8.05
C ASP A 16 -7.74 -11.99 7.14
N GLY A 17 -7.36 -11.82 5.88
CA GLY A 17 -7.41 -12.91 4.93
C GLY A 17 -7.96 -12.48 3.58
N GLY A 18 -7.21 -12.76 2.52
CA GLY A 18 -7.65 -12.40 1.19
C GLY A 18 -6.85 -11.23 0.62
N SER A 19 -6.18 -11.48 -0.50
CA SER A 19 -5.36 -10.45 -1.14
C SER A 19 -6.13 -9.80 -2.28
N TYR A 20 -6.19 -8.47 -2.27
CA TYR A 20 -6.90 -7.71 -3.29
C TYR A 20 -5.94 -7.22 -4.37
N ALA A 21 -6.48 -6.82 -5.51
CA ALA A 21 -5.67 -6.31 -6.61
C ALA A 21 -5.92 -4.83 -6.84
N TYR A 22 -4.91 -4.01 -6.54
CA TYR A 22 -5.02 -2.57 -6.71
C TYR A 22 -4.30 -2.11 -7.98
N ALA A 23 -4.58 -0.88 -8.40
CA ALA A 23 -3.96 -0.32 -9.59
C ALA A 23 -3.39 1.06 -9.32
N ILE A 24 -2.07 1.20 -9.48
CA ILE A 24 -1.41 2.47 -9.24
C ILE A 24 -0.17 2.61 -10.14
N ASN A 25 0.00 3.80 -10.72
CA ASN A 25 1.13 4.06 -11.60
C ASN A 25 2.44 3.94 -10.83
N PRO A 26 3.48 3.40 -11.51
CA PRO A 26 4.80 3.23 -10.91
C PRO A 26 5.51 4.56 -10.67
N ASN A 27 4.94 5.62 -11.18
CA ASN A 27 5.52 6.96 -11.01
C ASN A 27 4.94 7.66 -9.79
N SER A 28 3.74 7.24 -9.40
CA SER A 28 3.06 7.83 -8.24
C SER A 28 3.76 7.42 -6.94
N PHE A 29 3.62 8.25 -5.92
CA PHE A 29 4.23 7.97 -4.62
C PHE A 29 3.56 6.76 -3.95
N ILE A 30 4.26 6.17 -2.99
CA ILE A 30 3.73 5.01 -2.28
C ILE A 30 2.42 5.34 -1.57
N LEU A 31 2.33 6.56 -1.05
CA LEU A 31 1.13 7.01 -0.36
C LEU A 31 -0.10 6.82 -1.23
N GLY A 32 0.06 7.05 -2.53
CA GLY A 32 -1.05 6.90 -3.45
C GLY A 32 -1.71 5.54 -3.36
N LEU A 33 -0.97 4.56 -2.86
CA LEU A 33 -1.48 3.20 -2.71
C LEU A 33 -2.25 3.05 -1.40
N LYS A 34 -1.61 3.44 -0.30
CA LYS A 34 -2.23 3.35 1.02
C LYS A 34 -3.64 3.92 1.00
N GLN A 35 -3.78 5.14 0.48
CA GLN A 35 -5.07 5.80 0.40
C GLN A 35 -6.13 4.86 -0.21
N GLN A 36 -5.75 4.17 -1.27
CA GLN A 36 -6.65 3.24 -1.94
C GLN A 36 -7.09 2.14 -0.99
N ILE A 37 -6.21 1.79 -0.05
CA ILE A 37 -6.52 0.73 0.92
C ILE A 37 -7.42 1.26 2.04
N GLU A 38 -7.25 2.54 2.38
CA GLU A 38 -8.04 3.15 3.44
C GLU A 38 -9.44 3.50 2.92
N ASP A 39 -9.51 4.06 1.72
CA ASP A 39 -10.78 4.43 1.12
C ASP A 39 -11.58 3.19 0.71
N GLN A 40 -10.89 2.06 0.60
CA GLN A 40 -11.53 0.81 0.23
C GLN A 40 -11.81 -0.05 1.45
N GLN A 41 -10.77 -0.30 2.25
CA GLN A 41 -10.92 -1.12 3.45
C GLN A 41 -11.46 -0.27 4.60
N GLY A 42 -11.17 1.02 4.59
CA GLY A 42 -11.63 1.91 5.64
C GLY A 42 -10.58 2.14 6.71
N LEU A 43 -9.54 1.31 6.72
CA LEU A 43 -8.47 1.42 7.69
C LEU A 43 -7.66 2.69 7.44
N PRO A 44 -7.31 3.40 8.54
CA PRO A 44 -6.53 4.63 8.46
C PRO A 44 -5.08 4.38 8.06
N LYS A 45 -4.46 5.37 7.43
CA LYS A 45 -3.08 5.25 7.00
C LYS A 45 -2.13 5.25 8.19
N LYS A 46 -2.61 5.73 9.32
CA LYS A 46 -1.82 5.78 10.54
C LYS A 46 -1.79 4.43 11.24
N GLN A 47 -2.39 3.43 10.60
CA GLN A 47 -2.44 2.09 11.16
C GLN A 47 -1.90 1.06 10.16
N GLN A 48 -2.27 1.23 8.89
CA GLN A 48 -1.83 0.33 7.84
C GLN A 48 -0.34 0.54 7.53
N GLN A 49 0.41 -0.55 7.48
CA GLN A 49 1.84 -0.49 7.19
C GLN A 49 2.25 -1.58 6.21
N LEU A 50 2.62 -1.18 5.00
CA LEU A 50 3.03 -2.12 3.98
C LEU A 50 4.54 -2.32 4.00
N GLU A 51 4.98 -3.54 3.67
CA GLU A 51 6.40 -3.86 3.66
C GLU A 51 6.75 -4.69 2.43
N PHE A 52 8.04 -4.77 2.12
CA PHE A 52 8.51 -5.53 0.97
C PHE A 52 9.88 -6.14 1.24
N GLN A 53 10.06 -7.39 0.82
CA GLN A 53 11.32 -8.10 1.03
C GLN A 53 11.94 -7.71 2.37
N GLY A 54 11.09 -7.43 3.35
CA GLY A 54 11.58 -7.06 4.67
C GLY A 54 12.04 -5.61 4.73
N GLN A 55 11.29 -4.72 4.11
CA GLN A 55 11.63 -3.30 4.08
C GLN A 55 10.38 -2.44 4.23
N VAL A 56 10.43 -1.48 5.15
CA VAL A 56 9.30 -0.59 5.39
C VAL A 56 9.15 0.41 4.25
N LEU A 57 7.97 0.42 3.62
CA LEU A 57 7.71 1.34 2.53
C LEU A 57 7.22 2.69 3.04
N GLN A 58 7.88 3.75 2.58
CA GLN A 58 7.53 5.10 3.00
C GLN A 58 6.29 5.59 2.26
N ASP A 59 5.93 6.85 2.49
CA ASP A 59 4.76 7.44 1.85
C ASP A 59 5.18 8.44 0.78
N TRP A 60 6.25 9.18 1.04
CA TRP A 60 6.75 10.16 0.10
C TRP A 60 7.56 9.51 -1.00
N LEU A 61 8.16 8.36 -0.69
CA LEU A 61 8.97 7.63 -1.66
C LEU A 61 8.10 7.02 -2.75
N GLY A 62 8.68 6.86 -3.94
CA GLY A 62 7.94 6.30 -5.05
C GLY A 62 8.19 4.81 -5.23
N LEU A 63 7.45 4.19 -6.13
CA LEU A 63 7.60 2.76 -6.39
C LEU A 63 8.90 2.47 -7.14
N GLY A 64 9.07 3.12 -8.29
CA GLY A 64 10.27 2.93 -9.08
C GLY A 64 11.54 3.06 -8.26
N ILE A 65 11.43 3.73 -7.11
CA ILE A 65 12.57 3.93 -6.23
C ILE A 65 12.98 2.62 -5.57
N TYR A 66 12.02 1.95 -4.93
CA TYR A 66 12.29 0.69 -4.26
C TYR A 66 12.57 -0.42 -5.25
N GLY A 67 11.78 -0.47 -6.32
CA GLY A 67 11.96 -1.48 -7.34
C GLY A 67 10.80 -2.46 -7.40
N ILE A 68 9.65 -2.05 -6.86
CA ILE A 68 8.47 -2.90 -6.85
C ILE A 68 8.06 -3.29 -8.27
N GLN A 69 7.94 -4.60 -8.50
CA GLN A 69 7.56 -5.12 -9.81
C GLN A 69 6.07 -5.47 -9.84
N ASP A 70 5.47 -5.35 -11.02
CA ASP A 70 4.05 -5.65 -11.19
C ASP A 70 3.74 -7.06 -10.67
N SER A 71 2.51 -7.24 -10.20
CA SER A 71 2.08 -8.53 -9.67
C SER A 71 2.87 -8.90 -8.42
N ASP A 72 3.18 -7.89 -7.61
CA ASP A 72 3.94 -8.11 -6.38
C ASP A 72 3.00 -8.38 -5.20
N THR A 73 3.54 -8.95 -4.14
CA THR A 73 2.76 -9.26 -2.95
C THR A 73 3.11 -8.34 -1.80
N LEU A 74 2.21 -7.41 -1.49
CA LEU A 74 2.42 -6.46 -0.40
C LEU A 74 1.73 -6.93 0.88
N ILE A 75 2.50 -7.02 1.95
CA ILE A 75 1.97 -7.46 3.24
C ILE A 75 1.34 -6.29 4.00
N LEU A 76 0.23 -6.57 4.68
CA LEU A 76 -0.47 -5.53 5.44
C LEU A 76 -0.57 -5.92 6.92
N SER A 77 -0.13 -5.03 7.79
CA SER A 77 -0.17 -5.28 9.23
C SER A 77 -0.57 -4.01 9.99
N LYS A 78 -1.60 -4.13 10.81
CA LYS A 78 -2.08 -3.00 11.60
C LYS A 78 -1.08 -2.64 12.69
N LYS A 79 -1.00 -1.35 13.01
CA LYS A 79 -0.08 -0.88 14.04
C LYS A 79 -0.56 -1.30 15.43
N LYS A 80 0.38 -1.55 16.33
CA LYS A 80 0.06 -1.96 17.69
C LYS A 80 0.26 -0.80 18.67
N GLY A 81 -0.83 -0.12 19.00
CA GLY A 81 -0.75 0.99 19.92
C GLY A 81 -2.12 1.43 20.42
N SER A 82 -2.48 2.68 20.13
CA SER A 82 -3.77 3.22 20.55
C SER A 82 -3.98 4.63 20.00
N GLY A 83 -4.97 4.76 19.13
CA GLY A 83 -5.26 6.06 18.53
C GLY A 83 -6.75 6.34 18.44
N PRO A 84 -7.13 7.61 18.65
CA PRO A 84 -8.54 8.03 18.59
C PRO A 84 -9.10 7.98 17.18
N SER A 85 -10.42 7.89 17.07
CA SER A 85 -11.09 7.83 15.78
C SER A 85 -11.77 9.16 15.47
N SER A 86 -11.14 9.96 14.62
CA SER A 86 -11.69 11.26 14.23
C SER A 86 -12.83 11.09 13.23
N GLY A 87 -14.04 11.47 13.66
CA GLY A 87 -15.19 11.35 12.79
C GLY A 87 -15.20 12.40 11.69
N GLY A 1 -11.71 -7.20 -17.02
CA GLY A 1 -10.30 -7.47 -17.24
C GLY A 1 -9.86 -7.10 -18.65
N SER A 2 -9.87 -5.81 -18.95
CA SER A 2 -9.47 -5.34 -20.28
C SER A 2 -8.73 -4.01 -20.17
N SER A 3 -7.91 -3.72 -21.18
CA SER A 3 -7.13 -2.49 -21.19
C SER A 3 -8.03 -1.28 -20.93
N GLY A 4 -7.63 -0.45 -19.96
CA GLY A 4 -8.41 0.72 -19.63
C GLY A 4 -7.63 1.71 -18.79
N SER A 5 -7.00 1.22 -17.73
CA SER A 5 -6.22 2.08 -16.84
C SER A 5 -4.77 1.62 -16.79
N SER A 6 -3.86 2.47 -17.29
CA SER A 6 -2.44 2.15 -17.30
C SER A 6 -1.90 2.01 -15.88
N GLY A 7 -0.63 1.64 -15.77
CA GLY A 7 -0.01 1.48 -14.47
C GLY A 7 0.30 0.03 -14.15
N ILE A 8 0.80 -0.22 -12.95
CA ILE A 8 1.14 -1.57 -12.53
C ILE A 8 0.16 -2.08 -11.47
N GLN A 9 -0.09 -3.38 -11.48
CA GLN A 9 -1.00 -4.00 -10.52
C GLN A 9 -0.24 -4.54 -9.32
N VAL A 10 -0.79 -4.34 -8.12
CA VAL A 10 -0.17 -4.81 -6.89
C VAL A 10 -1.17 -5.56 -6.02
N PHE A 11 -0.70 -6.62 -5.38
CA PHE A 11 -1.55 -7.43 -4.52
C PHE A 11 -1.33 -7.08 -3.05
N VAL A 12 -2.36 -6.55 -2.41
CA VAL A 12 -2.27 -6.16 -1.01
C VAL A 12 -2.89 -7.24 -0.10
N LYS A 13 -2.03 -7.99 0.58
CA LYS A 13 -2.49 -9.04 1.47
C LYS A 13 -2.81 -8.49 2.86
N ASN A 14 -4.06 -8.64 3.27
CA ASN A 14 -4.50 -8.15 4.57
C ASN A 14 -4.17 -9.16 5.68
N PRO A 15 -3.93 -8.65 6.90
CA PRO A 15 -3.61 -9.49 8.05
C PRO A 15 -4.80 -10.32 8.52
N ASP A 16 -5.94 -10.11 7.89
CA ASP A 16 -7.16 -10.84 8.24
C ASP A 16 -7.20 -12.18 7.52
N GLY A 17 -6.85 -12.18 6.24
CA GLY A 17 -6.86 -13.41 5.46
C GLY A 17 -7.41 -13.20 4.06
N GLY A 18 -6.62 -12.54 3.22
CA GLY A 18 -7.05 -12.29 1.85
C GLY A 18 -6.06 -11.42 1.10
N SER A 19 -6.41 -11.08 -0.15
CA SER A 19 -5.55 -10.25 -0.98
C SER A 19 -6.30 -9.76 -2.20
N TYR A 20 -6.26 -8.44 -2.42
CA TYR A 20 -6.95 -7.82 -3.55
C TYR A 20 -5.95 -7.21 -4.52
N ALA A 21 -6.38 -7.01 -5.76
CA ALA A 21 -5.53 -6.42 -6.79
C ALA A 21 -5.81 -4.94 -6.96
N TYR A 22 -4.79 -4.11 -6.74
CA TYR A 22 -4.93 -2.67 -6.86
C TYR A 22 -4.22 -2.16 -8.12
N ALA A 23 -4.67 -1.01 -8.61
CA ALA A 23 -4.09 -0.42 -9.81
C ALA A 23 -3.50 0.96 -9.50
N ILE A 24 -2.17 1.07 -9.58
CA ILE A 24 -1.50 2.33 -9.31
C ILE A 24 -0.26 2.48 -10.19
N ASN A 25 -0.19 3.59 -10.92
CA ASN A 25 0.94 3.86 -11.79
C ASN A 25 2.26 3.69 -11.05
N PRO A 26 3.31 3.33 -11.80
CA PRO A 26 4.66 3.13 -11.23
C PRO A 26 5.29 4.44 -10.78
N ASN A 27 4.85 5.54 -11.35
CA ASN A 27 5.37 6.86 -11.00
C ASN A 27 4.74 7.37 -9.72
N SER A 28 3.45 7.11 -9.54
CA SER A 28 2.74 7.55 -8.35
C SER A 28 3.53 7.23 -7.09
N PHE A 29 3.34 8.04 -6.05
CA PHE A 29 4.04 7.84 -4.79
C PHE A 29 3.35 6.76 -3.94
N ILE A 30 4.15 5.96 -3.25
CA ILE A 30 3.62 4.90 -2.41
C ILE A 30 2.38 5.36 -1.66
N LEU A 31 2.50 6.49 -0.96
CA LEU A 31 1.39 7.05 -0.20
C LEU A 31 0.08 6.91 -0.97
N GLY A 32 0.10 7.31 -2.24
CA GLY A 32 -1.09 7.21 -3.06
C GLY A 32 -1.76 5.86 -2.98
N LEU A 33 -0.95 4.80 -2.91
CA LEU A 33 -1.46 3.45 -2.83
C LEU A 33 -2.25 3.25 -1.54
N LYS A 34 -1.59 3.47 -0.42
CA LYS A 34 -2.23 3.30 0.89
C LYS A 34 -3.65 3.87 0.87
N GLN A 35 -3.77 5.15 0.50
CA GLN A 35 -5.08 5.80 0.44
C GLN A 35 -6.14 4.86 -0.11
N GLN A 36 -5.87 4.30 -1.30
CA GLN A 36 -6.81 3.38 -1.94
C GLN A 36 -7.27 2.31 -0.96
N ILE A 37 -6.33 1.81 -0.16
CA ILE A 37 -6.64 0.78 0.82
C ILE A 37 -7.50 1.33 1.96
N GLU A 38 -7.34 2.62 2.22
CA GLU A 38 -8.10 3.27 3.29
C GLU A 38 -9.56 3.43 2.90
N ASP A 39 -9.80 3.98 1.72
CA ASP A 39 -11.16 4.19 1.23
C ASP A 39 -11.79 2.86 0.80
N GLN A 40 -10.94 1.89 0.48
CA GLN A 40 -11.41 0.57 0.06
C GLN A 40 -11.81 -0.27 1.27
N GLN A 41 -10.84 -0.58 2.13
CA GLN A 41 -11.09 -1.37 3.31
C GLN A 41 -11.68 -0.53 4.43
N GLY A 42 -11.10 0.65 4.64
CA GLY A 42 -11.57 1.54 5.68
C GLY A 42 -10.51 1.83 6.72
N LEU A 43 -9.45 1.03 6.72
CA LEU A 43 -8.37 1.21 7.68
C LEU A 43 -7.56 2.46 7.36
N PRO A 44 -7.23 3.24 8.40
CA PRO A 44 -6.46 4.47 8.27
C PRO A 44 -5.00 4.21 7.88
N LYS A 45 -4.44 5.10 7.07
CA LYS A 45 -3.05 4.95 6.63
C LYS A 45 -2.10 4.93 7.82
N LYS A 46 -2.20 5.95 8.66
CA LYS A 46 -1.35 6.04 9.85
C LYS A 46 -1.24 4.69 10.55
N GLN A 47 -2.22 3.83 10.31
CA GLN A 47 -2.23 2.50 10.92
C GLN A 47 -1.68 1.46 9.94
N GLN A 48 -2.25 1.42 8.74
CA GLN A 48 -1.81 0.46 7.72
C GLN A 48 -0.33 0.65 7.39
N GLN A 49 0.45 -0.41 7.57
CA GLN A 49 1.88 -0.36 7.29
C GLN A 49 2.28 -1.48 6.33
N LEU A 50 2.80 -1.09 5.18
CA LEU A 50 3.24 -2.07 4.17
C LEU A 50 4.73 -2.33 4.28
N GLU A 51 5.11 -3.60 4.23
CA GLU A 51 6.51 -3.99 4.31
C GLU A 51 6.94 -4.77 3.08
N PHE A 52 8.17 -4.55 2.64
CA PHE A 52 8.70 -5.23 1.46
C PHE A 52 10.19 -5.52 1.63
N GLN A 53 10.60 -6.73 1.27
CA GLN A 53 12.00 -7.13 1.38
C GLN A 53 12.57 -6.76 2.75
N GLY A 54 11.69 -6.69 3.74
CA GLY A 54 12.12 -6.34 5.09
C GLY A 54 12.53 -4.90 5.21
N GLN A 55 11.89 -4.03 4.44
CA GLN A 55 12.18 -2.60 4.46
C GLN A 55 10.90 -1.77 4.48
N VAL A 56 10.75 -0.96 5.52
CA VAL A 56 9.57 -0.11 5.67
C VAL A 56 9.50 0.92 4.55
N LEU A 57 8.53 0.77 3.66
CA LEU A 57 8.34 1.69 2.55
C LEU A 57 8.00 3.09 3.06
N GLN A 58 8.32 4.10 2.25
CA GLN A 58 8.04 5.48 2.62
C GLN A 58 6.93 6.06 1.74
N ASP A 59 6.66 7.35 1.91
CA ASP A 59 5.62 8.02 1.14
C ASP A 59 6.23 8.83 0.00
N TRP A 60 7.44 9.35 0.23
CA TRP A 60 8.13 10.14 -0.78
C TRP A 60 9.03 9.27 -1.64
N LEU A 61 8.96 7.96 -1.42
CA LEU A 61 9.77 7.01 -2.18
C LEU A 61 8.95 6.34 -3.27
N GLY A 62 8.94 6.96 -4.46
CA GLY A 62 8.19 6.41 -5.57
C GLY A 62 8.28 4.90 -5.65
N LEU A 63 7.27 4.27 -6.23
CA LEU A 63 7.25 2.82 -6.37
C LEU A 63 8.56 2.30 -6.95
N GLY A 64 8.97 2.88 -8.07
CA GLY A 64 10.21 2.47 -8.72
C GLY A 64 11.41 2.63 -7.80
N ILE A 65 11.45 3.72 -7.06
CA ILE A 65 12.55 4.00 -6.15
C ILE A 65 13.04 2.71 -5.48
N TYR A 66 12.09 1.89 -5.04
CA TYR A 66 12.42 0.62 -4.39
C TYR A 66 12.70 -0.47 -5.41
N GLY A 67 11.85 -0.54 -6.43
CA GLY A 67 12.02 -1.55 -7.47
C GLY A 67 10.90 -2.56 -7.48
N ILE A 68 9.70 -2.13 -7.13
CA ILE A 68 8.55 -3.02 -7.09
C ILE A 68 8.13 -3.43 -8.49
N GLN A 69 7.82 -4.71 -8.66
CA GLN A 69 7.41 -5.23 -9.97
C GLN A 69 5.91 -5.53 -9.97
N ASP A 70 5.32 -5.54 -11.17
CA ASP A 70 3.90 -5.81 -11.31
C ASP A 70 3.55 -7.19 -10.76
N SER A 71 2.31 -7.36 -10.33
CA SER A 71 1.84 -8.63 -9.78
C SER A 71 2.67 -9.01 -8.56
N ASP A 72 3.00 -8.03 -7.74
CA ASP A 72 3.79 -8.26 -6.53
C ASP A 72 2.88 -8.47 -5.32
N THR A 73 3.44 -9.03 -4.25
CA THR A 73 2.68 -9.28 -3.04
C THR A 73 3.13 -8.38 -1.90
N LEU A 74 2.18 -7.67 -1.30
CA LEU A 74 2.48 -6.76 -0.20
C LEU A 74 1.79 -7.22 1.09
N ILE A 75 2.56 -7.27 2.17
CA ILE A 75 2.02 -7.69 3.46
C ILE A 75 1.50 -6.50 4.24
N LEU A 76 0.31 -6.65 4.82
CA LEU A 76 -0.31 -5.59 5.60
C LEU A 76 -0.39 -5.96 7.08
N SER A 77 0.03 -5.05 7.95
CA SER A 77 0.01 -5.28 9.38
C SER A 77 -0.35 -4.01 10.14
N LYS A 78 -1.34 -4.12 11.02
CA LYS A 78 -1.78 -2.97 11.81
C LYS A 78 -0.74 -2.59 12.85
N LYS A 79 -0.73 -1.32 13.25
CA LYS A 79 0.21 -0.82 14.24
C LYS A 79 -0.18 -1.28 15.64
N LYS A 80 0.67 -2.10 16.25
CA LYS A 80 0.42 -2.61 17.59
C LYS A 80 -0.12 -1.50 18.49
N GLY A 81 -1.03 -1.86 19.39
CA GLY A 81 -1.60 -0.89 20.30
C GLY A 81 -2.48 0.13 19.59
N SER A 82 -3.36 0.78 20.35
CA SER A 82 -4.25 1.78 19.78
C SER A 82 -3.51 3.09 19.49
N GLY A 83 -3.72 3.64 18.30
CA GLY A 83 -3.07 4.88 17.93
C GLY A 83 -3.59 6.07 18.70
N PRO A 84 -2.71 7.05 18.95
CA PRO A 84 -3.06 8.27 19.69
C PRO A 84 -4.00 9.17 18.90
N SER A 85 -4.96 9.77 19.59
CA SER A 85 -5.92 10.66 18.95
C SER A 85 -5.88 12.04 19.59
N SER A 86 -5.94 13.08 18.75
CA SER A 86 -5.91 14.46 19.22
C SER A 86 -7.21 14.81 19.94
N GLY A 87 -7.22 15.97 20.59
CA GLY A 87 -8.40 16.41 21.30
C GLY A 87 -8.67 17.89 21.13
N GLY A 1 -15.52 -1.42 -20.16
CA GLY A 1 -14.64 -0.62 -20.98
C GLY A 1 -13.27 -0.42 -20.34
N SER A 2 -12.91 0.83 -20.10
CA SER A 2 -11.62 1.14 -19.50
C SER A 2 -10.50 0.30 -20.12
N SER A 3 -10.55 0.16 -21.44
CA SER A 3 -9.55 -0.63 -22.15
C SER A 3 -8.14 -0.10 -21.88
N GLY A 4 -7.17 -1.02 -21.85
CA GLY A 4 -5.80 -0.63 -21.59
C GLY A 4 -5.47 -0.61 -20.11
N SER A 5 -4.54 -1.46 -19.70
CA SER A 5 -4.13 -1.55 -18.31
C SER A 5 -3.56 -0.23 -17.82
N SER A 6 -3.78 0.08 -16.55
CA SER A 6 -3.27 1.32 -15.97
C SER A 6 -2.27 1.03 -14.86
N GLY A 7 -1.12 1.72 -14.91
CA GLY A 7 -0.09 1.52 -13.91
C GLY A 7 0.22 0.06 -13.69
N ILE A 8 0.78 -0.25 -12.51
CA ILE A 8 1.13 -1.63 -12.18
C ILE A 8 0.12 -2.24 -11.20
N GLN A 9 -0.08 -3.54 -11.31
CA GLN A 9 -1.01 -4.25 -10.44
C GLN A 9 -0.29 -4.82 -9.22
N VAL A 10 -0.71 -4.41 -8.03
CA VAL A 10 -0.11 -4.87 -6.80
C VAL A 10 -1.12 -5.63 -5.94
N PHE A 11 -0.65 -6.67 -5.26
CA PHE A 11 -1.52 -7.47 -4.40
C PHE A 11 -1.30 -7.14 -2.93
N VAL A 12 -2.28 -6.48 -2.32
CA VAL A 12 -2.20 -6.11 -0.92
C VAL A 12 -2.76 -7.20 -0.02
N LYS A 13 -1.88 -7.82 0.76
CA LYS A 13 -2.28 -8.89 1.67
C LYS A 13 -2.64 -8.33 3.04
N ASN A 14 -3.93 -8.13 3.27
CA ASN A 14 -4.41 -7.60 4.54
C ASN A 14 -4.04 -8.53 5.69
N PRO A 15 -3.95 -7.95 6.90
CA PRO A 15 -3.60 -8.72 8.11
C PRO A 15 -4.72 -9.66 8.53
N ASP A 16 -5.94 -9.39 8.08
CA ASP A 16 -7.08 -10.22 8.42
C ASP A 16 -6.99 -11.58 7.75
N GLY A 17 -6.89 -11.57 6.42
CA GLY A 17 -6.79 -12.82 5.68
C GLY A 17 -7.26 -12.68 4.25
N GLY A 18 -6.31 -12.69 3.31
CA GLY A 18 -6.66 -12.56 1.91
C GLY A 18 -5.75 -11.60 1.17
N SER A 19 -6.16 -11.18 -0.02
CA SER A 19 -5.37 -10.26 -0.82
C SER A 19 -6.17 -9.79 -2.04
N TYR A 20 -6.09 -8.49 -2.33
CA TYR A 20 -6.80 -7.91 -3.46
C TYR A 20 -5.82 -7.26 -4.44
N ALA A 21 -6.28 -7.05 -5.67
CA ALA A 21 -5.45 -6.44 -6.70
C ALA A 21 -5.78 -4.96 -6.86
N TYR A 22 -4.80 -4.11 -6.60
CA TYR A 22 -4.99 -2.67 -6.71
C TYR A 22 -4.31 -2.13 -7.97
N ALA A 23 -4.78 -0.97 -8.43
CA ALA A 23 -4.22 -0.34 -9.62
C ALA A 23 -3.62 1.03 -9.29
N ILE A 24 -2.32 1.16 -9.49
CA ILE A 24 -1.63 2.41 -9.21
C ILE A 24 -0.33 2.51 -10.00
N ASN A 25 -0.08 3.68 -10.58
CA ASN A 25 1.13 3.91 -11.36
C ASN A 25 2.37 3.82 -10.48
N PRO A 26 3.48 3.34 -11.06
CA PRO A 26 4.75 3.20 -10.34
C PRO A 26 5.39 4.54 -10.02
N ASN A 27 5.02 5.57 -10.78
CA ASN A 27 5.56 6.91 -10.58
C ASN A 27 4.97 7.54 -9.33
N SER A 28 3.70 7.22 -9.05
CA SER A 28 3.02 7.76 -7.88
C SER A 28 3.70 7.31 -6.59
N PHE A 29 3.60 8.14 -5.56
CA PHE A 29 4.20 7.83 -4.27
C PHE A 29 3.49 6.66 -3.60
N ILE A 30 4.22 5.94 -2.75
CA ILE A 30 3.64 4.79 -2.05
C ILE A 30 2.38 5.18 -1.30
N LEU A 31 2.35 6.41 -0.79
CA LEU A 31 1.20 6.91 -0.06
C LEU A 31 -0.08 6.75 -0.88
N GLY A 32 -0.01 7.14 -2.15
CA GLY A 32 -1.17 7.03 -3.01
C GLY A 32 -1.83 5.67 -2.94
N LEU A 33 -1.02 4.62 -2.83
CA LEU A 33 -1.54 3.26 -2.75
C LEU A 33 -2.33 3.06 -1.46
N LYS A 34 -1.81 3.57 -0.36
CA LYS A 34 -2.46 3.45 0.93
C LYS A 34 -3.81 4.18 0.93
N GLN A 35 -3.80 5.41 0.43
CA GLN A 35 -5.03 6.21 0.36
C GLN A 35 -6.17 5.40 -0.23
N GLN A 36 -5.88 4.63 -1.27
CA GLN A 36 -6.89 3.81 -1.92
C GLN A 36 -7.35 2.68 -1.01
N ILE A 37 -6.41 2.10 -0.27
CA ILE A 37 -6.72 1.01 0.65
C ILE A 37 -7.57 1.48 1.81
N GLU A 38 -7.39 2.75 2.19
CA GLU A 38 -8.14 3.33 3.29
C GLU A 38 -9.56 3.68 2.85
N ASP A 39 -9.75 3.83 1.55
CA ASP A 39 -11.07 4.16 0.99
C ASP A 39 -11.82 2.90 0.59
N GLN A 40 -11.11 1.78 0.52
CA GLN A 40 -11.71 0.50 0.14
C GLN A 40 -11.95 -0.36 1.37
N GLN A 41 -10.99 -0.36 2.29
CA GLN A 41 -11.11 -1.15 3.51
C GLN A 41 -11.59 -0.29 4.67
N GLY A 42 -11.27 1.00 4.62
CA GLY A 42 -11.67 1.91 5.68
C GLY A 42 -10.56 2.20 6.66
N LEU A 43 -9.57 1.31 6.71
CA LEU A 43 -8.43 1.47 7.61
C LEU A 43 -7.63 2.72 7.25
N PRO A 44 -7.19 3.45 8.28
CA PRO A 44 -6.40 4.67 8.09
C PRO A 44 -4.99 4.39 7.58
N LYS A 45 -4.27 5.44 7.23
CA LYS A 45 -2.92 5.31 6.72
C LYS A 45 -1.90 5.37 7.86
N LYS A 46 -2.36 5.80 9.03
CA LYS A 46 -1.48 5.90 10.20
C LYS A 46 -1.45 4.58 10.97
N GLN A 47 -2.08 3.55 10.39
CA GLN A 47 -2.12 2.23 11.03
C GLN A 47 -1.61 1.16 10.08
N GLN A 48 -2.04 1.24 8.82
CA GLN A 48 -1.62 0.27 7.82
C GLN A 48 -0.15 0.44 7.48
N GLN A 49 0.58 -0.67 7.38
CA GLN A 49 2.00 -0.64 7.05
C GLN A 49 2.34 -1.73 6.04
N LEU A 50 2.73 -1.31 4.85
CA LEU A 50 3.11 -2.25 3.78
C LEU A 50 4.60 -2.56 3.82
N GLU A 51 4.94 -3.79 3.45
CA GLU A 51 6.34 -4.21 3.43
C GLU A 51 6.65 -5.03 2.18
N PHE A 52 7.93 -5.28 1.96
CA PHE A 52 8.37 -6.05 0.80
C PHE A 52 9.70 -6.75 1.07
N GLN A 53 9.65 -8.07 1.19
CA GLN A 53 10.85 -8.86 1.45
C GLN A 53 11.49 -8.44 2.76
N GLY A 54 10.67 -8.12 3.76
CA GLY A 54 11.18 -7.71 5.05
C GLY A 54 11.77 -6.32 5.01
N GLN A 55 11.09 -5.39 4.35
CA GLN A 55 11.56 -4.01 4.25
C GLN A 55 10.41 -3.03 4.40
N VAL A 56 10.53 -2.12 5.35
CA VAL A 56 9.49 -1.12 5.60
C VAL A 56 9.43 -0.11 4.45
N LEU A 57 8.22 0.13 3.96
CA LEU A 57 8.02 1.08 2.86
C LEU A 57 7.66 2.46 3.39
N GLN A 58 8.07 3.50 2.67
CA GLN A 58 7.79 4.86 3.07
C GLN A 58 6.57 5.41 2.32
N ASP A 59 6.24 6.67 2.58
CA ASP A 59 5.10 7.31 1.94
C ASP A 59 5.57 8.21 0.80
N TRP A 60 6.63 8.97 1.04
CA TRP A 60 7.16 9.87 0.03
C TRP A 60 7.94 9.11 -1.03
N LEU A 61 8.40 7.91 -0.67
CA LEU A 61 9.15 7.08 -1.61
C LEU A 61 8.24 6.46 -2.66
N GLY A 62 8.66 6.54 -3.92
CA GLY A 62 7.87 5.98 -5.00
C GLY A 62 8.00 4.48 -5.10
N LEU A 63 7.02 3.85 -5.75
CA LEU A 63 7.03 2.40 -5.91
C LEU A 63 8.24 1.94 -6.72
N GLY A 64 8.81 2.87 -7.48
CA GLY A 64 9.98 2.54 -8.29
C GLY A 64 11.27 2.63 -7.51
N ILE A 65 11.39 3.66 -6.68
CA ILE A 65 12.59 3.86 -5.87
C ILE A 65 13.06 2.55 -5.27
N TYR A 66 12.13 1.70 -4.90
CA TYR A 66 12.45 0.40 -4.31
C TYR A 66 12.76 -0.63 -5.39
N GLY A 67 11.90 -0.68 -6.41
CA GLY A 67 12.09 -1.62 -7.49
C GLY A 67 10.97 -2.64 -7.58
N ILE A 68 9.80 -2.28 -7.06
CA ILE A 68 8.65 -3.18 -7.08
C ILE A 68 8.21 -3.49 -8.51
N GLN A 69 7.91 -4.75 -8.77
CA GLN A 69 7.48 -5.18 -10.09
C GLN A 69 6.02 -5.61 -10.08
N ASP A 70 5.37 -5.52 -11.24
CA ASP A 70 3.97 -5.89 -11.36
C ASP A 70 3.73 -7.31 -10.87
N SER A 71 2.54 -7.57 -10.35
CA SER A 71 2.20 -8.89 -9.84
C SER A 71 3.00 -9.22 -8.59
N ASP A 72 3.25 -8.21 -7.77
CA ASP A 72 4.01 -8.39 -6.53
C ASP A 72 3.08 -8.60 -5.35
N THR A 73 3.65 -9.05 -4.23
CA THR A 73 2.87 -9.28 -3.03
C THR A 73 3.32 -8.38 -1.88
N LEU A 74 2.44 -7.47 -1.47
CA LEU A 74 2.75 -6.55 -0.38
C LEU A 74 2.01 -6.94 0.90
N ILE A 75 2.77 -7.16 1.96
CA ILE A 75 2.18 -7.53 3.25
C ILE A 75 1.63 -6.31 3.98
N LEU A 76 0.35 -6.37 4.32
CA LEU A 76 -0.29 -5.26 5.03
C LEU A 76 -0.57 -5.63 6.48
N SER A 77 -0.13 -4.78 7.40
CA SER A 77 -0.33 -5.02 8.82
C SER A 77 -0.53 -3.70 9.57
N LYS A 78 -1.26 -3.76 10.68
CA LYS A 78 -1.53 -2.59 11.48
C LYS A 78 -0.38 -2.31 12.45
N LYS A 79 -0.16 -1.04 12.74
CA LYS A 79 0.91 -0.63 13.64
C LYS A 79 0.57 -0.98 15.08
N LYS A 80 1.59 -1.18 15.91
CA LYS A 80 1.39 -1.51 17.32
C LYS A 80 1.71 -0.32 18.21
N GLY A 81 0.66 0.36 18.67
CA GLY A 81 0.85 1.51 19.53
C GLY A 81 -0.43 1.92 20.25
N SER A 82 -0.83 1.11 21.22
CA SER A 82 -2.04 1.38 21.99
C SER A 82 -2.02 2.79 22.55
N GLY A 83 -3.13 3.51 22.39
CA GLY A 83 -3.22 4.87 22.89
C GLY A 83 -4.61 5.46 22.73
N PRO A 84 -5.01 6.30 23.69
CA PRO A 84 -6.32 6.95 23.67
C PRO A 84 -6.44 8.00 22.55
N SER A 85 -5.32 8.64 22.24
CA SER A 85 -5.30 9.66 21.19
C SER A 85 -4.76 9.10 19.89
N SER A 86 -5.16 9.70 18.78
CA SER A 86 -4.72 9.26 17.47
C SER A 86 -4.51 10.45 16.52
N GLY A 87 -3.70 10.24 15.49
CA GLY A 87 -3.43 11.30 14.53
C GLY A 87 -4.65 11.64 13.69
N GLY A 1 -17.19 1.74 -10.96
CA GLY A 1 -16.90 1.44 -12.35
C GLY A 1 -15.47 1.78 -12.73
N SER A 2 -14.71 0.76 -13.13
CA SER A 2 -13.32 0.96 -13.52
C SER A 2 -13.10 0.56 -14.98
N SER A 3 -13.26 1.52 -15.88
CA SER A 3 -13.07 1.27 -17.31
C SER A 3 -11.60 1.15 -17.66
N GLY A 4 -11.18 -0.06 -18.02
CA GLY A 4 -9.79 -0.29 -18.38
C GLY A 4 -8.89 -0.32 -17.17
N SER A 5 -7.59 -0.13 -17.40
CA SER A 5 -6.62 -0.13 -16.32
C SER A 5 -5.49 0.88 -16.58
N SER A 6 -4.73 1.18 -15.55
CA SER A 6 -3.63 2.14 -15.66
C SER A 6 -2.61 1.92 -14.56
N GLY A 7 -1.33 1.85 -14.95
CA GLY A 7 -0.27 1.64 -13.98
C GLY A 7 0.04 0.18 -13.77
N ILE A 8 0.50 -0.16 -12.58
CA ILE A 8 0.85 -1.55 -12.24
C ILE A 8 -0.15 -2.14 -11.27
N GLN A 9 -0.32 -3.45 -11.33
CA GLN A 9 -1.25 -4.14 -10.44
C GLN A 9 -0.50 -4.88 -9.34
N VAL A 10 -0.72 -4.46 -8.10
CA VAL A 10 -0.06 -5.07 -6.95
C VAL A 10 -1.05 -5.89 -6.12
N PHE A 11 -0.52 -6.78 -5.30
CA PHE A 11 -1.36 -7.64 -4.45
C PHE A 11 -1.17 -7.30 -2.98
N VAL A 12 -2.17 -6.65 -2.39
CA VAL A 12 -2.12 -6.27 -0.99
C VAL A 12 -2.62 -7.40 -0.09
N LYS A 13 -1.70 -7.99 0.68
CA LYS A 13 -2.05 -9.08 1.58
C LYS A 13 -2.49 -8.55 2.93
N ASN A 14 -3.80 -8.51 3.16
CA ASN A 14 -4.34 -8.01 4.42
C ASN A 14 -3.97 -8.95 5.57
N PRO A 15 -3.89 -8.39 6.79
CA PRO A 15 -3.55 -9.15 7.99
C PRO A 15 -4.66 -10.10 8.41
N ASP A 16 -5.78 -10.04 7.69
CA ASP A 16 -6.93 -10.90 7.99
C ASP A 16 -6.74 -12.28 7.38
N GLY A 17 -6.58 -12.32 6.05
CA GLY A 17 -6.40 -13.59 5.36
C GLY A 17 -6.87 -13.53 3.92
N GLY A 18 -6.22 -12.70 3.12
CA GLY A 18 -6.59 -12.58 1.72
C GLY A 18 -5.61 -11.74 0.93
N SER A 19 -6.01 -11.30 -0.26
CA SER A 19 -5.15 -10.49 -1.12
C SER A 19 -5.98 -9.81 -2.21
N TYR A 20 -5.92 -8.48 -2.24
CA TYR A 20 -6.65 -7.71 -3.23
C TYR A 20 -5.72 -7.19 -4.31
N ALA A 21 -6.31 -6.68 -5.40
CA ALA A 21 -5.53 -6.15 -6.51
C ALA A 21 -5.81 -4.67 -6.73
N TYR A 22 -4.83 -3.84 -6.42
CA TYR A 22 -4.98 -2.40 -6.58
C TYR A 22 -4.27 -1.92 -7.84
N ALA A 23 -4.85 -0.90 -8.49
CA ALA A 23 -4.28 -0.34 -9.70
C ALA A 23 -3.75 1.07 -9.47
N ILE A 24 -2.43 1.22 -9.56
CA ILE A 24 -1.80 2.52 -9.36
C ILE A 24 -0.50 2.64 -10.15
N ASN A 25 -0.21 3.84 -10.63
CA ASN A 25 1.01 4.08 -11.40
C ASN A 25 2.25 4.00 -10.51
N PRO A 26 3.32 3.40 -11.05
CA PRO A 26 4.58 3.24 -10.33
C PRO A 26 5.30 4.57 -10.12
N ASN A 27 4.97 5.55 -10.95
CA ASN A 27 5.58 6.87 -10.84
C ASN A 27 5.10 7.62 -9.60
N SER A 28 3.83 7.39 -9.26
CA SER A 28 3.24 8.04 -8.09
C SER A 28 3.96 7.62 -6.81
N PHE A 29 3.59 8.25 -5.70
CA PHE A 29 4.20 7.94 -4.42
C PHE A 29 3.47 6.79 -3.73
N ILE A 30 4.15 6.13 -2.79
CA ILE A 30 3.57 5.01 -2.07
C ILE A 30 2.27 5.42 -1.38
N LEU A 31 2.25 6.65 -0.87
CA LEU A 31 1.06 7.16 -0.18
C LEU A 31 -0.18 6.96 -1.02
N GLY A 32 -0.11 7.32 -2.29
CA GLY A 32 -1.24 7.16 -3.19
C GLY A 32 -1.87 5.79 -3.10
N LEU A 33 -1.03 4.75 -3.10
CA LEU A 33 -1.51 3.38 -3.01
C LEU A 33 -2.30 3.15 -1.73
N LYS A 34 -1.71 3.54 -0.60
CA LYS A 34 -2.36 3.39 0.69
C LYS A 34 -3.76 3.99 0.68
N GLN A 35 -3.84 5.27 0.31
CA GLN A 35 -5.11 5.98 0.25
C GLN A 35 -6.20 5.07 -0.33
N GLN A 36 -5.87 4.39 -1.42
CA GLN A 36 -6.82 3.50 -2.08
C GLN A 36 -7.29 2.40 -1.12
N ILE A 37 -6.34 1.83 -0.37
CA ILE A 37 -6.65 0.78 0.58
C ILE A 37 -7.55 1.29 1.70
N GLU A 38 -7.38 2.56 2.07
CA GLU A 38 -8.18 3.16 3.12
C GLU A 38 -9.57 3.50 2.61
N ASP A 39 -9.64 4.21 1.50
CA ASP A 39 -10.93 4.60 0.91
C ASP A 39 -11.71 3.37 0.47
N GLN A 40 -11.03 2.22 0.42
CA GLN A 40 -11.66 0.98 0.01
C GLN A 40 -12.01 0.11 1.22
N GLN A 41 -10.99 -0.29 1.96
CA GLN A 41 -11.18 -1.12 3.14
C GLN A 41 -11.62 -0.28 4.33
N GLY A 42 -11.20 0.99 4.34
CA GLY A 42 -11.56 1.88 5.43
C GLY A 42 -10.41 2.14 6.38
N LEU A 43 -9.55 1.14 6.55
CA LEU A 43 -8.39 1.27 7.43
C LEU A 43 -7.55 2.49 7.06
N PRO A 44 -7.12 3.24 8.08
CA PRO A 44 -6.30 4.44 7.89
C PRO A 44 -4.89 4.11 7.40
N LYS A 45 -4.22 5.12 6.85
CA LYS A 45 -2.86 4.94 6.33
C LYS A 45 -1.85 4.87 7.47
N LYS A 46 -1.91 5.85 8.37
CA LYS A 46 -1.00 5.89 9.50
C LYS A 46 -0.83 4.51 10.12
N GLN A 47 -1.91 3.73 10.13
CA GLN A 47 -1.86 2.38 10.69
C GLN A 47 -1.32 1.38 9.66
N GLN A 48 -2.03 1.23 8.55
CA GLN A 48 -1.63 0.31 7.50
C GLN A 48 -0.16 0.52 7.14
N GLN A 49 0.65 -0.52 7.34
CA GLN A 49 2.07 -0.45 7.04
C GLN A 49 2.48 -1.56 6.09
N LEU A 50 2.87 -1.18 4.87
CA LEU A 50 3.28 -2.17 3.87
C LEU A 50 4.79 -2.40 3.93
N GLU A 51 5.19 -3.66 3.88
CA GLU A 51 6.60 -4.03 3.92
C GLU A 51 6.99 -4.83 2.69
N PHE A 52 8.27 -4.75 2.32
CA PHE A 52 8.78 -5.47 1.16
C PHE A 52 10.13 -6.12 1.47
N GLN A 53 10.12 -7.44 1.57
CA GLN A 53 11.35 -8.18 1.87
C GLN A 53 12.09 -7.55 3.04
N GLY A 54 11.34 -7.06 4.02
CA GLY A 54 11.95 -6.44 5.18
C GLY A 54 12.30 -4.98 4.95
N GLN A 55 11.41 -4.28 4.26
CA GLN A 55 11.62 -2.87 3.97
C GLN A 55 10.37 -2.05 4.26
N VAL A 56 10.55 -0.91 4.91
CA VAL A 56 9.43 -0.03 5.25
C VAL A 56 9.15 0.96 4.13
N LEU A 57 8.05 0.74 3.41
CA LEU A 57 7.68 1.62 2.31
C LEU A 57 7.07 2.92 2.83
N GLN A 58 7.90 3.97 2.88
CA GLN A 58 7.45 5.26 3.36
C GLN A 58 6.43 5.88 2.40
N ASP A 59 5.70 6.87 2.88
CA ASP A 59 4.69 7.54 2.07
C ASP A 59 5.35 8.40 0.99
N TRP A 60 6.21 9.33 1.42
CA TRP A 60 6.89 10.22 0.50
C TRP A 60 7.62 9.42 -0.57
N LEU A 61 8.10 8.23 -0.21
CA LEU A 61 8.82 7.37 -1.15
C LEU A 61 7.91 6.95 -2.30
N GLY A 62 8.51 6.41 -3.35
CA GLY A 62 7.75 5.96 -4.49
C GLY A 62 7.79 4.46 -4.69
N LEU A 63 6.96 3.95 -5.60
CA LEU A 63 6.92 2.51 -5.86
C LEU A 63 8.19 2.05 -6.56
N GLY A 64 8.64 2.83 -7.54
CA GLY A 64 9.85 2.48 -8.27
C GLY A 64 11.08 2.49 -7.39
N ILE A 65 10.98 3.14 -6.23
CA ILE A 65 12.10 3.22 -5.31
C ILE A 65 12.56 1.82 -4.88
N TYR A 66 11.61 0.98 -4.53
CA TYR A 66 11.91 -0.38 -4.10
C TYR A 66 11.78 -1.35 -5.26
N GLY A 67 12.16 -0.90 -6.46
CA GLY A 67 12.07 -1.75 -7.63
C GLY A 67 10.78 -2.55 -7.68
N ILE A 68 9.69 -1.94 -7.21
CA ILE A 68 8.39 -2.60 -7.21
C ILE A 68 7.75 -2.56 -8.59
N GLN A 69 7.26 -3.71 -9.05
CA GLN A 69 6.62 -3.80 -10.35
C GLN A 69 5.35 -4.64 -10.26
N ASP A 70 4.54 -4.57 -11.32
CA ASP A 70 3.29 -5.33 -11.37
C ASP A 70 3.51 -6.77 -10.94
N SER A 71 2.43 -7.43 -10.54
CA SER A 71 2.50 -8.82 -10.10
C SER A 71 3.39 -8.95 -8.86
N ASP A 72 3.27 -7.98 -7.96
CA ASP A 72 4.05 -7.98 -6.73
C ASP A 72 3.16 -8.23 -5.51
N THR A 73 3.79 -8.56 -4.39
CA THR A 73 3.05 -8.83 -3.16
C THR A 73 3.47 -7.87 -2.05
N LEU A 74 2.48 -7.36 -1.32
CA LEU A 74 2.75 -6.42 -0.23
C LEU A 74 2.12 -6.92 1.07
N ILE A 75 2.92 -6.97 2.13
CA ILE A 75 2.45 -7.42 3.42
C ILE A 75 1.79 -6.28 4.20
N LEU A 76 0.55 -6.50 4.62
CA LEU A 76 -0.18 -5.49 5.38
C LEU A 76 -0.32 -5.90 6.84
N SER A 77 0.14 -5.03 7.74
CA SER A 77 0.07 -5.30 9.17
C SER A 77 -0.27 -4.03 9.95
N LYS A 78 -1.24 -4.14 10.85
CA LYS A 78 -1.66 -3.00 11.65
C LYS A 78 -0.62 -2.66 12.71
N LYS A 79 -0.42 -1.38 12.95
CA LYS A 79 0.56 -0.93 13.95
C LYS A 79 0.19 -1.44 15.33
N LYS A 80 1.20 -1.82 16.11
CA LYS A 80 0.99 -2.33 17.45
C LYS A 80 0.47 -1.23 18.38
N GLY A 81 1.13 -0.07 18.34
CA GLY A 81 0.73 1.04 19.17
C GLY A 81 0.95 2.38 18.49
N SER A 82 0.18 3.39 18.91
CA SER A 82 0.28 4.71 18.33
C SER A 82 1.50 5.45 18.88
N GLY A 83 1.59 5.50 20.22
CA GLY A 83 2.69 6.18 20.86
C GLY A 83 2.90 5.73 22.30
N PRO A 84 4.17 5.70 22.74
CA PRO A 84 4.52 5.29 24.09
C PRO A 84 4.06 6.29 25.15
N SER A 85 2.96 5.98 25.81
CA SER A 85 2.41 6.87 26.84
C SER A 85 2.65 8.33 26.49
N SER A 86 2.38 8.68 25.23
CA SER A 86 2.56 10.05 24.77
C SER A 86 1.36 10.92 25.11
N GLY A 87 0.17 10.42 24.79
CA GLY A 87 -1.04 11.17 25.08
C GLY A 87 -2.18 10.26 25.50
N GLY A 1 -4.04 12.21 -21.65
CA GLY A 1 -5.34 11.78 -22.12
C GLY A 1 -6.43 12.05 -21.10
N SER A 2 -7.49 11.25 -21.14
CA SER A 2 -8.61 11.41 -20.23
C SER A 2 -8.66 10.26 -19.23
N SER A 3 -8.83 9.04 -19.74
CA SER A 3 -8.90 7.86 -18.89
C SER A 3 -7.51 7.44 -18.43
N GLY A 4 -6.59 7.28 -19.38
CA GLY A 4 -5.24 6.89 -19.05
C GLY A 4 -5.17 5.50 -18.45
N SER A 5 -5.15 4.48 -19.30
CA SER A 5 -5.09 3.09 -18.85
C SER A 5 -3.65 2.62 -18.75
N SER A 6 -3.05 2.80 -17.57
CA SER A 6 -1.67 2.38 -17.35
C SER A 6 -1.39 2.20 -15.86
N GLY A 7 -0.20 1.69 -15.55
CA GLY A 7 0.17 1.48 -14.15
C GLY A 7 0.51 0.03 -13.86
N ILE A 8 0.69 -0.28 -12.59
CA ILE A 8 1.03 -1.64 -12.17
C ILE A 8 -0.04 -2.20 -11.23
N GLN A 9 -0.17 -3.52 -11.23
CA GLN A 9 -1.16 -4.18 -10.39
C GLN A 9 -0.47 -4.90 -9.22
N VAL A 10 -0.78 -4.48 -8.00
CA VAL A 10 -0.21 -5.08 -6.81
C VAL A 10 -1.27 -5.78 -5.97
N PHE A 11 -0.87 -6.84 -5.28
CA PHE A 11 -1.79 -7.59 -4.43
C PHE A 11 -1.56 -7.27 -2.95
N VAL A 12 -2.54 -6.61 -2.34
CA VAL A 12 -2.45 -6.24 -0.94
C VAL A 12 -3.01 -7.34 -0.05
N LYS A 13 -2.12 -8.04 0.66
CA LYS A 13 -2.52 -9.12 1.55
C LYS A 13 -2.92 -8.57 2.91
N ASN A 14 -4.11 -8.94 3.36
CA ASN A 14 -4.62 -8.50 4.66
C ASN A 14 -4.28 -9.50 5.76
N PRO A 15 -4.07 -8.99 6.98
CA PRO A 15 -3.74 -9.82 8.13
C PRO A 15 -4.90 -10.69 8.59
N ASP A 16 -6.02 -10.59 7.86
CA ASP A 16 -7.21 -11.37 8.19
C ASP A 16 -7.34 -12.57 7.27
N GLY A 17 -6.96 -12.40 6.01
CA GLY A 17 -7.05 -13.48 5.05
C GLY A 17 -7.67 -13.04 3.72
N GLY A 18 -6.85 -12.93 2.69
CA GLY A 18 -7.34 -12.52 1.40
C GLY A 18 -6.56 -11.35 0.82
N SER A 19 -6.24 -11.42 -0.46
CA SER A 19 -5.49 -10.36 -1.13
C SER A 19 -6.32 -9.71 -2.23
N TYR A 20 -6.21 -8.40 -2.36
CA TYR A 20 -6.95 -7.66 -3.38
C TYR A 20 -6.01 -7.08 -4.42
N ALA A 21 -6.51 -6.96 -5.65
CA ALA A 21 -5.70 -6.42 -6.75
C ALA A 21 -5.96 -4.92 -6.92
N TYR A 22 -4.96 -4.12 -6.57
CA TYR A 22 -5.07 -2.67 -6.68
C TYR A 22 -4.39 -2.16 -7.94
N ALA A 23 -4.73 -0.95 -8.35
CA ALA A 23 -4.14 -0.34 -9.54
C ALA A 23 -3.55 1.03 -9.22
N ILE A 24 -2.28 1.20 -9.56
CA ILE A 24 -1.59 2.47 -9.32
C ILE A 24 -0.34 2.59 -10.19
N ASN A 25 -0.02 3.82 -10.58
CA ASN A 25 1.14 4.07 -11.41
C ASN A 25 2.43 4.04 -10.59
N PRO A 26 3.51 3.52 -11.18
CA PRO A 26 4.81 3.42 -10.52
C PRO A 26 5.46 4.78 -10.30
N ASN A 27 5.03 5.76 -11.09
CA ASN A 27 5.58 7.11 -10.97
C ASN A 27 5.03 7.82 -9.74
N SER A 28 3.82 7.46 -9.34
CA SER A 28 3.18 8.05 -8.18
C SER A 28 3.83 7.58 -6.89
N PHE A 29 3.78 8.43 -5.86
CA PHE A 29 4.37 8.10 -4.57
C PHE A 29 3.83 6.77 -4.04
N ILE A 30 4.39 6.31 -2.93
CA ILE A 30 3.97 5.06 -2.32
C ILE A 30 2.65 5.23 -1.58
N LEU A 31 2.50 6.36 -0.90
CA LEU A 31 1.29 6.66 -0.15
C LEU A 31 0.05 6.44 -1.01
N GLY A 32 0.08 6.97 -2.22
CA GLY A 32 -1.05 6.82 -3.13
C GLY A 32 -1.62 5.41 -3.10
N LEU A 33 -0.77 4.44 -2.79
CA LEU A 33 -1.20 3.04 -2.75
C LEU A 33 -2.08 2.78 -1.53
N LYS A 34 -1.68 3.32 -0.39
CA LYS A 34 -2.44 3.15 0.85
C LYS A 34 -3.80 3.83 0.74
N GLN A 35 -3.80 5.07 0.28
CA GLN A 35 -5.04 5.83 0.13
C GLN A 35 -6.14 4.97 -0.46
N GLN A 36 -5.76 4.08 -1.38
CA GLN A 36 -6.72 3.19 -2.02
C GLN A 36 -7.17 2.09 -1.06
N ILE A 37 -6.27 1.66 -0.20
CA ILE A 37 -6.58 0.61 0.77
C ILE A 37 -7.43 1.15 1.92
N GLU A 38 -7.20 2.41 2.26
CA GLU A 38 -7.96 3.05 3.34
C GLU A 38 -9.38 3.38 2.90
N ASP A 39 -9.50 3.96 1.71
CA ASP A 39 -10.80 4.33 1.16
C ASP A 39 -11.63 3.09 0.84
N GLN A 40 -10.94 1.96 0.65
CA GLN A 40 -11.60 0.71 0.33
C GLN A 40 -11.90 -0.09 1.60
N GLN A 41 -10.84 -0.44 2.33
CA GLN A 41 -10.98 -1.19 3.57
C GLN A 41 -11.49 -0.30 4.70
N GLY A 42 -11.09 0.96 4.67
CA GLY A 42 -11.51 1.89 5.70
C GLY A 42 -10.42 2.17 6.72
N LEU A 43 -9.43 1.28 6.78
CA LEU A 43 -8.33 1.43 7.72
C LEU A 43 -7.50 2.67 7.39
N PRO A 44 -7.12 3.42 8.44
CA PRO A 44 -6.32 4.64 8.29
C PRO A 44 -4.90 4.35 7.85
N LYS A 45 -4.26 5.34 7.24
CA LYS A 45 -2.88 5.19 6.77
C LYS A 45 -1.91 5.20 7.95
N LYS A 46 -2.33 5.80 9.05
CA LYS A 46 -1.50 5.87 10.25
C LYS A 46 -1.45 4.53 10.97
N GLN A 47 -2.07 3.52 10.36
CA GLN A 47 -2.10 2.19 10.94
C GLN A 47 -1.63 1.13 9.93
N GLN A 48 -2.02 1.32 8.67
CA GLN A 48 -1.64 0.39 7.62
C GLN A 48 -0.20 0.61 7.19
N GLN A 49 0.63 -0.40 7.37
CA GLN A 49 2.04 -0.32 7.01
C GLN A 49 2.44 -1.47 6.10
N LEU A 50 2.73 -1.15 4.84
CA LEU A 50 3.12 -2.16 3.86
C LEU A 50 4.63 -2.35 3.85
N GLU A 51 5.07 -3.60 3.85
CA GLU A 51 6.50 -3.92 3.84
C GLU A 51 6.86 -4.75 2.62
N PHE A 52 8.00 -4.45 2.01
CA PHE A 52 8.46 -5.17 0.84
C PHE A 52 9.86 -5.75 1.06
N GLN A 53 10.00 -7.05 0.83
CA GLN A 53 11.29 -7.72 1.01
C GLN A 53 11.86 -7.44 2.40
N GLY A 54 10.97 -7.18 3.35
CA GLY A 54 11.39 -6.92 4.72
C GLY A 54 11.87 -5.49 4.90
N GLN A 55 11.21 -4.56 4.23
CA GLN A 55 11.58 -3.15 4.32
C GLN A 55 10.35 -2.27 4.49
N VAL A 56 10.43 -1.30 5.38
CA VAL A 56 9.33 -0.39 5.65
C VAL A 56 9.27 0.73 4.61
N LEU A 57 8.28 0.66 3.74
CA LEU A 57 8.11 1.67 2.69
C LEU A 57 7.57 2.97 3.27
N GLN A 58 7.95 4.09 2.66
CA GLN A 58 7.51 5.40 3.12
C GLN A 58 6.26 5.84 2.36
N ASP A 59 5.80 7.06 2.65
CA ASP A 59 4.61 7.60 2.00
C ASP A 59 5.00 8.60 0.91
N TRP A 60 6.12 9.28 1.11
CA TRP A 60 6.61 10.27 0.16
C TRP A 60 7.40 9.60 -0.96
N LEU A 61 8.13 8.54 -0.61
CA LEU A 61 8.94 7.82 -1.59
C LEU A 61 8.07 7.30 -2.73
N GLY A 62 8.73 6.82 -3.78
CA GLY A 62 8.01 6.30 -4.92
C GLY A 62 8.08 4.78 -5.01
N LEU A 63 7.34 4.21 -5.95
CA LEU A 63 7.32 2.76 -6.14
C LEU A 63 8.61 2.28 -6.81
N GLY A 64 9.11 3.08 -7.75
CA GLY A 64 10.32 2.72 -8.45
C GLY A 64 11.57 2.97 -7.62
N ILE A 65 11.47 3.88 -6.67
CA ILE A 65 12.60 4.21 -5.82
C ILE A 65 13.11 2.97 -5.09
N TYR A 66 12.19 2.20 -4.51
CA TYR A 66 12.54 0.99 -3.79
C TYR A 66 12.89 -0.14 -4.75
N GLY A 67 12.04 -0.33 -5.76
CA GLY A 67 12.27 -1.37 -6.74
C GLY A 67 11.09 -2.34 -6.83
N ILE A 68 9.91 -1.85 -6.51
CA ILE A 68 8.71 -2.68 -6.57
C ILE A 68 8.33 -3.02 -8.01
N GLN A 69 7.62 -4.14 -8.18
CA GLN A 69 7.20 -4.57 -9.51
C GLN A 69 5.71 -4.88 -9.54
N ASP A 70 5.20 -5.22 -10.71
CA ASP A 70 3.79 -5.54 -10.87
C ASP A 70 3.49 -6.96 -10.40
N SER A 71 2.22 -7.34 -10.42
CA SER A 71 1.81 -8.66 -9.99
C SER A 71 2.56 -9.09 -8.74
N ASP A 72 3.02 -8.11 -7.96
CA ASP A 72 3.76 -8.39 -6.74
C ASP A 72 2.81 -8.54 -5.56
N THR A 73 3.34 -9.06 -4.46
CA THR A 73 2.53 -9.27 -3.25
C THR A 73 3.03 -8.38 -2.11
N LEU A 74 2.12 -7.57 -1.57
CA LEU A 74 2.46 -6.68 -0.46
C LEU A 74 1.78 -7.11 0.83
N ILE A 75 2.51 -7.05 1.93
CA ILE A 75 1.98 -7.44 3.22
C ILE A 75 1.36 -6.24 3.95
N LEU A 76 0.28 -6.49 4.68
CA LEU A 76 -0.41 -5.44 5.41
C LEU A 76 -0.36 -5.70 6.92
N SER A 77 -0.03 -4.68 7.69
CA SER A 77 0.04 -4.80 9.14
C SER A 77 -0.42 -3.51 9.82
N LYS A 78 -1.20 -3.67 10.89
CA LYS A 78 -1.71 -2.53 11.64
C LYS A 78 -0.69 -2.05 12.66
N LYS A 79 -0.70 -0.75 12.94
CA LYS A 79 0.22 -0.15 13.90
C LYS A 79 -0.30 -0.33 15.33
N LYS A 80 0.51 -0.94 16.17
CA LYS A 80 0.14 -1.16 17.57
C LYS A 80 -0.47 0.10 18.18
N GLY A 81 -1.69 -0.01 18.69
CA GLY A 81 -2.34 1.13 19.30
C GLY A 81 -2.19 2.40 18.47
N SER A 82 -1.78 3.48 19.13
CA SER A 82 -1.59 4.75 18.45
C SER A 82 -2.65 4.96 17.37
N GLY A 83 -3.90 4.63 17.70
CA GLY A 83 -4.98 4.78 16.74
C GLY A 83 -5.39 6.23 16.55
N PRO A 84 -6.36 6.69 17.36
CA PRO A 84 -6.85 8.06 17.30
C PRO A 84 -5.83 9.08 17.79
N SER A 85 -6.08 10.35 17.48
CA SER A 85 -5.17 11.42 17.90
C SER A 85 -5.93 12.71 18.13
N SER A 86 -5.42 13.53 19.04
CA SER A 86 -6.06 14.80 19.37
C SER A 86 -5.01 15.88 19.62
N GLY A 87 -5.31 17.11 19.17
CA GLY A 87 -4.39 18.21 19.35
C GLY A 87 -5.07 19.56 19.26
#